data_6KLC
#
_entry.id   6KLC
#
_cell.length_a   1.00
_cell.length_b   1.00
_cell.length_c   1.00
_cell.angle_alpha   90.00
_cell.angle_beta   90.00
_cell.angle_gamma   90.00
#
_symmetry.space_group_name_H-M   'P 1'
#
loop_
_entity.id
_entity.type
_entity.pdbx_description
1 polymer 'RNA-directed RNA polymerase L'
2 non-polymer 'MANGANESE (II) ION'
#
_entity_poly.entity_id   1
_entity_poly.type   'polypeptide(L)'
_entity_poly.pdbx_seq_one_letter_code
;MEEDIACVKDLVSKYLANNERLSRQKLAFLVQTEPRMLLMEGLKLLSLCIEVDSCNANGCEHNSEDKSVERILHDHGVLT
PSLCFVVPDGYKLTGNVLILLECFVRSSPANFEQKYVEDFKKLEQLKEDLKSVDINLIPLIDGRTSFYNEQIPDWVNDKL
RDTLFSLLKYAQESNSLFEESEYSRLCESLSMTSGRLSGVESLNALLDNRSNHYEEVIASCHQGINNKLTAHEVKLQIEE
EYQVFRNRLRKGEIEGQFLKVEKNQLLNEFNNLYADKVAEKDSVEHLTHQFKRASPILRFLYANISKGDNGEGNLIIGEC
QMQCWRSFLNKVKSMRILNTRRKLLLIFDALILLASKHDQVRKKPLRGWLGTCFVSVNDRLVSLESTKKDLKKWVERRQQ
VERSRTMQSFQCPSKNQILNSIFQKTISKATTALRDVGISVDHYKIDMEVICPDGYDLIMDFDVSGVTPTISYQRSEEEA
FPYIMGDVDLLKTTDLERLSSLSLALVNSMKTSSTVKLRQNEFGPARYQVVKCKEAYCQEFSLGETEFQLIYQKTGECSK
CYAINDNRVGEVCSFYADPKRYFPAIFSAEVLQTTVSTMISWIEDCNELEEQLDKIRSLTKMILILILAHPSKRSQKLLQ
NLRYFIMAYVSDYYHKDLIDKVREELITDVEFLLYRLLRTLMGLVLSEDVKSMMTNRFKFILNISYMCHFITKETPDRLT
DQIKCFEKFLEPKVKFGHVSINPADTATEEELDDMVYNAKKFLSKGGCTSAKGPSYKKPGVSKKYLSLLTSSFNNGSLFK
EREVKKEIKDPLITSGCATALDLASNKSVVVNKYTDGSRVLNYDFNKLTALAVSQLTEVFSRKGKHLLNKQDYEYKVQQA
MSNLVLGSKQHKGDADEADLDEILLDGGASTYFNQLKETVEKIVDQYREPVKMGSGSNDGDQPSINDLDEIVSNKFYIRL
IKGELSNHMVEDFDHDVLPDKFYEEFCDAVYENSKLKEKYFYCGHMSQCPIGELTKAVSTRTYLDHEYFQCFKSILLIMN
ANALMGKYTHYKSRNLNFKFDMGKLSDDARISERESNSEALSKALSLTNCTTAMLKNLCFYSQESPQSYNSVGPDTGRLK
FSLSYKEQVGGNRELYIGDLRTKMFTRLIEDYFEALSSQLSGSCLNNEKEFENAILSMKLNVSMAHVSYSMDHSKWGPMM
CPFLFLTVLQNLIFLSKDLQADIKGRDYLSTLLMWHMHKMVEIPFNVVSAMMKSFIKAQLGLRKKTKQSITEDFFYSNFQ
IGVVPSHISSILDMGQGILHNTSDFYALITERFINYAISCVCGGTIDAYTSSDDQISLFDQTLTELLHRDPEEFRALMEF
HYYMSDQLNKFVSPKSVIGRFVAEFKSRFFVWGDEVPLLTKFVAAALHNIKCKEPHQLAETIDTIVDQSVANGVPVHLCN
LIQIRTLSLLQYARYPIDPFLLNCETDVRDWVDGNRSYRIMRQIEGLIPDACSKIRSMLRRLYNRLKTGQLHEEFTTNYL
SSEHLSSLKNLCELLGVEPPSESDLEYSWLNLAAHHPLRMVLRQKIIYSGAVNLDDEKIPTIVKTIQNKLSSTFTRGAQK
LLSEAINKSAFQSSIASGFVGLCRTLGSKCVRGPNKENLYIKSIQSLITGTQGIELLTNSIGVQYWRVPLGLRNKSESVV
SYFRPLLWDYMCISLSTAIELGAWVLGDPKTTKALDFFKHNPCDYFPLKPTASKLLEDRVGLNHIIHSLRRLYPSVFEKH
ILPFMSDLASTKMKWSPRIKFLDLCVALDVNCEALSLVSHIVKWKREEHYIVLSSELRFSHTRTHEPMVEERVVSTSDAV
DNFMRQIYFESYVRPFVATTRTLGSFTWFPHRTSIPEGEGLHRLGPFSSFVEKVIHKGVERPMFKHDLMMGYAWIDFDIE
PARFNQNQLIASGLVDSKFDSLEDFFDAVASLPTGSAKLSQTVRFRIKSQDASFRESFAIHLDYIGSMNQQAKYLVHDVT
AMYSGAVSPCVLSDCWRLVLSGPTFKGKPVWYVDTEVINEFLVDTNQLGHVTPVEVVVDMEKLQFAEYDFMLVGPCAEPV
PLVVRRGGLWECEKKLASFTPVIQDQDLEMFVREVGDTSSDLLIRALSDMITDRLGLRMQWSGVDIVSTLRAAAPGNAEV
LSAVLEVVDNWVEFKGYALCYSKSRGRVMVQSSSGKLRLKGRTCEELTEGGEHVEDIE
;
_entity_poly.pdbx_strand_id   A
#
# COMPACT_ATOMS: atom_id res chain seq x y z
N MET A 1 19.24 1.65 58.43
CA MET A 1 18.33 2.11 57.38
C MET A 1 18.68 3.53 56.93
N GLU A 2 18.99 4.39 57.90
CA GLU A 2 19.23 5.79 57.58
C GLU A 2 20.65 6.02 57.08
N GLU A 3 21.49 4.98 57.11
CA GLU A 3 22.85 5.11 56.60
C GLU A 3 22.86 5.25 55.08
N ASP A 4 22.14 4.37 54.38
CA ASP A 4 22.05 4.46 52.92
C ASP A 4 21.16 5.62 52.50
N ILE A 5 20.26 6.06 53.39
CA ILE A 5 19.49 7.28 53.14
C ILE A 5 20.41 8.50 53.19
N ALA A 6 21.35 8.50 54.12
CA ALA A 6 22.35 9.57 54.18
C ALA A 6 23.33 9.47 53.00
N CYS A 7 23.56 8.25 52.51
CA CYS A 7 24.43 8.08 51.36
C CYS A 7 23.76 8.57 50.07
N VAL A 8 22.44 8.39 49.97
CA VAL A 8 21.77 8.79 48.73
C VAL A 8 21.39 10.27 48.79
N LYS A 9 21.16 10.83 49.98
CA LYS A 9 21.01 12.27 50.09
C LYS A 9 22.36 12.96 49.93
N ASP A 10 23.44 12.26 50.27
CA ASP A 10 24.78 12.74 49.92
C ASP A 10 24.99 12.66 48.41
N LEU A 11 24.41 11.64 47.78
CA LEU A 11 24.57 11.45 46.33
C LEU A 11 23.84 12.54 45.55
N VAL A 12 22.62 12.87 45.99
CA VAL A 12 21.90 14.01 45.44
C VAL A 12 22.60 15.32 45.80
N SER A 13 23.23 15.36 46.99
CA SER A 13 23.93 16.56 47.42
C SER A 13 25.22 16.78 46.64
N LYS A 14 25.72 15.73 45.97
CA LYS A 14 26.93 15.89 45.16
C LYS A 14 26.59 16.08 43.69
N TYR A 15 25.81 15.17 43.10
CA TYR A 15 25.66 15.12 41.65
C TYR A 15 24.40 15.77 41.11
N LEU A 16 23.88 16.81 41.75
CA LEU A 16 22.72 17.51 41.21
C LEU A 16 23.16 18.82 40.55
N ALA A 17 22.60 19.10 39.37
CA ALA A 17 22.87 20.36 38.70
C ALA A 17 22.14 21.50 39.40
N ASN A 18 22.73 22.69 39.32
CA ASN A 18 22.21 23.87 40.02
C ASN A 18 21.00 24.43 39.27
N ASN A 19 19.82 24.15 39.83
CA ASN A 19 18.56 24.71 39.34
C ASN A 19 17.76 25.16 40.56
N GLU A 20 17.01 26.25 40.41
CA GLU A 20 16.28 26.81 41.54
C GLU A 20 15.06 25.99 41.88
N ARG A 21 14.26 25.61 40.87
CA ARG A 21 13.09 24.77 41.10
C ARG A 21 13.46 23.36 41.53
N LEU A 22 14.60 22.84 41.07
CA LEU A 22 15.14 21.60 41.60
C LEU A 22 15.77 21.76 42.97
N SER A 23 16.02 23.01 43.41
CA SER A 23 16.40 23.25 44.80
C SER A 23 15.16 23.43 45.67
N ARG A 24 14.01 23.71 45.05
CA ARG A 24 12.75 23.66 45.76
C ARG A 24 12.30 22.21 45.95
N GLN A 25 12.41 21.41 44.88
CA GLN A 25 12.18 19.97 44.99
C GLN A 25 13.23 19.30 45.87
N LYS A 26 14.47 19.83 45.87
CA LYS A 26 15.48 19.36 46.80
C LYS A 26 15.16 19.78 48.23
N LEU A 27 14.52 20.94 48.37
CA LEU A 27 14.16 21.44 49.71
C LEU A 27 13.03 20.61 50.32
N ALA A 28 12.05 20.21 49.50
CA ALA A 28 11.01 19.31 50.00
C ALA A 28 11.49 17.86 49.94
N PHE A 29 12.64 17.61 49.34
CA PHE A 29 13.14 16.25 49.17
C PHE A 29 14.00 15.81 50.34
N LEU A 30 14.93 16.68 50.78
CA LEU A 30 15.88 16.28 51.79
C LEU A 30 15.26 16.27 53.19
N VAL A 31 14.12 16.94 53.36
CA VAL A 31 13.46 16.96 54.67
C VAL A 31 12.58 15.76 54.92
N GLN A 32 12.56 14.79 54.01
CA GLN A 32 11.72 13.61 54.19
C GLN A 32 12.54 12.45 54.73
N THR A 33 11.99 11.77 55.75
CA THR A 33 12.61 10.58 56.30
C THR A 33 11.82 9.31 56.06
N GLU A 34 10.59 9.42 55.54
CA GLU A 34 9.78 8.26 55.21
C GLU A 34 10.20 7.70 53.85
N PRO A 35 10.31 6.38 53.73
CA PRO A 35 10.80 5.81 52.46
C PRO A 35 9.80 5.89 51.31
N ARG A 36 8.50 5.87 51.62
CA ARG A 36 7.50 6.06 50.57
C ARG A 36 7.45 7.51 50.13
N MET A 37 7.68 8.43 51.06
CA MET A 37 7.76 9.84 50.71
C MET A 37 9.07 10.14 49.99
N LEU A 38 10.14 9.41 50.33
CA LEU A 38 11.41 9.55 49.62
C LEU A 38 11.30 8.99 48.21
N LEU A 39 10.49 7.94 48.03
CA LEU A 39 10.26 7.37 46.71
C LEU A 39 9.37 8.29 45.88
N MET A 40 8.38 8.91 46.53
CA MET A 40 7.48 9.81 45.83
C MET A 40 8.19 11.10 45.40
N GLU A 41 8.99 11.67 46.30
CA GLU A 41 9.72 12.89 45.94
C GLU A 41 10.93 12.58 45.07
N GLY A 42 11.44 11.35 45.12
CA GLY A 42 12.55 10.99 44.26
C GLY A 42 12.12 10.72 42.82
N LEU A 43 11.06 9.93 42.65
CA LEU A 43 10.53 9.72 41.30
C LEU A 43 9.84 10.97 40.79
N LYS A 44 9.31 11.80 41.70
CA LYS A 44 8.78 13.10 41.30
C LYS A 44 9.91 14.04 40.89
N LEU A 45 11.09 13.86 41.49
CA LEU A 45 12.27 14.61 41.06
C LEU A 45 12.75 14.16 39.69
N LEU A 46 12.76 12.85 39.45
CA LEU A 46 13.24 12.33 38.18
C LEU A 46 12.29 12.68 37.03
N SER A 47 11.00 12.41 37.21
CA SER A 47 10.01 12.74 36.20
C SER A 47 9.84 14.25 36.07
N LEU A 48 10.12 14.98 37.16
CA LEU A 48 10.15 16.43 37.09
C LEU A 48 11.29 16.91 36.21
N CYS A 49 12.45 16.26 36.29
CA CYS A 49 13.56 16.61 35.40
C CYS A 49 13.27 16.18 33.97
N ILE A 50 12.47 15.12 33.79
CA ILE A 50 12.00 14.74 32.47
C ILE A 50 11.09 15.83 31.90
N GLU A 51 10.29 16.46 32.76
CA GLU A 51 9.46 17.57 32.31
C GLU A 51 10.31 18.83 32.08
N VAL A 52 11.45 18.94 32.78
CA VAL A 52 12.37 20.04 32.54
C VAL A 52 13.00 19.93 31.17
N ASP A 53 13.49 18.73 30.82
CA ASP A 53 14.13 18.55 29.52
C ASP A 53 13.09 18.52 28.40
N SER A 54 11.85 18.16 28.73
CA SER A 54 10.79 18.14 27.73
C SER A 54 10.32 19.55 27.41
N CYS A 55 10.01 20.34 28.45
CA CYS A 55 9.51 21.70 28.24
C CYS A 55 10.60 22.62 27.71
N ASN A 56 11.84 22.42 28.18
CA ASN A 56 12.94 23.24 27.68
C ASN A 56 13.41 22.76 26.32
N ALA A 57 13.21 21.48 26.01
CA ALA A 57 13.63 20.97 24.71
C ALA A 57 12.61 21.32 23.63
N ASN A 58 11.33 21.46 24.00
CA ASN A 58 10.28 21.77 23.04
C ASN A 58 9.77 23.20 23.17
N GLY A 59 10.35 23.99 24.08
CA GLY A 59 10.02 25.40 24.16
C GLY A 59 8.65 25.71 24.72
N CYS A 60 8.06 24.80 25.48
CA CYS A 60 6.73 25.03 26.03
C CYS A 60 6.82 25.45 27.50
N GLU A 61 5.84 26.25 27.91
CA GLU A 61 5.76 26.70 29.29
C GLU A 61 5.30 25.56 30.19
N HIS A 62 6.06 25.30 31.25
CA HIS A 62 5.84 24.13 32.10
C HIS A 62 4.57 24.29 32.93
N ASN A 63 3.75 23.24 32.95
CA ASN A 63 2.54 23.20 33.76
C ASN A 63 2.84 22.53 35.11
N SER A 64 3.13 23.37 36.11
CA SER A 64 3.51 22.84 37.41
C SER A 64 2.31 22.65 38.33
N GLU A 65 1.30 23.52 38.22
CA GLU A 65 0.14 23.47 39.11
C GLU A 65 -0.98 22.59 38.59
N ASP A 66 -0.69 21.71 37.62
CA ASP A 66 -1.63 20.77 37.01
C ASP A 66 -2.84 21.48 36.41
N LYS A 67 -2.57 22.56 35.68
CA LYS A 67 -3.63 23.33 35.06
C LYS A 67 -4.17 22.62 33.83
N SER A 68 -5.49 22.57 33.71
CA SER A 68 -6.13 21.95 32.57
C SER A 68 -6.10 22.88 31.37
N VAL A 69 -6.57 22.37 30.23
CA VAL A 69 -6.61 23.15 29.00
C VAL A 69 -7.62 24.28 29.11
N GLU A 70 -8.74 24.01 29.80
CA GLU A 70 -9.73 25.04 30.06
C GLU A 70 -9.20 26.08 31.05
N ARG A 71 -8.22 25.70 31.87
CA ARG A 71 -7.55 26.66 32.74
C ARG A 71 -6.56 27.51 31.96
N ILE A 72 -5.91 26.90 30.96
CA ILE A 72 -4.94 27.62 30.12
C ILE A 72 -5.66 28.66 29.27
N LEU A 73 -6.73 28.24 28.59
CA LEU A 73 -7.49 29.20 27.79
C LEU A 73 -8.36 30.10 28.67
N HIS A 74 -8.65 29.66 29.89
CA HIS A 74 -9.42 30.50 30.81
C HIS A 74 -8.56 31.63 31.35
N ASP A 75 -7.25 31.39 31.51
CA ASP A 75 -6.37 32.46 31.98
C ASP A 75 -5.99 33.40 30.85
N HIS A 76 -6.13 32.96 29.59
CA HIS A 76 -5.86 33.81 28.43
C HIS A 76 -7.11 34.50 27.92
N GLY A 77 -8.25 34.32 28.58
CA GLY A 77 -9.48 34.97 28.17
C GLY A 77 -10.22 34.31 27.04
N VAL A 78 -9.88 33.07 26.69
CA VAL A 78 -10.56 32.33 25.65
C VAL A 78 -11.62 31.46 26.30
N LEU A 79 -12.89 31.81 26.09
CA LEU A 79 -14.00 31.12 26.71
C LEU A 79 -14.31 29.81 25.99
N THR A 80 -14.20 28.72 26.73
CA THR A 80 -14.50 27.38 26.25
C THR A 80 -15.58 26.76 27.11
N PRO A 81 -16.46 25.93 26.52
CA PRO A 81 -17.45 25.21 27.35
C PRO A 81 -16.83 24.04 28.12
N SER A 82 -17.68 23.27 28.80
CA SER A 82 -17.21 22.17 29.63
C SER A 82 -16.73 21.02 28.73
N LEU A 83 -15.43 20.93 28.53
CA LEU A 83 -14.81 19.90 27.71
C LEU A 83 -14.15 18.86 28.60
N CYS A 84 -13.41 17.95 27.96
CA CYS A 84 -12.77 16.86 28.69
C CYS A 84 -11.61 17.39 29.54
N PHE A 85 -11.51 16.85 30.75
CA PHE A 85 -10.50 17.28 31.71
C PHE A 85 -9.15 16.63 31.39
N VAL A 86 -8.30 17.36 30.68
CA VAL A 86 -6.98 16.86 30.30
C VAL A 86 -5.92 17.80 30.85
N VAL A 87 -4.96 17.25 31.59
CA VAL A 87 -3.87 18.03 32.16
C VAL A 87 -2.61 17.84 31.32
N PRO A 88 -2.17 18.86 30.59
CA PRO A 88 -0.95 18.71 29.78
C PRO A 88 0.30 18.89 30.61
N ASP A 89 1.44 18.55 29.99
CA ASP A 89 2.73 18.76 30.64
C ASP A 89 3.29 20.15 30.35
N GLY A 90 3.22 20.59 29.11
CA GLY A 90 3.68 21.92 28.75
C GLY A 90 2.75 22.54 27.73
N TYR A 91 2.72 23.87 27.71
CA TYR A 91 1.82 24.58 26.81
C TYR A 91 2.53 25.81 26.24
N LYS A 92 2.01 26.26 25.09
CA LYS A 92 2.55 27.43 24.41
C LYS A 92 1.46 28.00 23.52
N LEU A 93 1.07 29.24 23.77
CA LEU A 93 0.04 29.92 23.00
C LEU A 93 0.66 31.02 22.16
N THR A 94 0.42 30.97 20.84
CA THR A 94 0.91 31.97 19.92
C THR A 94 -0.26 32.44 19.05
N GLY A 95 -0.87 33.55 19.43
CA GLY A 95 -2.02 34.07 18.72
C GLY A 95 -3.25 33.19 18.87
N ASN A 96 -3.78 32.72 17.74
CA ASN A 96 -4.89 31.78 17.73
C ASN A 96 -4.41 30.35 17.57
N VAL A 97 -3.11 30.10 17.77
CA VAL A 97 -2.52 28.77 17.63
C VAL A 97 -1.97 28.36 18.98
N LEU A 98 -2.54 27.30 19.54
CA LEU A 98 -2.11 26.74 20.82
C LEU A 98 -1.24 25.53 20.55
N ILE A 99 -0.21 25.34 21.37
CA ILE A 99 0.67 24.18 21.27
C ILE A 99 0.67 23.45 22.61
N LEU A 100 0.29 22.18 22.60
CA LEU A 100 0.24 21.37 23.81
C LEU A 100 1.34 20.30 23.77
N LEU A 101 1.90 20.02 24.95
CA LEU A 101 2.98 19.06 25.10
C LEU A 101 2.66 18.11 26.23
N GLU A 102 2.81 16.81 25.97
CA GLU A 102 2.65 15.77 26.97
C GLU A 102 3.79 14.77 26.84
N CYS A 103 4.42 14.44 27.97
CA CYS A 103 5.57 13.54 27.96
C CYS A 103 5.36 12.42 28.97
N PHE A 104 5.93 11.26 28.66
CA PHE A 104 5.85 10.10 29.54
C PHE A 104 7.04 9.18 29.25
N VAL A 105 7.30 8.28 30.19
CA VAL A 105 8.35 7.27 30.05
C VAL A 105 7.72 5.90 30.24
N ARG A 106 8.13 4.95 29.40
CA ARG A 106 7.66 3.56 29.46
C ARG A 106 8.85 2.64 29.22
N SER A 107 8.87 1.49 29.90
CA SER A 107 9.96 0.54 29.73
C SER A 107 9.63 -0.53 28.70
N SER A 108 8.37 -0.94 28.58
CA SER A 108 7.96 -1.97 27.64
C SER A 108 7.45 -1.32 26.36
N PRO A 109 7.61 -1.96 25.20
CA PRO A 109 7.14 -1.33 23.96
C PRO A 109 5.62 -1.27 23.85
N ALA A 110 4.92 -2.20 24.49
CA ALA A 110 3.46 -2.25 24.41
C ALA A 110 2.83 -1.10 25.18
N ASN A 111 3.39 -0.77 26.35
CA ASN A 111 2.89 0.38 27.09
C ASN A 111 3.35 1.69 26.46
N PHE A 112 4.47 1.65 25.74
CA PHE A 112 4.96 2.85 25.06
C PHE A 112 4.06 3.21 23.89
N GLU A 113 3.78 2.24 23.02
CA GLU A 113 2.85 2.49 21.91
C GLU A 113 1.42 2.68 22.43
N GLN A 114 1.08 2.03 23.54
CA GLN A 114 -0.26 2.14 24.12
C GLN A 114 -0.53 3.53 24.66
N LYS A 115 0.36 4.04 25.51
CA LYS A 115 0.21 5.40 26.01
C LYS A 115 0.46 6.41 24.90
N TYR A 116 1.23 6.03 23.89
CA TYR A 116 1.44 6.86 22.71
C TYR A 116 0.14 7.09 21.95
N VAL A 117 -0.66 6.04 21.75
CA VAL A 117 -1.89 6.21 20.97
C VAL A 117 -3.04 6.68 21.87
N GLU A 118 -2.94 6.45 23.18
CA GLU A 118 -3.95 7.00 24.09
C GLU A 118 -3.79 8.51 24.21
N ASP A 119 -2.55 8.98 24.44
CA ASP A 119 -2.30 10.41 24.49
C ASP A 119 -2.46 11.04 23.11
N PHE A 120 -2.20 10.27 22.04
CA PHE A 120 -2.45 10.74 20.69
C PHE A 120 -3.94 10.95 20.45
N LYS A 121 -4.76 10.03 20.95
CA LYS A 121 -6.20 10.15 20.78
C LYS A 121 -6.78 11.27 21.64
N LYS A 122 -6.20 11.48 22.82
CA LYS A 122 -6.65 12.59 23.67
C LYS A 122 -6.28 13.93 23.06
N LEU A 123 -5.09 14.02 22.45
CA LEU A 123 -4.69 15.28 21.83
C LEU A 123 -5.38 15.51 20.50
N GLU A 124 -5.86 14.44 19.85
CA GLU A 124 -6.73 14.63 18.69
C GLU A 124 -8.13 15.05 19.11
N GLN A 125 -8.58 14.59 20.29
CA GLN A 125 -9.85 15.05 20.85
C GLN A 125 -9.77 16.53 21.19
N LEU A 126 -8.66 16.96 21.79
CA LEU A 126 -8.45 18.37 22.06
C LEU A 126 -8.25 19.16 20.75
N LYS A 127 -7.70 18.49 19.74
CA LYS A 127 -7.49 19.12 18.44
C LYS A 127 -8.81 19.44 17.76
N GLU A 128 -9.75 18.50 17.79
CA GLU A 128 -11.02 18.73 17.12
C GLU A 128 -11.93 19.62 17.97
N ASP A 129 -11.84 19.49 19.30
CA ASP A 129 -12.66 20.34 20.17
C ASP A 129 -12.21 21.80 20.12
N LEU A 130 -10.91 22.06 20.29
CA LEU A 130 -10.42 23.43 20.17
C LEU A 130 -10.44 23.89 18.71
N LYS A 131 -10.44 22.96 17.76
CA LYS A 131 -10.74 23.32 16.38
C LYS A 131 -12.18 23.80 16.25
N SER A 132 -13.10 23.23 17.02
CA SER A 132 -14.46 23.75 17.07
C SER A 132 -14.59 25.03 17.88
N VAL A 133 -13.58 25.36 18.70
CA VAL A 133 -13.48 26.70 19.28
C VAL A 133 -12.46 27.54 18.49
N ASP A 134 -12.23 27.13 17.22
CA ASP A 134 -11.49 27.90 16.22
C ASP A 134 -10.03 28.13 16.60
N ILE A 135 -9.42 27.15 17.26
CA ILE A 135 -8.02 27.24 17.65
C ILE A 135 -7.26 26.10 16.99
N ASN A 136 -6.28 26.45 16.15
CA ASN A 136 -5.42 25.46 15.50
C ASN A 136 -4.45 24.91 16.54
N LEU A 137 -4.60 23.63 16.86
CA LEU A 137 -3.81 23.01 17.92
C LEU A 137 -2.68 22.19 17.33
N ILE A 138 -1.49 22.34 17.88
CA ILE A 138 -0.33 21.56 17.46
C ILE A 138 0.08 20.64 18.61
N PRO A 139 -0.29 19.36 18.57
CA PRO A 139 0.07 18.45 19.66
C PRO A 139 1.49 17.94 19.52
N LEU A 140 2.15 17.70 20.65
CA LEU A 140 3.50 17.14 20.69
C LEU A 140 3.58 16.11 21.81
N ILE A 141 4.11 14.93 21.49
CA ILE A 141 4.27 13.85 22.45
C ILE A 141 5.75 13.48 22.51
N ASP A 142 6.35 13.63 23.70
CA ASP A 142 7.76 13.31 23.91
C ASP A 142 7.81 12.05 24.77
N GLY A 143 7.74 10.89 24.12
CA GLY A 143 7.85 9.61 24.81
C GLY A 143 9.29 9.15 24.84
N ARG A 144 9.78 8.85 26.03
CA ARG A 144 11.17 8.47 26.22
C ARG A 144 11.27 7.03 26.72
N THR A 145 12.16 6.28 26.09
CA THR A 145 12.34 4.87 26.44
C THR A 145 13.18 4.66 27.69
N SER A 146 13.98 5.64 28.08
CA SER A 146 14.86 5.52 29.24
C SER A 146 14.50 6.58 30.28
N PHE A 147 15.10 6.44 31.46
CA PHE A 147 14.90 7.36 32.56
C PHE A 147 15.95 8.46 32.60
N TYR A 148 16.73 8.61 31.53
CA TYR A 148 17.82 9.57 31.52
C TYR A 148 17.30 10.99 31.31
N ASN A 149 18.18 11.96 31.50
CA ASN A 149 17.81 13.37 31.43
C ASN A 149 19.06 14.19 31.13
N GLU A 150 18.93 15.51 31.32
CA GLU A 150 20.06 16.42 31.25
C GLU A 150 20.46 16.93 32.63
N GLN A 151 20.14 16.20 33.69
CA GLN A 151 20.38 16.66 35.05
C GLN A 151 21.24 15.73 35.89
N ILE A 152 21.06 14.41 35.76
CA ILE A 152 21.81 13.45 36.59
C ILE A 152 22.57 12.51 35.66
N PRO A 153 23.80 12.15 36.05
CA PRO A 153 24.57 11.18 35.26
C PRO A 153 23.94 9.79 35.27
N ASP A 154 24.45 8.95 34.36
CA ASP A 154 23.82 7.66 34.10
C ASP A 154 24.04 6.67 35.25
N TRP A 155 25.30 6.53 35.70
CA TRP A 155 25.57 5.62 36.80
C TRP A 155 25.07 6.17 38.13
N VAL A 156 24.93 7.49 38.26
CA VAL A 156 24.35 8.08 39.46
C VAL A 156 22.84 7.82 39.48
N ASN A 157 22.19 7.87 38.32
CA ASN A 157 20.77 7.54 38.24
C ASN A 157 20.54 6.05 38.45
N ASP A 158 21.45 5.20 37.98
CA ASP A 158 21.35 3.77 38.23
C ASP A 158 21.59 3.46 39.70
N LYS A 159 22.46 4.22 40.36
CA LYS A 159 22.64 4.09 41.80
C LYS A 159 21.44 4.61 42.56
N LEU A 160 20.72 5.60 42.01
CA LEU A 160 19.50 6.10 42.64
C LEU A 160 18.37 5.09 42.54
N ARG A 161 18.19 4.49 41.34
CA ARG A 161 17.14 3.50 41.16
C ARG A 161 17.45 2.21 41.89
N ASP A 162 18.73 1.81 41.94
CA ASP A 162 19.12 0.65 42.73
C ASP A 162 19.12 0.94 44.22
N THR A 163 19.19 2.21 44.61
CA THR A 163 19.04 2.56 46.02
C THR A 163 17.57 2.51 46.45
N LEU A 164 16.67 3.04 45.61
CA LEU A 164 15.24 2.97 45.91
C LEU A 164 14.73 1.52 45.84
N PHE A 165 15.18 0.76 44.84
CA PHE A 165 14.89 -0.67 44.80
C PHE A 165 15.56 -1.43 45.92
N SER A 166 16.69 -0.94 46.42
CA SER A 166 17.29 -1.49 47.63
C SER A 166 16.55 -1.07 48.90
N LEU A 167 15.67 -0.06 48.81
CA LEU A 167 14.75 0.25 49.89
C LEU A 167 13.44 -0.51 49.78
N LEU A 168 13.11 -1.00 48.58
CA LEU A 168 11.88 -1.78 48.41
C LEU A 168 12.01 -3.21 48.92
N LYS A 169 13.19 -3.65 49.33
CA LYS A 169 13.37 -5.03 49.78
C LYS A 169 12.79 -5.29 51.15
N TYR A 170 12.51 -4.24 51.93
CA TYR A 170 11.99 -4.42 53.27
C TYR A 170 10.51 -4.77 53.23
N ALA A 171 10.08 -5.55 54.23
CA ALA A 171 8.74 -6.13 54.20
C ALA A 171 7.69 -5.20 54.80
N GLN A 172 8.10 -4.30 55.69
CA GLN A 172 7.15 -3.43 56.38
C GLN A 172 6.56 -2.37 55.46
N GLU A 173 7.25 -2.01 54.38
CA GLU A 173 6.70 -1.06 53.42
C GLU A 173 5.53 -1.69 52.66
N SER A 174 5.76 -2.87 52.05
CA SER A 174 4.73 -3.56 51.30
C SER A 174 3.62 -4.10 52.19
N ASN A 175 3.93 -4.43 53.44
CA ASN A 175 2.88 -4.85 54.38
C ASN A 175 2.07 -3.66 54.85
N SER A 176 2.70 -2.49 54.96
CA SER A 176 2.00 -1.29 55.40
C SER A 176 1.08 -0.77 54.30
N LEU A 177 1.64 -0.40 53.16
CA LEU A 177 0.88 0.12 52.03
C LEU A 177 1.38 -0.52 50.75
N PHE A 178 0.82 -0.04 49.63
CA PHE A 178 1.25 -0.37 48.26
C PHE A 178 1.18 -1.87 47.99
N GLU A 179 -0.06 -2.35 47.90
CA GLU A 179 -0.37 -3.77 47.72
C GLU A 179 0.19 -4.31 46.41
N GLU A 180 0.10 -5.65 46.28
CA GLU A 180 0.88 -6.40 45.30
C GLU A 180 0.54 -6.07 43.84
N SER A 181 -0.63 -5.50 43.58
CA SER A 181 -0.91 -4.99 42.24
C SER A 181 -0.07 -3.74 41.96
N GLU A 182 -0.04 -2.81 42.92
CA GLU A 182 0.78 -1.61 42.77
C GLU A 182 2.23 -1.88 43.15
N TYR A 183 2.49 -2.90 43.98
CA TYR A 183 3.87 -3.24 44.31
C TYR A 183 4.55 -3.95 43.15
N SER A 184 3.87 -4.94 42.57
CA SER A 184 4.39 -5.60 41.37
C SER A 184 4.35 -4.66 40.17
N ARG A 185 3.36 -3.76 40.13
CA ARG A 185 3.30 -2.77 39.07
C ARG A 185 4.45 -1.77 39.17
N LEU A 186 4.86 -1.43 40.39
CA LEU A 186 5.94 -0.47 40.58
C LEU A 186 7.31 -1.12 40.37
N CYS A 187 7.52 -2.29 40.98
CA CYS A 187 8.80 -2.99 40.87
C CYS A 187 9.02 -3.50 39.46
N GLU A 188 7.97 -3.96 38.79
CA GLU A 188 8.08 -4.31 37.39
C GLU A 188 8.05 -3.09 36.47
N SER A 189 7.58 -1.94 36.97
CA SER A 189 7.65 -0.72 36.16
C SER A 189 9.07 -0.16 36.13
N LEU A 190 9.83 -0.35 37.20
CA LEU A 190 11.22 0.08 37.26
C LEU A 190 12.19 -0.96 36.71
N SER A 191 11.70 -2.02 36.09
CA SER A 191 12.54 -3.09 35.59
C SER A 191 13.15 -2.71 34.24
N MET A 192 13.83 -3.65 33.60
CA MET A 192 14.45 -3.46 32.30
C MET A 192 13.98 -4.54 31.33
N THR A 193 12.66 -4.76 31.28
CA THR A 193 12.07 -5.76 30.41
C THR A 193 12.10 -5.30 28.95
N VAL A 200 9.40 -12.00 25.86
CA VAL A 200 9.78 -12.90 26.95
C VAL A 200 8.89 -14.14 26.93
N GLU A 201 9.51 -15.29 26.70
CA GLU A 201 8.78 -16.55 26.63
C GLU A 201 8.38 -17.02 28.03
N SER A 202 7.19 -17.60 28.13
CA SER A 202 6.72 -18.27 29.34
C SER A 202 6.69 -17.31 30.54
N LEU A 203 5.87 -16.28 30.41
CA LEU A 203 5.61 -15.40 31.54
C LEU A 203 4.90 -16.19 32.64
N ASN A 204 5.38 -16.03 33.87
CA ASN A 204 4.91 -16.86 34.98
C ASN A 204 4.51 -16.06 36.21
N ALA A 205 4.43 -14.74 36.13
CA ALA A 205 4.05 -13.91 37.26
C ALA A 205 2.54 -13.66 37.26
N LEU A 206 1.79 -14.76 37.20
CA LEU A 206 0.34 -14.72 37.11
C LEU A 206 -0.25 -15.68 38.15
N LEU A 207 -1.59 -15.78 38.15
CA LEU A 207 -2.28 -16.67 39.07
C LEU A 207 -3.02 -17.81 38.40
N ASP A 208 -3.38 -17.67 37.13
CA ASP A 208 -3.97 -18.74 36.33
C ASP A 208 -5.26 -19.26 36.97
N ASN A 209 -6.25 -18.38 37.09
CA ASN A 209 -7.53 -18.72 37.70
C ASN A 209 -8.48 -19.23 36.62
N ARG A 210 -8.31 -20.50 36.27
CA ARG A 210 -9.19 -21.16 35.31
C ARG A 210 -10.47 -21.58 36.02
N SER A 211 -11.61 -21.03 35.61
CA SER A 211 -12.87 -21.23 36.31
C SER A 211 -13.69 -22.35 35.66
N ASN A 212 -13.18 -23.58 35.78
CA ASN A 212 -13.88 -24.79 35.39
C ASN A 212 -14.29 -24.78 33.92
N HIS A 213 -13.60 -24.01 33.09
CA HIS A 213 -13.89 -23.97 31.66
C HIS A 213 -12.86 -24.67 30.80
N TYR A 214 -11.56 -24.49 31.11
CA TYR A 214 -10.51 -25.15 30.35
C TYR A 214 -10.65 -26.67 30.43
N GLU A 215 -11.01 -27.20 31.59
CA GLU A 215 -11.18 -28.64 31.77
C GLU A 215 -12.27 -29.18 30.86
N GLU A 216 -13.37 -28.46 30.70
CA GLU A 216 -14.44 -28.90 29.82
C GLU A 216 -13.97 -28.98 28.36
N VAL A 217 -13.16 -28.02 27.93
CA VAL A 217 -12.67 -28.05 26.56
C VAL A 217 -11.67 -29.17 26.37
N ILE A 218 -10.83 -29.43 27.38
CA ILE A 218 -9.91 -30.56 27.30
C ILE A 218 -10.68 -31.87 27.24
N ALA A 219 -11.80 -31.96 27.97
CA ALA A 219 -12.65 -33.13 27.90
C ALA A 219 -13.31 -33.30 26.54
N SER A 220 -13.73 -32.20 25.93
CA SER A 220 -14.30 -32.25 24.58
C SER A 220 -13.26 -32.51 23.51
N CYS A 221 -11.98 -32.30 23.81
CA CYS A 221 -10.90 -32.61 22.88
C CYS A 221 -10.48 -34.08 22.93
N HIS A 222 -10.60 -34.72 24.09
CA HIS A 222 -10.27 -36.13 24.25
C HIS A 222 -11.53 -37.01 24.30
N GLN A 223 -12.55 -36.64 23.53
CA GLN A 223 -13.82 -37.35 23.61
C GLN A 223 -13.71 -38.76 23.04
N GLY A 224 -13.33 -38.88 21.77
CA GLY A 224 -13.25 -40.17 21.14
C GLY A 224 -12.01 -40.35 20.29
N ILE A 225 -10.99 -39.54 20.54
CA ILE A 225 -9.75 -39.59 19.78
C ILE A 225 -8.78 -40.51 20.51
N ASN A 226 -8.32 -41.56 19.82
CA ASN A 226 -7.40 -42.51 20.43
C ASN A 226 -5.97 -41.97 20.45
N ASN A 227 -5.50 -41.44 19.32
CA ASN A 227 -4.16 -40.88 19.15
C ASN A 227 -3.07 -41.79 19.71
N LYS A 228 -3.34 -43.10 19.75
CA LYS A 228 -2.36 -44.05 20.28
C LYS A 228 -2.32 -45.35 19.50
N LEU A 229 -2.92 -45.41 18.32
CA LEU A 229 -2.96 -46.64 17.55
C LEU A 229 -1.61 -46.93 16.92
N THR A 230 -1.42 -48.20 16.55
CA THR A 230 -0.20 -48.64 15.90
C THR A 230 -0.39 -48.62 14.38
N ALA A 231 0.58 -49.17 13.65
CA ALA A 231 0.56 -49.18 12.19
C ALA A 231 0.02 -50.50 11.63
N HIS A 232 -0.88 -51.16 12.35
CA HIS A 232 -1.49 -52.38 11.86
C HIS A 232 -3.00 -52.22 11.76
N GLU A 233 -3.56 -51.38 12.62
CA GLU A 233 -4.98 -51.05 12.55
C GLU A 233 -5.27 -49.86 11.64
N VAL A 234 -4.32 -48.93 11.50
CA VAL A 234 -4.52 -47.78 10.63
C VAL A 234 -4.65 -48.22 9.18
N LYS A 235 -3.76 -49.11 8.72
CA LYS A 235 -3.83 -49.56 7.34
C LYS A 235 -5.13 -50.29 7.06
N LEU A 236 -5.52 -51.21 7.95
CA LEU A 236 -6.77 -51.94 7.75
C LEU A 236 -7.97 -51.00 7.76
N GLN A 237 -8.00 -50.04 8.69
CA GLN A 237 -9.10 -49.09 8.73
C GLN A 237 -9.19 -48.28 7.46
N ILE A 238 -8.06 -47.79 6.96
CA ILE A 238 -8.06 -46.98 5.75
C ILE A 238 -8.51 -47.80 4.55
N GLU A 239 -8.02 -49.04 4.44
CA GLU A 239 -8.40 -49.88 3.31
C GLU A 239 -9.89 -50.22 3.35
N GLU A 240 -10.41 -50.52 4.55
CA GLU A 240 -11.83 -50.83 4.67
C GLU A 240 -12.69 -49.62 4.32
N GLU A 241 -12.31 -48.44 4.80
CA GLU A 241 -13.07 -47.23 4.48
C GLU A 241 -13.01 -46.90 3.00
N TYR A 242 -11.84 -47.07 2.37
CA TYR A 242 -11.74 -46.83 0.93
C TYR A 242 -12.57 -47.83 0.14
N GLN A 243 -12.62 -49.09 0.58
CA GLN A 243 -13.43 -50.08 -0.12
C GLN A 243 -14.91 -49.76 0.02
N VAL A 244 -15.35 -49.36 1.22
CA VAL A 244 -16.74 -48.96 1.39
C VAL A 244 -17.07 -47.76 0.52
N PHE A 245 -16.15 -46.79 0.45
CA PHE A 245 -16.37 -45.62 -0.39
C PHE A 245 -16.47 -46.00 -1.87
N ARG A 246 -15.58 -46.88 -2.35
CA ARG A 246 -15.65 -47.31 -3.74
C ARG A 246 -16.96 -48.03 -4.02
N ASN A 247 -17.39 -48.91 -3.11
CA ASN A 247 -18.67 -49.59 -3.29
C ASN A 247 -19.82 -48.60 -3.30
N ARG A 248 -19.73 -47.53 -2.53
CA ARG A 248 -20.76 -46.50 -2.55
C ARG A 248 -20.70 -45.68 -3.84
N LEU A 249 -19.53 -45.62 -4.48
CA LEU A 249 -19.37 -44.78 -5.66
C LEU A 249 -20.12 -45.31 -6.88
N ARG A 250 -20.78 -46.47 -6.78
CA ARG A 250 -21.49 -47.02 -7.92
C ARG A 250 -22.88 -46.43 -8.08
N LYS A 251 -23.59 -46.18 -6.98
CA LYS A 251 -24.94 -45.64 -7.05
C LYS A 251 -25.16 -44.54 -6.02
N GLY A 252 -24.16 -44.30 -5.18
CA GLY A 252 -24.28 -43.39 -4.06
C GLY A 252 -23.68 -42.02 -4.30
N GLU A 253 -22.43 -41.84 -3.86
CA GLU A 253 -21.72 -40.56 -3.89
C GLU A 253 -21.71 -39.93 -5.28
N ILE A 254 -21.32 -38.66 -5.33
CA ILE A 254 -21.53 -37.82 -6.52
C ILE A 254 -20.27 -37.90 -7.37
N GLU A 255 -19.45 -38.92 -7.14
CA GLU A 255 -18.29 -39.26 -7.94
C GLU A 255 -17.17 -38.22 -7.86
N GLY A 256 -17.25 -37.29 -6.92
CA GLY A 256 -16.19 -36.32 -6.74
C GLY A 256 -16.22 -35.19 -7.76
N GLN A 257 -17.22 -35.23 -8.65
CA GLN A 257 -17.41 -34.18 -9.66
C GLN A 257 -16.20 -34.02 -10.56
N PHE A 258 -15.49 -35.11 -10.84
CA PHE A 258 -14.35 -35.09 -11.74
C PHE A 258 -14.74 -35.65 -13.10
N LEU A 259 -14.27 -35.01 -14.16
CA LEU A 259 -14.66 -35.37 -15.51
C LEU A 259 -13.43 -35.66 -16.37
N LYS A 260 -13.62 -35.79 -17.68
CA LYS A 260 -12.52 -36.00 -18.62
C LYS A 260 -12.69 -34.98 -19.75
N VAL A 261 -11.66 -34.19 -19.98
CA VAL A 261 -11.72 -33.08 -20.92
C VAL A 261 -12.06 -33.56 -22.33
N GLU A 262 -13.04 -32.91 -22.95
CA GLU A 262 -13.30 -33.04 -24.37
C GLU A 262 -13.15 -31.62 -24.93
N LYS A 263 -11.98 -31.36 -25.50
CA LYS A 263 -11.57 -30.01 -25.91
C LYS A 263 -12.65 -29.29 -26.71
N ASN A 264 -13.31 -30.01 -27.62
CA ASN A 264 -14.38 -29.40 -28.39
C ASN A 264 -15.60 -29.07 -27.53
N GLN A 265 -15.93 -29.93 -26.56
CA GLN A 265 -17.07 -29.65 -25.69
C GLN A 265 -16.80 -28.45 -24.80
N LEU A 266 -15.56 -28.28 -24.32
CA LEU A 266 -15.23 -27.10 -23.55
C LEU A 266 -15.43 -25.82 -24.36
N LEU A 267 -15.01 -25.82 -25.62
CA LEU A 267 -15.22 -24.64 -26.46
C LEU A 267 -16.70 -24.41 -26.73
N ASN A 268 -17.45 -25.49 -26.98
CA ASN A 268 -18.87 -25.34 -27.25
C ASN A 268 -19.62 -24.86 -26.02
N GLU A 269 -19.08 -25.12 -24.84
CA GLU A 269 -19.69 -24.63 -23.61
C GLU A 269 -19.27 -23.21 -23.29
N PHE A 270 -18.03 -22.83 -23.61
CA PHE A 270 -17.59 -21.47 -23.38
C PHE A 270 -18.23 -20.50 -24.35
N ASN A 271 -18.42 -20.91 -25.60
CA ASN A 271 -19.09 -20.03 -26.56
C ASN A 271 -20.54 -19.78 -26.19
N ASN A 272 -21.26 -20.84 -25.82
CA ASN A 272 -22.65 -20.70 -25.40
C ASN A 272 -22.79 -20.19 -23.97
N LEU A 273 -21.67 -20.07 -23.25
CA LEU A 273 -21.72 -19.55 -21.89
C LEU A 273 -22.23 -18.12 -21.90
N TYR A 274 -23.01 -17.77 -20.87
CA TYR A 274 -23.50 -16.41 -20.68
C TYR A 274 -24.31 -15.95 -21.89
N ALA A 275 -25.46 -16.59 -22.08
CA ALA A 275 -26.31 -16.38 -23.25
C ALA A 275 -27.45 -15.42 -22.98
N ASP A 276 -27.21 -14.38 -22.18
CA ASP A 276 -28.22 -13.36 -21.95
C ASP A 276 -28.69 -12.75 -23.26
N LYS A 277 -27.80 -12.06 -23.97
CA LYS A 277 -28.09 -11.63 -25.33
C LYS A 277 -26.81 -11.59 -26.15
N VAL A 278 -26.46 -12.71 -26.77
CA VAL A 278 -25.26 -12.84 -27.60
C VAL A 278 -25.53 -13.84 -28.71
N ALA A 279 -25.44 -13.40 -29.96
CA ALA A 279 -25.54 -14.33 -31.08
C ALA A 279 -24.20 -15.02 -31.31
N GLU A 280 -24.25 -16.33 -31.52
CA GLU A 280 -23.02 -17.11 -31.67
C GLU A 280 -22.58 -17.19 -33.13
N LYS A 281 -22.57 -16.04 -33.79
CA LYS A 281 -22.11 -15.88 -35.17
C LYS A 281 -21.59 -14.45 -35.29
N ASP A 282 -20.28 -14.28 -35.19
CA ASP A 282 -19.66 -12.96 -35.21
C ASP A 282 -18.43 -13.01 -36.11
N SER A 283 -18.52 -12.31 -37.24
CA SER A 283 -17.37 -12.17 -38.12
C SER A 283 -16.44 -11.08 -37.58
N VAL A 284 -15.18 -11.13 -38.03
CA VAL A 284 -14.20 -10.14 -37.58
C VAL A 284 -14.58 -8.75 -38.09
N GLU A 285 -15.07 -8.67 -39.32
CA GLU A 285 -15.41 -7.37 -39.90
C GLU A 285 -16.58 -6.72 -39.16
N HIS A 286 -17.63 -7.50 -38.89
CA HIS A 286 -18.75 -6.95 -38.11
C HIS A 286 -18.31 -6.59 -36.70
N LEU A 287 -17.38 -7.36 -36.12
CA LEU A 287 -16.85 -7.00 -34.81
C LEU A 287 -16.14 -5.65 -34.84
N THR A 288 -15.27 -5.44 -35.82
CA THR A 288 -14.60 -4.15 -35.93
C THR A 288 -15.58 -3.01 -36.19
N HIS A 289 -16.60 -3.26 -37.01
CA HIS A 289 -17.61 -2.25 -37.30
C HIS A 289 -18.34 -1.85 -36.02
N GLN A 290 -18.73 -2.83 -35.21
CA GLN A 290 -19.38 -2.52 -33.95
C GLN A 290 -18.41 -1.88 -32.97
N PHE A 291 -17.12 -2.20 -33.07
CA PHE A 291 -16.15 -1.73 -32.09
C PHE A 291 -15.81 -0.26 -32.30
N LYS A 292 -15.58 0.14 -33.55
CA LYS A 292 -15.19 1.52 -33.84
C LYS A 292 -16.33 2.51 -33.59
N ARG A 293 -17.53 2.05 -33.28
CA ARG A 293 -18.66 2.91 -32.99
C ARG A 293 -19.34 2.52 -31.68
N ALA A 294 -18.58 1.89 -30.77
CA ALA A 294 -19.15 1.29 -29.57
C ALA A 294 -19.37 2.29 -28.45
N SER A 295 -18.31 2.95 -28.00
CA SER A 295 -18.37 3.82 -26.85
C SER A 295 -18.02 5.25 -27.22
N PRO A 296 -18.60 6.25 -26.54
CA PRO A 296 -18.29 7.64 -26.88
C PRO A 296 -16.81 7.97 -26.82
N ILE A 297 -16.08 7.47 -25.83
CA ILE A 297 -14.63 7.65 -25.83
C ILE A 297 -14.02 6.94 -27.02
N LEU A 298 -14.42 5.69 -27.25
CA LEU A 298 -13.97 4.96 -28.43
C LEU A 298 -14.34 5.67 -29.72
N ARG A 299 -15.45 6.41 -29.73
CA ARG A 299 -15.83 7.16 -30.92
C ARG A 299 -15.03 8.45 -31.07
N PHE A 300 -14.52 9.01 -29.97
CA PHE A 300 -13.71 10.22 -30.06
C PHE A 300 -12.46 9.99 -30.90
N LEU A 301 -11.76 8.89 -30.67
CA LEU A 301 -10.71 8.45 -31.58
C LEU A 301 -11.36 7.61 -32.67
N TYR A 302 -10.56 7.04 -33.57
CA TYR A 302 -11.08 6.32 -34.75
C TYR A 302 -11.98 7.21 -35.58
N ALA A 303 -11.54 8.44 -35.82
CA ALA A 303 -12.35 9.40 -36.56
C ALA A 303 -11.58 9.96 -37.75
N ASN A 304 -12.12 10.99 -38.37
CA ASN A 304 -11.57 11.59 -39.59
C ASN A 304 -11.40 13.10 -39.42
N ILE A 305 -10.76 13.49 -38.32
CA ILE A 305 -10.53 14.90 -38.04
C ILE A 305 -9.73 15.52 -39.19
N SER A 306 -10.29 16.56 -39.80
CA SER A 306 -9.65 17.27 -40.91
C SER A 306 -9.29 16.33 -42.05
N CYS A 320 1.89 31.80 -29.42
CA CYS A 320 2.70 31.57 -28.23
C CYS A 320 2.49 32.63 -27.16
N GLN A 321 2.19 33.87 -27.56
CA GLN A 321 1.98 34.94 -26.59
C GLN A 321 0.85 34.60 -25.61
N MET A 322 -0.18 33.92 -26.09
CA MET A 322 -1.28 33.54 -25.20
C MET A 322 -0.82 32.61 -24.09
N GLN A 323 -0.09 31.55 -24.45
CA GLN A 323 0.41 30.64 -23.42
C GLN A 323 1.41 31.31 -22.50
N CYS A 324 2.27 32.18 -23.03
CA CYS A 324 3.19 32.92 -22.17
C CYS A 324 2.44 33.76 -21.14
N TRP A 325 1.43 34.51 -21.59
CA TRP A 325 0.61 35.29 -20.67
C TRP A 325 -0.10 34.40 -19.65
N ARG A 326 -0.64 33.26 -20.09
CA ARG A 326 -1.37 32.38 -19.19
C ARG A 326 -0.46 31.84 -18.10
N SER A 327 0.72 31.34 -18.48
CA SER A 327 1.65 30.81 -17.49
C SER A 327 2.14 31.90 -16.54
N PHE A 328 2.49 33.07 -17.09
CA PHE A 328 2.96 34.16 -16.24
C PHE A 328 1.89 34.57 -15.24
N LEU A 329 0.65 34.74 -15.70
CA LEU A 329 -0.46 35.09 -14.84
C LEU A 329 -0.73 34.03 -13.78
N ASN A 330 -0.69 32.74 -14.12
CA ASN A 330 -0.86 31.70 -13.13
C ASN A 330 0.21 31.80 -12.05
N LYS A 331 1.48 31.81 -12.47
CA LYS A 331 2.57 31.80 -11.49
C LYS A 331 2.56 33.04 -10.61
N VAL A 332 2.11 34.17 -11.14
CA VAL A 332 2.11 35.38 -10.32
C VAL A 332 0.89 35.41 -9.41
N LYS A 333 -0.25 34.88 -9.88
CA LYS A 333 -1.44 34.85 -9.06
C LYS A 333 -1.27 33.91 -7.87
N SER A 334 -0.50 32.84 -8.05
CA SER A 334 -0.38 31.80 -7.04
C SER A 334 0.08 32.30 -5.68
N MET A 335 1.12 33.15 -5.62
CA MET A 335 1.83 33.34 -4.35
C MET A 335 1.19 34.37 -3.42
N ARG A 336 1.22 35.65 -3.80
CA ARG A 336 0.95 36.67 -2.79
C ARG A 336 0.10 37.86 -3.25
N ILE A 337 0.07 38.12 -4.56
CA ILE A 337 -0.16 39.45 -5.12
C ILE A 337 -1.22 40.26 -4.39
N LEU A 338 -2.40 39.68 -4.19
CA LEU A 338 -3.48 40.39 -3.53
C LEU A 338 -4.37 39.41 -2.78
N ASN A 339 -5.20 39.95 -1.89
CA ASN A 339 -6.14 39.16 -1.09
C ASN A 339 -5.42 38.08 -0.29
N LYS A 343 -11.98 39.71 -7.82
CA LYS A 343 -11.64 40.86 -8.65
C LYS A 343 -10.33 40.62 -9.40
N LEU A 344 -9.42 39.88 -8.77
CA LEU A 344 -8.12 39.61 -9.38
C LEU A 344 -8.28 38.80 -10.66
N LEU A 345 -9.08 37.72 -10.60
CA LEU A 345 -9.36 36.94 -11.79
C LEU A 345 -9.94 37.77 -12.91
N LEU A 346 -10.76 38.79 -12.58
CA LEU A 346 -11.25 39.69 -13.61
C LEU A 346 -10.13 40.45 -14.28
N ILE A 347 -9.17 40.96 -13.52
CA ILE A 347 -8.04 41.68 -14.11
C ILE A 347 -7.21 40.76 -14.98
N PHE A 348 -6.95 39.53 -14.51
CA PHE A 348 -6.17 38.59 -15.30
C PHE A 348 -6.88 38.23 -16.60
N ASP A 349 -8.20 38.02 -16.53
CA ASP A 349 -8.96 37.75 -17.75
C ASP A 349 -8.96 38.96 -18.68
N ALA A 350 -8.98 40.17 -18.13
CA ALA A 350 -8.90 41.36 -18.97
C ALA A 350 -7.57 41.43 -19.70
N LEU A 351 -6.47 41.15 -19.00
CA LEU A 351 -5.17 41.05 -19.66
C LEU A 351 -5.18 39.98 -20.74
N ILE A 352 -5.86 38.86 -20.48
CA ILE A 352 -5.94 37.81 -21.48
C ILE A 352 -6.70 38.29 -22.71
N LEU A 353 -7.78 39.04 -22.52
CA LEU A 353 -8.53 39.58 -23.65
C LEU A 353 -7.69 40.58 -24.45
N LEU A 354 -6.93 41.43 -23.76
CA LEU A 354 -6.05 42.35 -24.47
C LEU A 354 -4.98 41.61 -25.26
N ALA A 355 -4.40 40.56 -24.67
CA ALA A 355 -3.41 39.76 -25.39
C ALA A 355 -4.02 39.08 -26.61
N SER A 356 -5.25 38.59 -26.49
CA SER A 356 -5.89 37.93 -27.64
C SER A 356 -6.22 38.93 -28.73
N LYS A 357 -6.76 40.09 -28.36
CA LYS A 357 -7.11 41.10 -29.36
C LYS A 357 -5.88 41.73 -30.00
N HIS A 358 -4.74 41.73 -29.33
CA HIS A 358 -3.49 42.14 -29.96
C HIS A 358 -2.82 41.00 -30.71
N ASP A 359 -3.24 39.76 -30.46
CA ASP A 359 -2.73 38.63 -31.23
C ASP A 359 -3.64 38.30 -32.40
N GLN A 360 -4.35 39.30 -32.91
CA GLN A 360 -5.33 39.14 -33.99
C GLN A 360 -4.62 38.48 -35.19
N VAL A 361 -3.59 39.08 -35.75
CA VAL A 361 -2.79 38.41 -36.78
C VAL A 361 -1.32 38.64 -36.53
N ASP A 379 -4.51 28.07 -29.52
CA ASP A 379 -5.51 28.99 -30.02
C ASP A 379 -6.80 28.92 -29.22
N ARG A 380 -6.77 29.43 -28.00
CA ARG A 380 -7.97 29.49 -27.19
C ARG A 380 -8.86 30.63 -27.64
N LEU A 381 -10.18 30.41 -27.58
CA LEU A 381 -11.15 31.41 -27.97
C LEU A 381 -12.01 31.88 -26.80
N VAL A 382 -12.42 30.97 -25.93
CA VAL A 382 -13.26 31.32 -24.79
C VAL A 382 -12.46 31.95 -23.66
N SER A 383 -11.16 32.20 -23.88
CA SER A 383 -10.26 32.85 -22.93
C SER A 383 -10.15 32.02 -21.64
N LEU A 384 -9.54 30.85 -21.80
CA LEU A 384 -9.17 30.06 -20.64
C LEU A 384 -8.23 30.86 -19.75
N GLU A 385 -8.74 31.22 -18.57
CA GLU A 385 -8.03 32.08 -17.63
C GLU A 385 -7.21 31.20 -16.69
N SER A 386 -6.56 31.82 -15.70
CA SER A 386 -5.77 31.08 -14.73
C SER A 386 -6.62 30.06 -14.00
N THR A 387 -5.96 29.05 -13.44
CA THR A 387 -6.58 27.87 -12.82
C THR A 387 -7.46 27.12 -13.80
N LYS A 388 -7.23 27.27 -15.11
CA LYS A 388 -7.95 26.53 -16.15
C LYS A 388 -9.45 26.76 -16.06
N LYS A 389 -9.88 28.01 -16.21
CA LYS A 389 -11.30 28.33 -16.21
C LYS A 389 -11.56 29.33 -17.32
N ASP A 390 -12.78 29.30 -17.85
CA ASP A 390 -13.16 30.12 -18.99
C ASP A 390 -14.38 30.97 -18.64
N LEU A 391 -14.54 32.07 -19.39
CA LEU A 391 -15.69 32.94 -19.27
C LEU A 391 -16.25 33.19 -20.67
N LYS A 392 -17.53 33.55 -20.72
CA LYS A 392 -18.26 33.65 -21.98
C LYS A 392 -18.25 35.07 -22.55
N LYS A 393 -17.31 35.90 -22.11
CA LYS A 393 -17.06 37.25 -22.62
C LYS A 393 -18.22 38.20 -22.38
N TRP A 394 -19.31 37.75 -21.75
CA TRP A 394 -20.51 38.58 -21.58
C TRP A 394 -20.55 39.26 -20.22
N VAL A 395 -20.51 38.49 -19.14
CA VAL A 395 -20.51 39.10 -17.80
C VAL A 395 -19.18 39.79 -17.54
N GLU A 396 -18.15 39.45 -18.30
CA GLU A 396 -16.88 40.15 -18.19
C GLU A 396 -17.06 41.64 -18.45
N ARG A 397 -17.75 42.00 -19.53
CA ARG A 397 -17.99 43.40 -19.82
C ARG A 397 -18.85 44.05 -18.74
N ARG A 398 -19.82 43.31 -18.19
CA ARG A 398 -20.68 43.87 -17.15
C ARG A 398 -19.88 44.21 -15.90
N GLN A 399 -19.09 43.26 -15.38
CA GLN A 399 -18.30 43.56 -14.20
C GLN A 399 -17.17 44.54 -14.48
N GLN A 400 -16.70 44.62 -15.73
CA GLN A 400 -15.74 45.67 -16.07
C GLN A 400 -16.40 47.05 -16.00
N VAL A 401 -17.62 47.17 -16.52
CA VAL A 401 -18.38 48.41 -16.39
C VAL A 401 -18.59 48.75 -14.92
N GLU A 402 -18.91 47.75 -14.10
CA GLU A 402 -19.11 47.99 -12.67
C GLU A 402 -17.83 48.49 -12.01
N ARG A 403 -16.70 47.86 -12.31
CA ARG A 403 -15.43 48.27 -11.71
C ARG A 403 -15.04 49.67 -12.16
N SER A 404 -15.23 49.98 -13.44
CA SER A 404 -14.93 51.31 -13.94
C SER A 404 -15.85 52.37 -13.34
N ARG A 405 -17.11 52.03 -13.07
CA ARG A 405 -18.01 52.97 -12.42
C ARG A 405 -17.65 53.18 -10.96
N THR A 406 -17.22 52.12 -10.27
CA THR A 406 -16.75 52.28 -8.89
C THR A 406 -15.50 53.14 -8.85
N MET A 407 -14.59 52.96 -9.80
CA MET A 407 -13.40 53.80 -9.88
C MET A 407 -13.74 55.23 -10.31
N GLN A 408 -14.83 55.42 -11.04
CA GLN A 408 -15.24 56.76 -11.42
C GLN A 408 -15.73 57.54 -10.22
N SER A 409 -16.42 56.88 -9.29
CA SER A 409 -16.91 57.52 -8.09
C SER A 409 -15.84 57.69 -7.03
N PHE A 410 -14.58 57.36 -7.34
CA PHE A 410 -13.46 57.53 -6.42
C PHE A 410 -12.85 58.93 -6.52
N GLN A 411 -13.57 59.90 -7.07
CA GLN A 411 -13.08 61.26 -7.19
C GLN A 411 -12.93 61.93 -5.83
N LYS A 415 -10.55 58.93 -19.43
CA LYS A 415 -10.57 58.33 -18.10
C LYS A 415 -10.14 56.87 -18.16
N ASN A 416 -9.82 56.39 -19.36
CA ASN A 416 -9.35 55.02 -19.53
C ASN A 416 -7.96 54.80 -18.97
N GLN A 417 -7.22 55.87 -18.68
CA GLN A 417 -5.85 55.75 -18.20
C GLN A 417 -5.76 55.15 -16.80
N ILE A 418 -6.82 55.25 -16.00
CA ILE A 418 -6.77 54.67 -14.66
C ILE A 418 -6.73 53.15 -14.72
N LEU A 419 -7.37 52.57 -15.73
CA LEU A 419 -7.32 51.13 -15.93
C LEU A 419 -5.90 50.69 -16.29
N ASN A 420 -5.26 51.44 -17.20
CA ASN A 420 -3.88 51.16 -17.53
C ASN A 420 -2.98 51.33 -16.31
N SER A 421 -3.27 52.33 -15.46
CA SER A 421 -2.48 52.53 -14.25
C SER A 421 -2.61 51.36 -13.28
N ILE A 422 -3.82 50.83 -13.11
CA ILE A 422 -3.99 49.62 -12.31
C ILE A 422 -3.18 48.49 -12.92
N PHE A 423 -3.19 48.39 -14.24
CA PHE A 423 -2.44 47.32 -14.91
C PHE A 423 -0.94 47.47 -14.65
N GLN A 424 -0.42 48.70 -14.70
CA GLN A 424 0.98 48.90 -14.37
C GLN A 424 1.27 48.60 -12.90
N LYS A 425 0.35 48.91 -12.00
CA LYS A 425 0.56 48.56 -10.60
C LYS A 425 0.69 47.05 -10.43
N THR A 426 -0.25 46.29 -11.00
CA THR A 426 -0.19 44.84 -10.90
C THR A 426 1.07 44.28 -11.56
N ILE A 427 1.44 44.76 -12.74
CA ILE A 427 2.60 44.20 -13.41
C ILE A 427 3.88 44.61 -12.69
N SER A 428 3.87 45.75 -11.98
CA SER A 428 5.04 46.13 -11.20
C SER A 428 5.21 45.21 -9.99
N LYS A 429 4.11 44.91 -9.30
CA LYS A 429 4.20 43.92 -8.23
C LYS A 429 4.64 42.56 -8.77
N ALA A 430 4.13 42.18 -9.94
CA ALA A 430 4.57 40.94 -10.57
C ALA A 430 6.07 40.95 -10.85
N THR A 431 6.56 42.03 -11.43
CA THR A 431 7.97 42.12 -11.81
C THR A 431 8.89 42.20 -10.60
N THR A 432 8.46 42.77 -9.48
CA THR A 432 9.34 42.69 -8.31
C THR A 432 9.30 41.29 -7.68
N ALA A 433 8.12 40.69 -7.55
CA ALA A 433 8.06 39.31 -7.09
C ALA A 433 8.87 38.37 -7.97
N LEU A 434 9.03 38.71 -9.25
CA LEU A 434 9.90 37.92 -10.12
C LEU A 434 11.34 38.40 -10.12
N ARG A 435 11.59 39.64 -9.70
CA ARG A 435 12.95 40.07 -9.41
C ARG A 435 13.53 39.28 -8.24
N ASP A 436 12.66 38.79 -7.35
CA ASP A 436 13.09 38.03 -6.19
C ASP A 436 13.87 36.78 -6.62
N VAL A 437 13.43 36.20 -7.75
CA VAL A 437 14.07 35.02 -8.31
C VAL A 437 13.26 34.48 -9.50
N GLY A 438 13.37 35.14 -10.65
CA GLY A 438 12.63 34.71 -11.83
C GLY A 438 12.94 35.50 -13.08
N ILE A 439 12.69 36.82 -13.03
CA ILE A 439 12.86 37.73 -14.17
C ILE A 439 12.21 37.25 -15.47
N SER A 440 12.90 37.46 -16.60
CA SER A 440 12.37 37.07 -17.89
C SER A 440 12.83 35.65 -18.22
N VAL A 441 12.75 34.78 -17.21
CA VAL A 441 13.14 33.39 -17.35
C VAL A 441 12.25 32.72 -18.37
N ASP A 442 12.76 32.61 -19.59
CA ASP A 442 11.99 32.02 -20.68
C ASP A 442 10.55 32.52 -20.66
N HIS A 443 10.39 33.84 -20.63
CA HIS A 443 9.05 34.40 -20.62
C HIS A 443 8.67 35.04 -21.94
N TYR A 444 9.61 35.06 -22.87
CA TYR A 444 9.25 35.50 -24.21
C TYR A 444 8.43 36.80 -24.26
N LYS A 445 9.05 37.91 -23.83
CA LYS A 445 8.55 39.25 -24.14
C LYS A 445 7.10 39.47 -23.73
N ILE A 446 6.82 39.43 -22.42
CA ILE A 446 5.47 39.65 -21.90
C ILE A 446 5.17 41.14 -21.93
N ASP A 447 6.13 41.94 -22.41
CA ASP A 447 6.03 43.39 -22.40
C ASP A 447 5.08 43.94 -23.46
N MET A 448 4.36 43.07 -24.17
CA MET A 448 3.44 43.54 -25.21
C MET A 448 2.39 44.49 -24.65
N GLU A 449 1.72 44.10 -23.57
CA GLU A 449 0.73 44.95 -22.93
C GLU A 449 1.33 46.21 -22.32
N VAL A 450 2.64 46.42 -22.47
CA VAL A 450 3.31 47.61 -21.97
C VAL A 450 3.50 48.58 -23.13
N ILE A 451 3.58 48.06 -24.35
CA ILE A 451 3.94 48.90 -25.49
C ILE A 451 2.71 49.26 -26.33
N CYS A 452 1.86 48.28 -26.62
CA CYS A 452 0.75 48.54 -27.54
C CYS A 452 -0.43 49.26 -26.88
N PRO A 453 -1.02 48.74 -25.79
CA PRO A 453 -2.25 49.36 -25.28
C PRO A 453 -2.05 50.64 -24.47
N ASP A 454 -0.86 51.24 -24.51
CA ASP A 454 -0.66 52.50 -23.80
C ASP A 454 -1.55 53.60 -24.37
N GLY A 455 -1.79 53.61 -25.67
CA GLY A 455 -2.70 54.59 -26.25
C GLY A 455 -4.16 54.20 -26.08
N TYR A 456 -4.43 52.92 -25.86
CA TYR A 456 -5.80 52.44 -25.67
C TYR A 456 -6.29 52.78 -24.27
N ILE A 459 -10.19 49.25 -23.65
CA ILE A 459 -11.28 49.54 -24.58
C ILE A 459 -12.21 48.32 -24.69
N MET A 460 -13.39 48.43 -24.09
CA MET A 460 -14.35 47.33 -24.13
C MET A 460 -14.83 47.08 -25.54
N ASP A 461 -15.02 48.16 -26.32
CA ASP A 461 -15.47 48.02 -27.70
C ASP A 461 -14.50 47.19 -28.53
N PHE A 462 -13.20 47.45 -28.41
CA PHE A 462 -12.21 46.67 -29.15
C PHE A 462 -12.30 45.20 -28.78
N ASP A 463 -12.45 44.91 -27.48
CA ASP A 463 -12.52 43.52 -27.04
C ASP A 463 -13.75 42.81 -27.60
N VAL A 464 -14.92 43.43 -27.48
CA VAL A 464 -16.13 42.75 -27.95
C VAL A 464 -16.13 42.64 -29.46
N SER A 465 -15.55 43.62 -30.16
CA SER A 465 -15.45 43.54 -31.62
C SER A 465 -14.45 42.50 -32.06
N GLY A 466 -13.43 42.23 -31.25
CA GLY A 466 -12.51 41.13 -31.56
C GLY A 466 -13.04 39.76 -31.23
N VAL A 467 -13.97 39.66 -30.27
CA VAL A 467 -14.56 38.39 -29.90
C VAL A 467 -15.75 38.04 -30.79
N THR A 468 -16.50 39.03 -31.27
CA THR A 468 -17.73 38.72 -31.99
C THR A 468 -17.56 37.95 -33.30
N PRO A 469 -16.50 38.14 -34.11
CA PRO A 469 -16.44 37.35 -35.35
C PRO A 469 -16.01 35.91 -35.13
N THR A 470 -15.35 35.62 -34.01
CA THR A 470 -14.89 34.27 -33.73
C THR A 470 -16.01 33.43 -33.12
N TYR A 483 -21.94 12.68 -36.91
CA TYR A 483 -20.67 12.80 -37.60
C TYR A 483 -19.62 11.87 -37.03
N ILE A 484 -19.70 11.62 -35.72
CA ILE A 484 -18.58 11.00 -35.00
C ILE A 484 -18.57 9.50 -35.29
N MET A 485 -17.85 9.12 -36.34
CA MET A 485 -17.61 7.74 -36.73
C MET A 485 -16.58 7.74 -37.86
N GLY A 486 -15.66 6.78 -37.85
CA GLY A 486 -14.59 6.83 -38.83
C GLY A 486 -13.95 5.47 -39.02
N ASP A 487 -12.88 5.47 -39.81
CA ASP A 487 -12.15 4.26 -40.15
C ASP A 487 -10.64 4.54 -40.05
N VAL A 488 -10.09 4.33 -38.85
CA VAL A 488 -8.67 4.45 -38.62
C VAL A 488 -8.09 3.03 -38.57
N ASP A 489 -7.12 2.76 -39.45
CA ASP A 489 -6.57 1.41 -39.56
C ASP A 489 -5.90 1.00 -38.26
N LEU A 490 -6.00 -0.30 -37.96
CA LEU A 490 -5.39 -0.85 -36.74
C LEU A 490 -3.97 -1.33 -37.03
N LEU A 491 -3.20 -0.43 -37.63
CA LEU A 491 -1.79 -0.68 -37.91
C LEU A 491 -0.88 0.48 -37.53
N LYS A 492 -1.44 1.66 -37.28
CA LYS A 492 -0.67 2.84 -36.89
C LYS A 492 -0.84 3.09 -35.40
N THR A 493 -0.22 4.18 -34.93
CA THR A 493 -0.18 4.51 -33.51
C THR A 493 -1.16 5.64 -33.17
N THR A 494 -1.82 6.20 -34.17
CA THR A 494 -2.68 7.37 -33.96
C THR A 494 -3.73 7.12 -32.90
N ASP A 495 -4.34 5.94 -32.88
CA ASP A 495 -5.33 5.62 -31.86
C ASP A 495 -4.73 5.67 -30.47
N LEU A 496 -3.59 4.98 -30.28
CA LEU A 496 -2.92 4.99 -28.99
C LEU A 496 -2.42 6.38 -28.62
N GLU A 497 -1.99 7.18 -29.59
CA GLU A 497 -1.53 8.53 -29.29
C GLU A 497 -2.69 9.41 -28.82
N ARG A 498 -3.85 9.29 -29.47
CA ARG A 498 -5.01 10.04 -29.01
C ARG A 498 -5.45 9.58 -27.62
N LEU A 499 -5.40 8.27 -27.38
CA LEU A 499 -5.71 7.75 -26.05
C LEU A 499 -4.75 8.30 -25.00
N SER A 500 -3.46 8.38 -25.32
CA SER A 500 -2.48 8.91 -24.38
C SER A 500 -2.73 10.39 -24.11
N SER A 501 -3.02 11.15 -25.16
CA SER A 501 -3.35 12.56 -24.98
C SER A 501 -4.56 12.75 -24.07
N LEU A 502 -5.61 11.94 -24.28
CA LEU A 502 -6.81 12.08 -23.46
C LEU A 502 -6.54 11.67 -22.01
N SER A 503 -5.75 10.61 -21.80
CA SER A 503 -5.42 10.19 -20.46
C SER A 503 -4.61 11.25 -19.72
N LEU A 504 -3.60 11.82 -20.39
CA LEU A 504 -2.84 12.90 -19.79
C LEU A 504 -3.73 14.11 -19.49
N ALA A 505 -4.67 14.40 -20.38
CA ALA A 505 -5.62 15.48 -20.13
C ALA A 505 -6.42 15.24 -18.86
N LEU A 506 -6.95 14.03 -18.67
CA LEU A 506 -7.69 13.72 -17.45
C LEU A 506 -6.81 13.84 -16.21
N VAL A 507 -5.62 13.21 -16.26
CA VAL A 507 -4.74 13.20 -15.09
C VAL A 507 -4.39 14.62 -14.69
N ASN A 508 -4.11 15.49 -15.67
CA ASN A 508 -3.84 16.88 -15.36
C ASN A 508 -5.10 17.63 -14.93
N SER A 509 -6.27 17.20 -15.40
CA SER A 509 -7.53 17.77 -14.92
C SER A 509 -7.78 17.45 -13.46
N MET A 510 -7.16 16.39 -12.93
CA MET A 510 -7.25 16.14 -11.50
C MET A 510 -6.59 17.21 -10.65
N LYS A 511 -5.80 18.10 -11.26
CA LYS A 511 -4.99 19.07 -10.52
C LYS A 511 -5.69 20.42 -10.34
N THR A 512 -7.01 20.45 -10.34
CA THR A 512 -7.71 21.72 -10.21
C THR A 512 -7.62 22.24 -8.78
N SER A 513 -7.25 23.51 -8.63
CA SER A 513 -7.12 24.11 -7.30
C SER A 513 -8.48 24.36 -6.65
N SER A 514 -9.52 24.61 -7.43
CA SER A 514 -10.89 24.77 -6.94
C SER A 514 -11.00 25.91 -5.92
N THR A 515 -10.72 27.12 -6.40
CA THR A 515 -10.87 28.31 -5.59
C THR A 515 -12.22 28.96 -5.88
N VAL A 516 -12.88 29.42 -4.82
CA VAL A 516 -14.20 30.05 -4.90
C VAL A 516 -15.19 29.11 -5.59
N CYS A 533 -23.09 31.11 -20.66
CA CYS A 533 -22.63 30.78 -19.32
C CYS A 533 -21.47 29.80 -19.37
N LYS A 534 -21.73 28.55 -18.98
CA LYS A 534 -20.74 27.48 -18.99
C LYS A 534 -19.53 27.86 -18.14
N GLU A 535 -19.73 28.02 -16.83
CA GLU A 535 -18.68 28.41 -15.91
C GLU A 535 -17.86 27.23 -15.42
N ALA A 536 -17.85 26.12 -16.15
CA ALA A 536 -17.10 24.94 -15.76
C ALA A 536 -15.61 25.14 -16.00
N TYR A 537 -14.82 24.13 -15.70
CA TYR A 537 -13.38 24.14 -15.90
C TYR A 537 -13.04 23.38 -17.17
N CYS A 538 -11.87 23.68 -17.72
CA CYS A 538 -11.46 23.11 -19.00
C CYS A 538 -9.97 22.79 -18.97
N GLN A 539 -9.61 21.80 -19.77
CA GLN A 539 -8.23 21.41 -20.00
C GLN A 539 -7.99 21.34 -21.50
N GLU A 540 -6.72 21.43 -21.89
CA GLU A 540 -6.37 21.51 -23.30
C GLU A 540 -5.47 20.33 -23.67
N PHE A 541 -5.72 19.79 -24.86
CA PHE A 541 -4.82 18.78 -25.43
C PHE A 541 -4.80 18.96 -26.94
N SER A 542 -3.61 18.90 -27.51
CA SER A 542 -3.44 19.14 -28.94
C SER A 542 -3.31 17.82 -29.69
N LEU A 543 -3.37 17.93 -31.02
CA LEU A 543 -3.35 16.77 -31.92
C LEU A 543 -2.62 17.15 -33.20
N GLY A 544 -2.88 16.41 -34.28
CA GLY A 544 -2.22 16.64 -35.55
C GLY A 544 -2.66 17.92 -36.21
N GLU A 545 -2.18 19.05 -35.66
CA GLU A 545 -2.47 20.41 -36.13
C GLU A 545 -3.89 20.86 -35.77
N THR A 546 -4.40 20.37 -34.63
CA THR A 546 -5.65 20.87 -34.08
C THR A 546 -5.55 20.83 -32.55
N GLU A 547 -6.43 21.58 -31.91
CA GLU A 547 -6.37 21.79 -30.46
C GLU A 547 -7.76 21.58 -29.87
N PHE A 548 -7.96 20.45 -29.20
CA PHE A 548 -9.26 20.14 -28.63
C PHE A 548 -9.38 20.71 -27.22
N GLN A 549 -10.56 20.61 -26.63
CA GLN A 549 -10.80 21.11 -25.28
C GLN A 549 -11.63 20.08 -24.52
N LEU A 550 -11.15 19.67 -23.35
CA LEU A 550 -11.94 18.87 -22.44
C LEU A 550 -12.62 19.79 -21.42
N ILE A 551 -13.89 19.50 -21.14
CA ILE A 551 -14.69 20.32 -20.25
C ILE A 551 -15.22 19.44 -19.13
N TYR A 552 -15.10 19.92 -17.89
CA TYR A 552 -15.63 19.21 -16.73
C TYR A 552 -16.08 20.25 -15.71
N GLN A 553 -17.14 19.90 -14.99
CA GLN A 553 -17.78 20.84 -14.07
C GLN A 553 -17.39 20.64 -12.62
N LYS A 554 -17.37 19.39 -12.16
CA LYS A 554 -17.08 19.09 -10.76
C LYS A 554 -15.61 18.73 -10.60
N THR A 555 -14.94 19.43 -9.68
CA THR A 555 -13.54 19.16 -9.38
C THR A 555 -13.45 17.98 -8.41
N GLY A 556 -12.27 17.75 -7.85
CA GLY A 556 -12.07 16.69 -6.89
C GLY A 556 -11.39 15.47 -7.47
N GLU A 557 -11.72 14.32 -6.88
CA GLU A 557 -11.14 13.05 -7.27
C GLU A 557 -12.18 12.01 -7.65
N CYS A 558 -13.47 12.38 -7.63
CA CYS A 558 -14.52 11.42 -7.92
C CYS A 558 -14.87 11.42 -9.40
N SER A 559 -15.62 10.39 -9.80
CA SER A 559 -16.06 10.27 -11.18
C SER A 559 -16.98 11.42 -11.56
N LYS A 560 -16.82 11.93 -12.77
CA LYS A 560 -17.55 13.12 -13.19
C LYS A 560 -17.95 12.95 -14.66
N CYS A 561 -18.67 13.94 -15.18
CA CYS A 561 -19.09 13.97 -16.58
C CYS A 561 -18.13 14.83 -17.37
N TYR A 562 -17.47 14.24 -18.36
CA TYR A 562 -16.49 14.93 -19.17
C TYR A 562 -17.04 15.12 -20.58
N ALA A 563 -16.61 16.21 -21.22
CA ALA A 563 -17.08 16.51 -22.57
C ALA A 563 -15.90 16.95 -23.43
N ILE A 564 -15.68 16.24 -24.53
CA ILE A 564 -14.63 16.57 -25.49
C ILE A 564 -15.27 17.42 -26.57
N ASN A 565 -14.72 18.60 -26.84
CA ASN A 565 -15.21 19.41 -27.94
C ASN A 565 -14.07 20.10 -28.66
N ASP A 566 -14.42 20.77 -29.75
CA ASP A 566 -13.47 21.51 -30.57
C ASP A 566 -14.00 22.93 -30.68
N ASN A 567 -13.41 23.78 -31.52
CA ASN A 567 -13.91 25.13 -31.69
C ASN A 567 -14.44 25.32 -33.10
N ARG A 568 -13.96 24.50 -34.05
CA ARG A 568 -14.38 24.64 -35.44
C ARG A 568 -15.88 24.39 -35.58
N VAL A 569 -16.30 23.14 -35.40
CA VAL A 569 -17.70 22.76 -35.53
C VAL A 569 -18.05 21.67 -34.52
N GLY A 570 -18.84 22.03 -33.50
CA GLY A 570 -19.44 21.07 -32.61
C GLY A 570 -18.49 20.02 -32.04
N GLU A 571 -18.70 18.76 -32.45
CA GLU A 571 -17.87 17.64 -32.05
C GLU A 571 -17.88 17.44 -30.54
N VAL A 572 -19.02 17.76 -29.92
CA VAL A 572 -19.14 17.74 -28.46
C VAL A 572 -19.57 16.34 -28.05
N CYS A 573 -18.60 15.45 -27.90
CA CYS A 573 -18.85 14.12 -27.35
C CYS A 573 -18.84 14.20 -25.84
N SER A 574 -19.55 13.29 -25.19
CA SER A 574 -19.67 13.29 -23.74
C SER A 574 -19.53 11.88 -23.20
N PHE A 575 -19.06 11.79 -21.96
CA PHE A 575 -18.95 10.51 -21.28
C PHE A 575 -18.88 10.76 -19.77
N TYR A 576 -18.82 9.68 -19.00
CA TYR A 576 -18.82 9.76 -17.53
C TYR A 576 -17.86 8.69 -17.03
N ALA A 577 -16.73 9.12 -16.48
CA ALA A 577 -15.71 8.19 -16.02
C ALA A 577 -15.02 8.74 -14.77
N ASP A 578 -13.98 8.03 -14.34
CA ASP A 578 -13.15 8.38 -13.21
C ASP A 578 -11.74 8.68 -13.70
N PRO A 579 -11.15 9.82 -13.31
CA PRO A 579 -9.87 10.20 -13.91
C PRO A 579 -8.70 9.39 -13.40
N LYS A 580 -8.68 9.04 -12.11
CA LYS A 580 -7.52 8.41 -11.50
C LYS A 580 -7.33 6.95 -11.91
N ARG A 581 -8.06 6.48 -12.91
CA ARG A 581 -7.94 5.10 -13.38
C ARG A 581 -7.27 4.98 -14.73
N TYR A 582 -7.02 6.09 -15.42
CA TYR A 582 -6.46 6.05 -16.77
C TYR A 582 -4.95 6.23 -16.80
N PHE A 583 -4.26 6.05 -15.67
CA PHE A 583 -2.82 6.30 -15.63
C PHE A 583 -1.98 5.42 -16.56
N PRO A 584 -2.21 4.11 -16.69
CA PRO A 584 -1.22 3.28 -17.39
C PRO A 584 -1.15 3.53 -18.89
N ALA A 585 -1.82 4.58 -19.37
CA ALA A 585 -1.78 4.92 -20.78
C ALA A 585 -1.42 6.39 -21.01
N ILE A 586 -0.59 6.98 -20.14
CA ILE A 586 -0.27 8.40 -20.27
C ILE A 586 0.73 8.63 -21.40
N PHE A 587 1.86 7.93 -21.36
CA PHE A 587 2.88 8.10 -22.38
C PHE A 587 3.24 6.79 -23.08
N SER A 588 2.51 5.71 -22.78
CA SER A 588 2.78 4.41 -23.41
C SER A 588 2.25 4.45 -24.84
N ALA A 589 3.14 4.67 -25.80
CA ALA A 589 2.76 4.69 -27.20
C ALA A 589 3.49 3.66 -28.04
N GLU A 590 4.78 3.46 -27.82
CA GLU A 590 5.54 2.44 -28.52
C GLU A 590 5.72 1.16 -27.70
N VAL A 591 5.27 1.16 -26.44
CA VAL A 591 5.43 -0.02 -25.60
C VAL A 591 4.39 -1.06 -25.96
N LEU A 592 3.12 -0.66 -26.02
CA LEU A 592 2.04 -1.61 -26.26
C LEU A 592 2.15 -2.23 -27.65
N GLN A 593 2.52 -1.42 -28.65
CA GLN A 593 2.68 -1.97 -30.00
C GLN A 593 3.78 -3.02 -30.04
N THR A 594 4.86 -2.82 -29.30
CA THR A 594 5.92 -3.82 -29.23
C THR A 594 5.49 -5.07 -28.47
N THR A 595 4.71 -4.90 -27.40
CA THR A 595 4.15 -6.07 -26.73
C THR A 595 3.29 -6.89 -27.67
N VAL A 596 2.42 -6.22 -28.44
CA VAL A 596 1.59 -6.92 -29.41
C VAL A 596 2.43 -7.60 -30.47
N SER A 597 3.45 -6.92 -30.98
CA SER A 597 4.30 -7.52 -32.00
C SER A 597 5.01 -8.76 -31.48
N THR A 598 5.47 -8.73 -30.23
CA THR A 598 6.11 -9.91 -29.65
C THR A 598 5.11 -11.05 -29.47
N MET A 599 3.92 -10.73 -28.96
CA MET A 599 2.90 -11.76 -28.78
C MET A 599 2.54 -12.41 -30.10
N ILE A 600 2.52 -11.64 -31.19
CA ILE A 600 2.15 -12.21 -32.48
C ILE A 600 3.32 -12.97 -33.10
N SER A 601 4.54 -12.47 -32.95
CA SER A 601 5.71 -13.24 -33.40
C SER A 601 5.84 -14.55 -32.66
N TRP A 602 5.27 -14.64 -31.46
CA TRP A 602 5.20 -15.93 -30.75
C TRP A 602 4.36 -16.95 -31.49
N ILE A 603 3.51 -16.52 -32.42
CA ILE A 603 2.54 -17.40 -33.06
C ILE A 603 2.87 -17.50 -34.55
N GLU A 604 4.15 -17.37 -34.90
CA GLU A 604 4.57 -17.51 -36.29
C GLU A 604 4.67 -19.00 -36.61
N ASP A 605 3.51 -19.60 -36.85
CA ASP A 605 3.39 -21.03 -37.09
C ASP A 605 3.49 -21.31 -38.58
N CYS A 606 3.18 -22.55 -38.96
CA CYS A 606 3.12 -22.95 -40.36
C CYS A 606 1.71 -23.26 -40.82
N ASN A 607 0.69 -23.00 -39.99
CA ASN A 607 -0.69 -23.30 -40.32
C ASN A 607 -1.63 -22.12 -40.21
N GLU A 608 -1.35 -21.16 -39.33
CA GLU A 608 -2.23 -20.02 -39.12
C GLU A 608 -1.96 -18.86 -40.06
N LEU A 609 -1.13 -19.07 -41.08
CA LEU A 609 -0.84 -18.01 -42.04
C LEU A 609 -1.98 -17.81 -43.03
N GLU A 610 -2.91 -18.77 -43.12
CA GLU A 610 -3.97 -18.74 -44.13
C GLU A 610 -5.02 -17.71 -43.70
N GLU A 611 -4.65 -16.43 -43.78
CA GLU A 611 -5.50 -15.31 -43.46
C GLU A 611 -6.08 -15.46 -42.05
N GLN A 612 -5.18 -15.48 -41.07
CA GLN A 612 -5.56 -15.46 -39.67
C GLN A 612 -4.72 -14.53 -38.81
N LEU A 613 -3.51 -14.17 -39.24
CA LEU A 613 -2.66 -13.33 -38.40
C LEU A 613 -3.18 -11.90 -38.31
N ASP A 614 -3.70 -11.35 -39.41
CA ASP A 614 -4.23 -10.00 -39.36
C ASP A 614 -5.45 -9.91 -38.45
N LYS A 615 -6.31 -10.93 -38.47
CA LYS A 615 -7.45 -10.95 -37.57
C LYS A 615 -6.99 -10.99 -36.12
N ILE A 616 -5.98 -11.81 -35.82
CA ILE A 616 -5.46 -11.89 -34.46
C ILE A 616 -4.86 -10.55 -34.04
N ARG A 617 -4.16 -9.88 -34.95
CA ARG A 617 -3.58 -8.58 -34.63
C ARG A 617 -4.67 -7.57 -34.31
N SER A 618 -5.69 -7.47 -35.16
CA SER A 618 -6.80 -6.56 -34.90
C SER A 618 -7.50 -6.89 -33.59
N LEU A 619 -7.68 -8.18 -33.29
CA LEU A 619 -8.37 -8.57 -32.07
C LEU A 619 -7.56 -8.17 -30.84
N THR A 620 -6.25 -8.44 -30.85
CA THR A 620 -5.42 -8.08 -29.70
C THR A 620 -5.36 -6.57 -29.52
N LYS A 621 -5.24 -5.82 -30.61
CA LYS A 621 -5.24 -4.37 -30.49
C LYS A 621 -6.56 -3.85 -29.94
N MET A 622 -7.68 -4.39 -30.41
CA MET A 622 -8.97 -3.97 -29.89
C MET A 622 -9.11 -4.32 -28.41
N ILE A 623 -8.60 -5.49 -28.01
CA ILE A 623 -8.67 -5.88 -26.59
C ILE A 623 -7.88 -4.89 -25.75
N LEU A 624 -6.63 -4.61 -26.14
CA LEU A 624 -5.82 -3.68 -25.37
C LEU A 624 -6.47 -2.31 -25.27
N ILE A 625 -6.97 -1.79 -26.39
CA ILE A 625 -7.54 -0.45 -26.37
C ILE A 625 -8.87 -0.40 -25.61
N LEU A 626 -9.64 -1.48 -25.63
CA LEU A 626 -10.89 -1.50 -24.87
C LEU A 626 -10.61 -1.61 -23.38
N ILE A 627 -9.55 -2.36 -23.01
CA ILE A 627 -9.17 -2.44 -21.61
C ILE A 627 -8.67 -1.08 -21.12
N LEU A 628 -7.80 -0.43 -21.89
CA LEU A 628 -7.24 0.84 -21.48
C LEU A 628 -8.26 1.97 -21.53
N ALA A 629 -9.29 1.86 -22.37
CA ALA A 629 -10.28 2.93 -22.49
C ALA A 629 -11.38 2.81 -21.45
N HIS A 630 -11.66 1.60 -20.97
CA HIS A 630 -12.71 1.36 -19.99
C HIS A 630 -12.17 0.52 -18.84
N PRO A 631 -11.74 1.15 -17.75
CA PRO A 631 -11.34 0.38 -16.57
C PRO A 631 -12.54 -0.05 -15.75
N SER A 632 -12.64 -1.36 -15.52
CA SER A 632 -13.78 -1.91 -14.79
C SER A 632 -13.39 -3.27 -14.24
N LYS A 633 -13.80 -3.52 -12.99
CA LYS A 633 -13.46 -4.77 -12.33
C LYS A 633 -14.07 -5.97 -13.06
N ARG A 634 -15.16 -5.76 -13.80
CA ARG A 634 -15.85 -6.86 -14.43
C ARG A 634 -15.00 -7.53 -15.50
N SER A 635 -14.38 -6.74 -16.38
CA SER A 635 -13.50 -7.32 -17.40
C SER A 635 -12.28 -7.98 -16.77
N GLN A 636 -11.77 -7.41 -15.68
CA GLN A 636 -10.65 -8.02 -14.98
C GLN A 636 -11.02 -9.42 -14.48
N LYS A 637 -12.14 -9.52 -13.77
CA LYS A 637 -12.58 -10.83 -13.29
C LYS A 637 -12.89 -11.77 -14.45
N LEU A 638 -13.40 -11.24 -15.56
CA LEU A 638 -13.69 -12.08 -16.71
C LEU A 638 -12.42 -12.72 -17.25
N LEU A 639 -11.38 -11.93 -17.47
CA LEU A 639 -10.17 -12.49 -18.04
C LEU A 639 -9.40 -13.34 -17.02
N GLN A 640 -9.61 -13.10 -15.73
CA GLN A 640 -9.05 -14.01 -14.73
C GLN A 640 -9.76 -15.37 -14.79
N ASN A 641 -11.08 -15.37 -14.83
CA ASN A 641 -11.78 -16.61 -15.06
C ASN A 641 -11.38 -17.25 -16.39
N LEU A 642 -10.97 -16.44 -17.37
CA LEU A 642 -10.45 -16.96 -18.63
C LEU A 642 -9.12 -17.69 -18.48
N ARG A 643 -8.18 -17.15 -17.70
CA ARG A 643 -6.95 -17.91 -17.47
C ARG A 643 -7.24 -19.20 -16.73
N TYR A 644 -8.18 -19.17 -15.79
CA TYR A 644 -8.60 -20.41 -15.14
C TYR A 644 -9.17 -21.40 -16.16
N PHE A 645 -9.99 -20.90 -17.08
CA PHE A 645 -10.62 -21.77 -18.07
C PHE A 645 -9.58 -22.39 -19.00
N ILE A 646 -8.58 -21.62 -19.42
CA ILE A 646 -7.58 -22.20 -20.32
C ILE A 646 -6.69 -23.19 -19.58
N MET A 647 -6.35 -22.90 -18.31
CA MET A 647 -5.65 -23.89 -17.52
C MET A 647 -6.44 -25.19 -17.45
N ALA A 648 -7.75 -25.11 -17.25
CA ALA A 648 -8.56 -26.31 -17.26
C ALA A 648 -8.62 -26.98 -18.61
N TYR A 649 -8.66 -26.19 -19.69
CA TYR A 649 -8.75 -26.75 -21.04
C TYR A 649 -7.52 -27.57 -21.39
N VAL A 650 -6.33 -27.08 -21.03
CA VAL A 650 -5.12 -27.80 -21.41
C VAL A 650 -4.93 -29.05 -20.56
N SER A 651 -5.57 -29.12 -19.39
CA SER A 651 -5.35 -30.21 -18.46
C SER A 651 -6.05 -31.49 -18.90
N ASP A 652 -6.02 -32.51 -18.04
CA ASP A 652 -6.61 -33.81 -18.34
C ASP A 652 -7.97 -33.99 -17.67
N TYR A 653 -8.03 -33.84 -16.35
CA TYR A 653 -9.27 -33.96 -15.61
C TYR A 653 -9.57 -32.63 -14.92
N TYR A 654 -10.77 -32.10 -15.15
CA TYR A 654 -11.19 -30.85 -14.55
C TYR A 654 -12.37 -31.08 -13.63
N HIS A 655 -12.73 -30.05 -12.88
CA HIS A 655 -13.80 -30.15 -11.90
C HIS A 655 -15.14 -29.79 -12.56
N LYS A 656 -16.19 -30.49 -12.13
CA LYS A 656 -17.50 -30.33 -12.77
C LYS A 656 -18.10 -28.96 -12.49
N ASP A 657 -17.78 -28.36 -11.34
CA ASP A 657 -18.35 -27.08 -10.95
C ASP A 657 -17.51 -25.90 -11.39
N LEU A 658 -16.77 -26.03 -12.49
CA LEU A 658 -15.85 -24.98 -12.91
C LEU A 658 -16.57 -23.80 -13.55
N ILE A 659 -17.39 -24.08 -14.57
CA ILE A 659 -18.01 -23.02 -15.35
C ILE A 659 -19.00 -22.21 -14.53
N ASP A 660 -19.39 -22.71 -13.36
CA ASP A 660 -20.26 -21.92 -12.49
C ASP A 660 -19.54 -20.68 -11.97
N LYS A 661 -18.21 -20.75 -11.82
CA LYS A 661 -17.42 -19.64 -11.30
C LYS A 661 -16.80 -18.80 -12.42
N VAL A 662 -17.09 -19.12 -13.67
CA VAL A 662 -16.55 -18.37 -14.80
C VAL A 662 -17.58 -17.39 -15.36
N ARG A 663 -18.87 -17.65 -15.15
CA ARG A 663 -19.90 -16.73 -15.59
C ARG A 663 -20.04 -15.58 -14.59
N GLU A 664 -20.15 -14.36 -15.10
CA GLU A 664 -20.33 -13.17 -14.27
C GLU A 664 -21.46 -12.33 -14.82
N GLU A 665 -21.79 -11.27 -14.08
CA GLU A 665 -22.78 -10.31 -14.54
C GLU A 665 -22.09 -9.17 -15.28
N LEU A 666 -22.53 -8.91 -16.50
CA LEU A 666 -21.96 -7.86 -17.34
C LEU A 666 -23.05 -6.88 -17.74
N ILE A 667 -22.70 -5.60 -17.78
CA ILE A 667 -23.63 -4.52 -18.04
C ILE A 667 -22.99 -3.60 -19.09
N THR A 668 -23.71 -2.54 -19.47
CA THR A 668 -23.19 -1.43 -20.26
C THR A 668 -22.79 -1.83 -21.69
N ASP A 669 -23.07 -3.08 -22.07
CA ASP A 669 -22.95 -3.54 -23.45
C ASP A 669 -21.53 -3.50 -23.99
N VAL A 670 -20.56 -3.10 -23.16
CA VAL A 670 -19.17 -3.09 -23.57
C VAL A 670 -18.48 -4.38 -23.18
N GLU A 671 -18.72 -4.86 -21.96
CA GLU A 671 -18.21 -6.15 -21.54
C GLU A 671 -18.69 -7.27 -22.45
N PHE A 672 -19.91 -7.17 -22.99
CA PHE A 672 -20.37 -8.16 -23.94
C PHE A 672 -19.54 -8.13 -25.22
N LEU A 673 -19.17 -6.93 -25.67
CA LEU A 673 -18.30 -6.83 -26.83
C LEU A 673 -16.92 -7.42 -26.55
N LEU A 674 -16.40 -7.18 -25.34
CA LEU A 674 -15.13 -7.80 -24.95
C LEU A 674 -15.24 -9.31 -24.95
N TYR A 675 -16.36 -9.85 -24.46
CA TYR A 675 -16.55 -11.29 -24.46
C TYR A 675 -16.66 -11.85 -25.89
N ARG A 676 -17.32 -11.12 -26.78
CA ARG A 676 -17.39 -11.54 -28.17
C ARG A 676 -16.00 -11.56 -28.79
N LEU A 677 -15.19 -10.55 -28.50
CA LEU A 677 -13.81 -10.52 -28.99
C LEU A 677 -13.02 -11.71 -28.46
N LEU A 678 -13.15 -12.01 -27.17
CA LEU A 678 -12.43 -13.13 -26.60
C LEU A 678 -12.89 -14.46 -27.19
N ARG A 679 -14.20 -14.61 -27.43
CA ARG A 679 -14.70 -15.84 -28.04
C ARG A 679 -14.15 -16.01 -29.44
N THR A 680 -14.19 -14.96 -30.25
CA THR A 680 -13.63 -15.03 -31.60
C THR A 680 -12.14 -15.33 -31.57
N LEU A 681 -11.41 -14.76 -30.61
CA LEU A 681 -9.97 -15.03 -30.51
C LEU A 681 -9.71 -16.49 -30.15
N MET A 682 -10.46 -17.01 -29.18
CA MET A 682 -10.31 -18.42 -28.81
C MET A 682 -10.68 -19.34 -29.96
N GLY A 683 -11.69 -18.96 -30.75
CA GLY A 683 -12.04 -19.78 -31.90
C GLY A 683 -11.00 -19.74 -33.00
N LEU A 684 -10.39 -18.59 -33.23
CA LEU A 684 -9.33 -18.47 -34.22
C LEU A 684 -8.05 -19.15 -33.77
N VAL A 685 -7.82 -19.24 -32.46
CA VAL A 685 -6.57 -19.80 -31.96
C VAL A 685 -6.71 -21.29 -31.69
N LEU A 686 -7.85 -21.72 -31.15
CA LEU A 686 -8.04 -23.10 -30.72
C LEU A 686 -9.03 -23.85 -31.61
N SER A 687 -8.96 -23.61 -32.92
CA SER A 687 -9.80 -24.32 -33.88
C SER A 687 -9.20 -25.68 -34.17
N GLU A 688 -9.66 -26.33 -35.24
CA GLU A 688 -9.06 -27.59 -35.67
C GLU A 688 -7.61 -27.37 -36.10
N ASP A 689 -6.88 -28.48 -36.20
CA ASP A 689 -5.48 -28.48 -36.62
C ASP A 689 -4.62 -27.59 -35.72
N VAL A 690 -4.52 -27.96 -34.44
CA VAL A 690 -3.72 -27.24 -33.47
C VAL A 690 -2.60 -28.16 -33.00
N LYS A 691 -2.72 -29.45 -33.31
CA LYS A 691 -1.80 -30.46 -32.81
C LYS A 691 -0.36 -30.23 -33.23
N SER A 692 -0.08 -29.20 -34.03
CA SER A 692 1.30 -28.85 -34.36
C SER A 692 2.07 -28.46 -33.10
N MET A 693 1.60 -27.42 -32.41
CA MET A 693 2.22 -26.97 -31.17
C MET A 693 1.12 -26.51 -30.21
N MET A 694 1.44 -26.54 -28.92
CA MET A 694 0.43 -26.17 -27.92
C MET A 694 1.00 -25.16 -26.92
N THR A 695 2.31 -25.17 -26.72
CA THR A 695 2.92 -24.31 -25.71
C THR A 695 2.73 -22.84 -26.06
N ASN A 696 2.92 -22.48 -27.33
CA ASN A 696 2.89 -21.08 -27.72
C ASN A 696 1.50 -20.49 -27.55
N ARG A 697 0.46 -21.20 -27.98
CA ARG A 697 -0.90 -20.70 -27.84
C ARG A 697 -1.32 -20.61 -26.38
N PHE A 698 -0.92 -21.58 -25.57
CA PHE A 698 -1.20 -21.53 -24.14
C PHE A 698 -0.56 -20.31 -23.50
N LYS A 699 0.72 -20.07 -23.83
CA LYS A 699 1.39 -18.87 -23.36
C LYS A 699 0.69 -17.61 -23.84
N PHE A 700 0.18 -17.62 -25.07
CA PHE A 700 -0.50 -16.45 -25.61
C PHE A 700 -1.79 -16.15 -24.84
N ILE A 701 -2.55 -17.19 -24.52
CA ILE A 701 -3.79 -16.95 -23.78
C ILE A 701 -3.51 -16.52 -22.35
N LEU A 702 -2.48 -17.11 -21.73
CA LEU A 702 -2.05 -16.65 -20.42
C LEU A 702 -1.65 -15.18 -20.46
N ASN A 703 -0.99 -14.78 -21.55
CA ASN A 703 -0.63 -13.37 -21.71
C ASN A 703 -1.85 -12.49 -21.96
N ILE A 704 -2.91 -13.00 -22.58
CA ILE A 704 -4.11 -12.19 -22.70
C ILE A 704 -4.75 -11.96 -21.31
N SER A 705 -4.75 -12.97 -20.47
CA SER A 705 -5.22 -12.75 -19.10
C SER A 705 -4.33 -11.73 -18.37
N TYR A 706 -3.05 -12.04 -18.22
CA TYR A 706 -2.20 -11.06 -17.56
C TYR A 706 -2.04 -9.78 -18.36
N MET A 707 -2.70 -9.69 -19.52
CA MET A 707 -2.97 -8.41 -20.14
C MET A 707 -4.16 -7.74 -19.48
N CYS A 708 -5.15 -8.52 -19.07
CA CYS A 708 -6.17 -7.91 -18.21
C CYS A 708 -5.56 -7.42 -16.92
N HIS A 709 -4.38 -7.93 -16.58
CA HIS A 709 -3.63 -7.36 -15.46
C HIS A 709 -3.23 -5.90 -15.68
N PHE A 710 -3.56 -5.31 -16.84
CA PHE A 710 -3.22 -3.91 -17.10
C PHE A 710 -4.12 -2.96 -16.31
N ILE A 711 -5.35 -3.37 -16.01
CA ILE A 711 -6.30 -2.48 -15.35
C ILE A 711 -5.74 -2.06 -14.00
N THR A 712 -5.88 -0.78 -13.68
CA THR A 712 -5.42 -0.27 -12.39
C THR A 712 -6.24 -0.90 -11.27
N LYS A 713 -5.58 -1.23 -10.17
CA LYS A 713 -6.19 -1.89 -9.03
C LYS A 713 -6.23 -0.86 -7.90
N GLU A 714 -7.29 -0.06 -7.88
CA GLU A 714 -7.41 1.02 -6.90
C GLU A 714 -8.84 1.15 -6.39
N THR A 715 -9.47 0.00 -6.07
CA THR A 715 -10.78 -0.11 -5.42
C THR A 715 -11.78 0.92 -5.96
N PRO A 716 -12.32 0.71 -7.15
CA PRO A 716 -13.16 1.74 -7.79
C PRO A 716 -14.30 2.26 -6.92
N ASP A 717 -14.67 1.56 -5.84
CA ASP A 717 -15.70 2.04 -4.93
C ASP A 717 -15.42 1.46 -3.55
N ARG A 718 -15.33 2.33 -2.55
CA ARG A 718 -14.86 1.89 -1.23
C ARG A 718 -15.99 1.21 -0.45
N LEU A 719 -17.13 1.88 -0.32
CA LEU A 719 -18.17 1.38 0.58
C LEU A 719 -18.76 0.06 0.07
N THR A 720 -18.95 -0.07 -1.24
CA THR A 720 -19.49 -1.31 -1.78
C THR A 720 -18.50 -2.46 -1.58
N ASP A 721 -17.20 -2.20 -1.76
CA ASP A 721 -16.21 -3.24 -1.53
C ASP A 721 -16.14 -3.64 -0.06
N GLN A 722 -16.26 -2.68 0.86
CA GLN A 722 -16.29 -3.03 2.28
C GLN A 722 -17.51 -3.87 2.61
N ILE A 723 -18.68 -3.49 2.06
CA ILE A 723 -19.88 -4.29 2.27
C ILE A 723 -19.69 -5.70 1.73
N LYS A 724 -19.09 -5.83 0.56
CA LYS A 724 -18.91 -7.15 -0.04
C LYS A 724 -17.93 -8.00 0.76
N CYS A 725 -16.83 -7.42 1.25
CA CYS A 725 -15.89 -8.21 2.03
C CYS A 725 -16.49 -8.61 3.37
N PHE A 726 -17.23 -7.72 4.01
CA PHE A 726 -17.92 -8.09 5.25
C PHE A 726 -18.95 -9.18 5.00
N GLU A 727 -19.65 -9.14 3.86
CA GLU A 727 -20.61 -10.18 3.53
C GLU A 727 -19.93 -11.53 3.34
N LYS A 728 -18.82 -11.54 2.59
CA LYS A 728 -18.05 -12.78 2.43
C LYS A 728 -17.54 -13.27 3.78
N PHE A 729 -17.25 -12.36 4.70
CA PHE A 729 -16.79 -12.77 6.03
C PHE A 729 -17.92 -13.40 6.84
N LEU A 730 -19.11 -12.82 6.79
CA LEU A 730 -20.18 -13.19 7.70
C LEU A 730 -21.06 -14.33 7.20
N GLU A 731 -21.19 -14.51 5.88
CA GLU A 731 -22.11 -15.54 5.37
C GLU A 731 -21.81 -16.93 5.90
N PRO A 732 -20.56 -17.41 5.86
CA PRO A 732 -20.29 -18.76 6.40
C PRO A 732 -20.52 -18.85 7.90
N LYS A 733 -20.52 -17.73 8.62
CA LYS A 733 -20.81 -17.78 10.05
C LYS A 733 -22.29 -18.09 10.30
N VAL A 734 -23.19 -17.35 9.64
CA VAL A 734 -24.61 -17.57 9.84
C VAL A 734 -25.07 -18.85 9.15
N LYS A 735 -24.36 -19.32 8.12
CA LYS A 735 -24.68 -20.62 7.57
C LYS A 735 -24.44 -21.73 8.57
N PHE A 736 -23.48 -21.53 9.48
CA PHE A 736 -23.21 -22.51 10.53
C PHE A 736 -24.15 -22.32 11.72
N GLY A 737 -24.33 -21.07 12.16
CA GLY A 737 -25.26 -20.79 13.23
C GLY A 737 -24.63 -20.44 14.56
N HIS A 738 -23.52 -19.71 14.54
CA HIS A 738 -22.84 -19.27 15.75
C HIS A 738 -22.45 -17.81 15.65
N VAL A 739 -23.39 -16.96 15.25
CA VAL A 739 -23.18 -15.52 15.26
C VAL A 739 -23.54 -15.00 16.64
N SER A 740 -22.66 -14.21 17.23
CA SER A 740 -22.86 -13.70 18.58
C SER A 740 -23.06 -12.19 18.56
N ILE A 741 -23.66 -11.68 19.62
CA ILE A 741 -23.87 -10.26 19.79
C ILE A 741 -22.87 -9.76 20.82
N ASN A 742 -22.64 -8.45 20.82
CA ASN A 742 -21.62 -7.75 21.60
C ASN A 742 -21.57 -8.22 23.05
N PRO A 743 -20.49 -8.90 23.46
CA PRO A 743 -20.31 -9.19 24.89
C PRO A 743 -19.47 -8.11 25.56
N ALA A 744 -19.34 -8.14 26.88
CA ALA A 744 -18.63 -7.09 27.61
C ALA A 744 -17.58 -7.69 28.53
N ASP A 745 -16.41 -8.02 27.96
CA ASP A 745 -15.19 -8.26 28.72
C ASP A 745 -15.31 -9.41 29.71
N THR A 746 -16.44 -10.10 29.73
CA THR A 746 -16.69 -11.15 30.69
C THR A 746 -17.04 -12.45 29.96
N ALA A 747 -17.38 -13.47 30.74
CA ALA A 747 -17.74 -14.78 30.21
C ALA A 747 -19.01 -15.25 30.89
N THR A 748 -20.15 -15.05 30.25
CA THR A 748 -21.43 -15.47 30.81
C THR A 748 -21.62 -16.97 30.58
N GLU A 749 -22.70 -17.51 31.15
CA GLU A 749 -22.91 -18.95 31.08
C GLU A 749 -23.36 -19.40 29.70
N GLU A 750 -24.33 -18.71 29.10
CA GLU A 750 -24.94 -19.20 27.87
C GLU A 750 -23.95 -19.21 26.72
N GLU A 751 -23.07 -18.21 26.64
CA GLU A 751 -22.11 -18.18 25.54
C GLU A 751 -21.06 -19.27 25.69
N LEU A 752 -20.62 -19.57 26.92
CA LEU A 752 -19.71 -20.69 27.09
C LEU A 752 -20.40 -22.01 26.75
N ASP A 753 -21.67 -22.15 27.16
CA ASP A 753 -22.40 -23.38 26.84
C ASP A 753 -22.55 -23.58 25.34
N ASP A 754 -22.96 -22.55 24.61
CA ASP A 754 -23.10 -22.72 23.16
C ASP A 754 -21.74 -22.83 22.49
N MET A 755 -20.68 -22.23 23.06
CA MET A 755 -19.33 -22.44 22.56
C MET A 755 -18.96 -23.91 22.63
N VAL A 756 -19.18 -24.54 23.78
CA VAL A 756 -18.86 -25.96 23.93
C VAL A 756 -19.75 -26.80 23.01
N TYR A 757 -21.03 -26.44 22.90
CA TYR A 757 -21.94 -27.20 22.05
C TYR A 757 -21.52 -27.14 20.59
N ASN A 758 -21.14 -25.96 20.10
CA ASN A 758 -20.71 -25.83 18.72
C ASN A 758 -19.32 -26.39 18.49
N ALA A 759 -18.47 -26.43 19.53
CA ALA A 759 -17.19 -27.12 19.39
C ALA A 759 -17.41 -28.63 19.25
N LYS A 760 -18.37 -29.17 19.98
CA LYS A 760 -18.71 -30.58 19.81
C LYS A 760 -19.36 -30.84 18.46
N LYS A 761 -20.23 -29.93 18.01
CA LYS A 761 -20.83 -30.07 16.68
C LYS A 761 -19.78 -29.97 15.59
N PHE A 762 -18.71 -29.20 15.83
CA PHE A 762 -17.64 -29.05 14.85
C PHE A 762 -16.96 -30.38 14.55
N LEU A 763 -17.10 -31.35 15.45
CA LEU A 763 -16.39 -32.62 15.33
C LEU A 763 -17.30 -33.76 14.90
N SER A 764 -18.60 -33.50 14.71
CA SER A 764 -19.51 -34.57 14.29
C SER A 764 -19.12 -35.12 12.92
N LYS A 765 -19.31 -34.29 11.88
CA LYS A 765 -18.85 -34.57 10.53
C LYS A 765 -19.07 -36.02 10.11
N GLY A 766 -20.32 -36.47 10.08
CA GLY A 766 -20.64 -37.84 9.74
C GLY A 766 -20.03 -38.33 8.45
N GLY A 767 -19.22 -39.38 8.55
CA GLY A 767 -18.53 -39.93 7.40
C GLY A 767 -19.45 -40.75 6.51
N CYS A 768 -18.84 -41.37 5.50
CA CYS A 768 -19.55 -42.13 4.49
C CYS A 768 -20.21 -43.39 5.04
N THR A 769 -19.99 -43.73 6.30
CA THR A 769 -20.62 -44.92 6.87
C THR A 769 -22.12 -44.73 7.03
N SER A 770 -22.57 -43.48 7.15
CA SER A 770 -24.00 -43.19 7.27
C SER A 770 -24.62 -43.14 5.88
N ALA A 771 -25.89 -42.73 5.82
CA ALA A 771 -26.60 -42.62 4.54
C ALA A 771 -26.51 -41.23 3.94
N LYS A 772 -26.00 -40.24 4.68
CA LYS A 772 -25.85 -38.88 4.17
C LYS A 772 -24.46 -38.33 4.48
N GLY A 773 -23.44 -39.18 4.48
CA GLY A 773 -22.09 -38.79 4.84
C GLY A 773 -21.51 -37.68 3.99
N PRO A 774 -21.31 -37.94 2.70
CA PRO A 774 -20.62 -36.95 1.84
C PRO A 774 -21.45 -35.70 1.58
N SER A 775 -21.50 -34.82 2.59
CA SER A 775 -22.14 -33.52 2.40
C SER A 775 -21.29 -32.62 1.49
N TYR A 776 -19.98 -32.75 1.58
CA TYR A 776 -18.99 -32.18 0.66
C TYR A 776 -18.82 -30.67 0.74
N LYS A 777 -19.60 -29.97 1.56
CA LYS A 777 -19.35 -28.53 1.69
C LYS A 777 -19.48 -28.05 3.13
N LYS A 778 -19.84 -28.94 4.03
CA LYS A 778 -20.06 -28.48 5.40
C LYS A 778 -18.73 -28.39 6.16
N PRO A 779 -18.52 -27.32 6.91
CA PRO A 779 -17.30 -27.23 7.73
C PRO A 779 -17.37 -28.18 8.91
N GLY A 780 -16.20 -28.69 9.29
CA GLY A 780 -16.11 -29.62 10.40
C GLY A 780 -15.28 -30.85 10.06
N VAL A 781 -14.56 -31.37 11.05
CA VAL A 781 -13.65 -32.48 10.84
C VAL A 781 -14.17 -33.70 11.60
N SER A 782 -14.09 -34.87 10.96
CA SER A 782 -14.58 -36.09 11.57
C SER A 782 -13.64 -36.57 12.66
N LYS A 783 -14.24 -37.14 13.72
CA LYS A 783 -13.45 -37.59 14.85
C LYS A 783 -12.56 -38.77 14.47
N LYS A 784 -13.06 -39.70 13.65
CA LYS A 784 -12.29 -40.87 13.30
C LYS A 784 -11.06 -40.51 12.48
N TYR A 785 -11.20 -39.62 11.50
CA TYR A 785 -10.06 -39.26 10.67
C TYR A 785 -9.02 -38.46 11.46
N LEU A 786 -9.49 -37.57 12.35
CA LEU A 786 -8.56 -36.86 13.21
C LEU A 786 -7.80 -37.82 14.12
N SER A 787 -8.49 -38.82 14.67
CA SER A 787 -7.83 -39.79 15.52
C SER A 787 -6.82 -40.62 14.73
N LEU A 788 -7.18 -41.03 13.51
CA LEU A 788 -6.23 -41.73 12.65
C LEU A 788 -5.00 -40.89 12.37
N LEU A 789 -5.20 -39.60 12.06
CA LEU A 789 -4.07 -38.72 11.78
C LEU A 789 -3.17 -38.58 12.99
N THR A 790 -3.74 -38.34 14.16
CA THR A 790 -2.93 -38.18 15.36
C THR A 790 -2.19 -39.47 15.70
N SER A 791 -2.84 -40.62 15.52
CA SER A 791 -2.16 -41.89 15.80
C SER A 791 -1.04 -42.17 14.82
N SER A 792 -1.22 -41.82 13.55
CA SER A 792 -0.16 -42.02 12.57
C SER A 792 0.97 -41.01 12.73
N PHE A 793 0.70 -39.85 13.33
CA PHE A 793 1.76 -38.88 13.60
C PHE A 793 2.56 -39.24 14.85
N ASN A 794 1.88 -39.64 15.93
CA ASN A 794 2.60 -40.04 17.13
C ASN A 794 3.45 -41.27 16.89
N ASN A 795 2.98 -42.20 16.06
CA ASN A 795 3.81 -43.31 15.63
C ASN A 795 4.89 -42.81 14.68
N GLY A 796 6.08 -43.39 14.80
CA GLY A 796 7.20 -42.99 13.98
C GLY A 796 7.13 -43.51 12.57
N SER A 797 6.02 -43.23 11.89
CA SER A 797 5.82 -43.71 10.52
C SER A 797 5.32 -42.63 9.56
N LEU A 798 4.93 -41.45 10.04
CA LEU A 798 4.40 -40.42 9.15
C LEU A 798 5.52 -39.57 8.57
N PHE A 799 6.32 -38.94 9.43
CA PHE A 799 7.39 -38.07 8.99
C PHE A 799 8.78 -38.62 9.25
N LYS A 800 8.98 -39.33 10.36
CA LYS A 800 10.27 -39.90 10.77
C LYS A 800 11.45 -38.97 10.51
N PHE A 845 -27.04 25.50 16.72
CA PHE A 845 -27.21 24.98 15.37
C PHE A 845 -27.72 23.54 15.37
N ASN A 846 -27.46 22.79 16.44
CA ASN A 846 -27.92 21.41 16.50
C ASN A 846 -29.45 21.33 16.47
N LYS A 847 -30.12 22.22 17.20
CA LYS A 847 -31.58 22.20 17.21
C LYS A 847 -32.15 22.51 15.82
N LEU A 848 -31.60 23.52 15.15
CA LEU A 848 -32.12 23.89 13.84
C LEU A 848 -31.85 22.80 12.81
N THR A 849 -30.67 22.19 12.85
CA THR A 849 -30.41 21.13 11.87
C THR A 849 -31.23 19.88 12.17
N ALA A 850 -31.50 19.60 13.45
CA ALA A 850 -32.32 18.43 13.78
C ALA A 850 -33.76 18.65 13.37
N LEU A 851 -34.30 19.84 13.60
CA LEU A 851 -35.65 20.12 13.13
C LEU A 851 -35.72 20.14 11.61
N ALA A 852 -34.63 20.54 10.96
CA ALA A 852 -34.56 20.44 9.50
C ALA A 852 -34.63 18.99 9.04
N VAL A 853 -33.88 18.11 9.72
CA VAL A 853 -33.97 16.67 9.40
C VAL A 853 -35.40 16.16 9.58
N SER A 854 -36.05 16.54 10.67
CA SER A 854 -37.40 16.05 10.92
C SER A 854 -38.38 16.55 9.86
N GLN A 855 -38.31 17.85 9.53
CA GLN A 855 -39.24 18.37 8.53
C GLN A 855 -38.93 17.83 7.14
N LEU A 856 -37.67 17.51 6.85
CA LEU A 856 -37.36 16.92 5.54
C LEU A 856 -37.83 15.47 5.49
N THR A 857 -37.80 14.76 6.62
CA THR A 857 -38.41 13.44 6.65
C THR A 857 -39.92 13.53 6.46
N GLU A 858 -40.55 14.53 7.07
CA GLU A 858 -41.97 14.78 6.83
C GLU A 858 -42.23 15.01 5.35
N VAL A 859 -41.36 15.81 4.71
CA VAL A 859 -41.45 16.02 3.26
C VAL A 859 -41.35 14.70 2.52
N PHE A 860 -40.34 13.90 2.84
CA PHE A 860 -40.17 12.60 2.20
C PHE A 860 -41.40 11.72 2.37
N SER A 861 -42.12 11.90 3.47
CA SER A 861 -43.33 11.09 3.70
C SER A 861 -44.50 11.60 2.86
N ARG A 862 -44.88 12.87 3.07
CA ARG A 862 -46.09 13.39 2.43
C ARG A 862 -45.78 14.36 1.29
N LYS A 863 -44.95 15.37 1.56
CA LYS A 863 -44.72 16.43 0.59
C LYS A 863 -43.85 15.93 -0.57
N GLY A 864 -44.49 15.49 -1.65
CA GLY A 864 -43.75 14.91 -2.76
C GLY A 864 -43.92 15.64 -4.08
N LYS A 865 -44.52 16.83 -4.05
CA LYS A 865 -44.66 17.62 -5.26
C LYS A 865 -43.28 18.02 -5.80
N HIS A 866 -42.44 18.56 -4.93
CA HIS A 866 -41.05 18.82 -5.28
C HIS A 866 -40.25 17.53 -5.13
N LEU A 867 -40.04 16.83 -6.26
CA LEU A 867 -39.51 15.48 -6.25
C LEU A 867 -38.16 15.36 -5.56
N LEU A 868 -37.13 16.00 -6.13
CA LEU A 868 -35.78 15.91 -5.59
C LEU A 868 -34.98 17.13 -6.00
N ASN A 869 -34.82 18.07 -5.05
CA ASN A 869 -33.92 19.20 -5.24
C ASN A 869 -33.19 19.48 -3.93
N LYS A 870 -32.91 18.42 -3.16
CA LYS A 870 -32.36 18.57 -1.82
C LYS A 870 -31.16 17.64 -1.64
N GLN A 871 -30.24 17.66 -2.60
CA GLN A 871 -29.08 16.77 -2.52
C GLN A 871 -28.21 17.09 -1.30
N ASP A 872 -27.77 18.35 -1.18
CA ASP A 872 -26.99 18.76 -0.01
C ASP A 872 -27.79 18.57 1.27
N TYR A 873 -29.08 18.90 1.25
CA TYR A 873 -29.94 18.61 2.39
C TYR A 873 -29.97 17.12 2.69
N GLU A 874 -30.04 16.27 1.66
CA GLU A 874 -29.97 14.84 1.88
C GLU A 874 -28.68 14.44 2.59
N TYR A 875 -27.54 14.96 2.12
CA TYR A 875 -26.28 14.64 2.77
C TYR A 875 -26.26 15.07 4.23
N LYS A 876 -26.69 16.29 4.54
CA LYS A 876 -26.59 16.74 5.92
C LYS A 876 -27.57 16.02 6.83
N VAL A 877 -28.79 15.72 6.36
CA VAL A 877 -29.73 14.99 7.20
C VAL A 877 -29.28 13.55 7.39
N GLN A 878 -28.66 12.95 6.36
CA GLN A 878 -28.10 11.62 6.49
C GLN A 878 -27.00 11.60 7.54
N GLN A 879 -26.07 12.56 7.46
CA GLN A 879 -24.99 12.61 8.45
C GLN A 879 -25.54 12.88 9.85
N ALA A 880 -26.56 13.74 9.96
CA ALA A 880 -27.14 14.05 11.26
C ALA A 880 -27.78 12.80 11.87
N MET A 881 -28.60 12.08 11.09
CA MET A 881 -29.21 10.87 11.60
C MET A 881 -28.17 9.81 11.96
N SER A 882 -27.15 9.62 11.11
CA SER A 882 -26.15 8.60 11.38
C SER A 882 -25.36 8.92 12.64
N ASN A 883 -25.10 10.20 12.90
CA ASN A 883 -24.37 10.56 14.12
C ASN A 883 -25.30 10.59 15.33
N LEU A 884 -26.60 10.78 15.10
CA LEU A 884 -27.52 10.99 16.21
C LEU A 884 -28.05 9.67 16.77
N VAL A 885 -28.55 8.79 15.89
CA VAL A 885 -29.11 7.53 16.35
C VAL A 885 -27.99 6.61 16.84
N LEU A 886 -26.79 6.74 16.28
CA LEU A 886 -25.67 5.96 16.79
C LEU A 886 -25.13 6.55 18.09
N GLY A 887 -25.52 7.79 18.43
CA GLY A 887 -25.14 8.35 19.71
C GLY A 887 -25.84 7.73 20.90
N SER A 888 -27.01 7.15 20.68
CA SER A 888 -27.73 6.43 21.73
C SER A 888 -27.38 4.95 21.77
N LYS A 889 -26.57 4.48 20.83
CA LYS A 889 -26.19 3.07 20.70
C LYS A 889 -24.68 2.95 20.66
N GLN A 890 -24.02 3.58 21.64
CA GLN A 890 -22.57 3.75 21.65
C GLN A 890 -21.79 2.44 21.67
N HIS A 891 -22.47 1.30 21.75
CA HIS A 891 -21.84 -0.03 21.73
C HIS A 891 -20.64 -0.09 22.67
N LYS A 892 -20.97 0.01 23.96
CA LYS A 892 -20.03 0.31 25.04
C LYS A 892 -18.68 -0.39 24.92
N GLY A 893 -17.63 0.32 25.33
CA GLY A 893 -16.26 -0.12 25.22
C GLY A 893 -15.67 -0.54 26.54
N ASP A 894 -14.98 0.40 27.20
CA ASP A 894 -14.28 0.17 28.46
C ASP A 894 -13.02 -0.68 28.23
N ALA A 895 -12.39 -0.45 27.10
CA ALA A 895 -11.08 -0.99 26.77
C ALA A 895 -10.11 0.10 26.35
N ASP A 896 -10.60 1.15 25.67
CA ASP A 896 -9.77 2.27 25.22
C ASP A 896 -8.62 1.80 24.33
N GLU A 897 -8.96 0.95 23.36
CA GLU A 897 -7.95 0.49 22.39
C GLU A 897 -7.90 1.39 21.16
N ALA A 898 -7.87 2.70 21.42
CA ALA A 898 -7.50 3.73 20.46
C ALA A 898 -8.53 3.94 19.36
N ASP A 899 -9.52 3.06 19.24
CA ASP A 899 -10.54 3.20 18.22
C ASP A 899 -11.82 2.54 18.73
N LEU A 900 -12.66 3.33 19.41
CA LEU A 900 -14.01 2.89 19.73
C LEU A 900 -15.08 3.95 19.52
N ASP A 901 -14.75 5.23 19.59
CA ASP A 901 -15.74 6.30 19.52
C ASP A 901 -15.19 7.49 18.74
N GLU A 902 -14.50 7.23 17.63
CA GLU A 902 -13.81 8.32 16.95
C GLU A 902 -14.79 9.22 16.20
N ILE A 903 -15.48 8.67 15.19
CA ILE A 903 -16.37 9.46 14.36
C ILE A 903 -17.51 10.03 15.20
N LEU A 904 -18.00 9.26 16.17
CA LEU A 904 -19.04 9.76 17.07
C LEU A 904 -18.52 10.89 17.96
N LEU A 905 -17.22 11.01 18.15
CA LEU A 905 -16.63 12.14 18.84
C LEU A 905 -16.25 13.28 17.90
N ASP A 906 -15.97 12.98 16.63
CA ASP A 906 -15.79 14.07 15.66
C ASP A 906 -17.09 14.81 15.44
N GLY A 907 -18.18 14.07 15.18
CA GLY A 907 -19.48 14.71 15.10
C GLY A 907 -19.91 15.34 16.42
N GLY A 908 -19.45 14.77 17.53
CA GLY A 908 -19.75 15.28 18.85
C GLY A 908 -18.75 16.28 19.40
N ALA A 909 -17.66 16.55 18.68
CA ALA A 909 -16.66 17.51 19.15
C ALA A 909 -17.18 18.94 19.17
N SER A 910 -18.21 19.24 18.38
CA SER A 910 -18.78 20.58 18.30
C SER A 910 -20.15 20.68 18.95
N THR A 911 -20.59 19.65 19.67
CA THR A 911 -21.92 19.60 20.25
C THR A 911 -21.83 19.45 21.76
N TYR A 912 -22.77 20.07 22.47
CA TYR A 912 -22.82 19.99 23.92
C TYR A 912 -23.46 18.67 24.36
N PHE A 913 -23.12 18.25 25.58
CA PHE A 913 -23.59 16.96 26.08
C PHE A 913 -25.10 16.94 26.28
N ASN A 914 -25.62 17.86 27.09
CA ASN A 914 -27.06 17.95 27.31
C ASN A 914 -27.79 18.21 25.99
N GLN A 915 -27.14 18.88 25.04
CA GLN A 915 -27.71 19.00 23.71
C GLN A 915 -27.92 17.62 23.09
N LEU A 916 -26.90 16.77 23.13
CA LEU A 916 -27.06 15.41 22.62
C LEU A 916 -28.16 14.65 23.35
N LYS A 917 -28.25 14.82 24.67
CA LYS A 917 -29.29 14.13 25.43
C LYS A 917 -30.69 14.55 24.95
N GLU A 918 -30.93 15.86 24.86
CA GLU A 918 -32.26 16.30 24.44
C GLU A 918 -32.53 15.93 23.00
N THR A 919 -31.51 15.97 22.14
CA THR A 919 -31.72 15.56 20.74
C THR A 919 -32.07 14.09 20.63
N VAL A 920 -31.37 13.22 21.37
CA VAL A 920 -31.66 11.80 21.24
C VAL A 920 -33.04 11.48 21.81
N GLU A 921 -33.42 12.13 22.92
CA GLU A 921 -34.74 11.83 23.46
C GLU A 921 -35.84 12.35 22.54
N LYS A 922 -35.66 13.55 21.97
CA LYS A 922 -36.69 14.07 21.08
C LYS A 922 -36.76 13.27 19.78
N ILE A 923 -35.63 12.75 19.31
CA ILE A 923 -35.68 12.02 18.05
C ILE A 923 -36.27 10.64 18.26
N VAL A 924 -36.01 9.99 19.40
CA VAL A 924 -36.70 8.72 19.63
C VAL A 924 -38.18 8.97 19.85
N ASP A 925 -38.54 10.10 20.47
CA ASP A 925 -39.95 10.44 20.63
C ASP A 925 -40.62 10.62 19.28
N GLN A 926 -40.02 11.40 18.39
CA GLN A 926 -40.60 11.62 17.07
C GLN A 926 -40.50 10.40 16.18
N TYR A 927 -39.64 9.44 16.51
CA TYR A 927 -39.56 8.19 15.75
C TYR A 927 -40.58 7.16 16.21
N ARG A 928 -41.03 7.25 17.48
CA ARG A 928 -42.10 6.36 17.92
C ARG A 928 -43.46 6.75 17.36
N GLU A 929 -43.61 7.98 16.86
CA GLU A 929 -44.89 8.43 16.32
C GLU A 929 -45.28 7.69 15.05
N PRO A 930 -44.42 7.58 14.03
CA PRO A 930 -44.84 6.85 12.82
C PRO A 930 -45.07 5.38 13.06
N VAL A 931 -44.46 4.80 14.09
CA VAL A 931 -44.67 3.39 14.39
C VAL A 931 -45.63 3.25 15.55
N THR A 1091 -4.48 8.42 48.32
CA THR A 1091 -4.67 7.87 46.99
C THR A 1091 -3.49 8.21 46.09
N THR A 1092 -2.79 7.19 45.62
CA THR A 1092 -1.62 7.34 44.75
C THR A 1092 -1.92 6.86 43.33
N ALA A 1093 -3.15 7.08 42.87
CA ALA A 1093 -3.59 6.57 41.58
C ALA A 1093 -3.26 7.51 40.43
N MET A 1094 -3.74 8.76 40.51
CA MET A 1094 -3.63 9.68 39.38
C MET A 1094 -2.33 10.48 39.39
N LEU A 1095 -1.90 10.94 40.57
CA LEU A 1095 -0.68 11.75 40.62
C LEU A 1095 0.58 10.91 40.47
N LYS A 1096 0.47 9.59 40.63
CA LYS A 1096 1.62 8.71 40.46
C LYS A 1096 1.65 8.02 39.10
N ASN A 1097 0.53 8.00 38.38
CA ASN A 1097 0.49 7.33 37.08
C ASN A 1097 1.36 8.04 36.05
N LEU A 1098 1.18 9.35 35.90
CA LEU A 1098 1.82 10.08 34.81
C LEU A 1098 3.32 10.24 35.01
N CYS A 1099 3.83 10.07 36.24
CA CYS A 1099 5.23 10.35 36.53
C CYS A 1099 6.12 9.12 36.46
N PHE A 1100 5.80 8.08 37.25
CA PHE A 1100 6.76 7.00 37.47
C PHE A 1100 6.33 5.68 36.87
N TYR A 1101 5.18 5.13 37.24
CA TYR A 1101 4.86 3.77 36.82
C TYR A 1101 4.10 3.79 35.50
N SER A 1102 3.96 2.61 34.90
CA SER A 1102 3.50 2.49 33.53
C SER A 1102 1.99 2.36 33.48
N GLN A 1103 1.45 2.06 32.29
CA GLN A 1103 0.02 1.91 32.08
C GLN A 1103 -0.45 0.52 32.48
N GLU A 1104 -1.66 0.15 32.08
CA GLU A 1104 -2.22 -1.16 32.43
C GLU A 1104 -1.34 -2.28 31.92
N SER A 1105 -1.05 -3.23 32.79
CA SER A 1105 -0.21 -4.38 32.52
C SER A 1105 -1.02 -5.66 32.60
N PRO A 1106 -0.62 -6.72 31.88
CA PRO A 1106 -1.35 -7.99 32.00
C PRO A 1106 -1.33 -8.52 33.43
N GLN A 1107 -2.49 -8.94 33.89
CA GLN A 1107 -2.70 -9.41 35.26
C GLN A 1107 -3.32 -10.80 35.22
N SER A 1108 -3.80 -11.26 36.37
CA SER A 1108 -4.38 -12.59 36.50
C SER A 1108 -5.48 -12.83 35.47
N TYR A 1109 -5.22 -13.74 34.55
CA TYR A 1109 -6.08 -13.96 33.39
C TYR A 1109 -6.85 -15.27 33.51
N ASN A 1110 -8.07 -15.26 33.01
CA ASN A 1110 -8.87 -16.47 32.92
C ASN A 1110 -8.49 -17.23 31.66
N SER A 1111 -9.24 -18.28 31.32
CA SER A 1111 -9.02 -19.04 30.10
C SER A 1111 -9.70 -18.40 28.88
N VAL A 1112 -10.01 -17.11 28.95
CA VAL A 1112 -10.72 -16.44 27.87
C VAL A 1112 -9.89 -15.26 27.36
N GLY A 1113 -9.47 -14.38 28.27
CA GLY A 1113 -8.73 -13.20 27.90
C GLY A 1113 -7.52 -12.96 28.76
N PRO A 1114 -6.75 -11.92 28.41
CA PRO A 1114 -5.56 -11.57 29.22
C PRO A 1114 -5.88 -10.65 30.38
N ASP A 1115 -7.15 -10.56 30.76
CA ASP A 1115 -7.62 -9.73 31.87
C ASP A 1115 -7.48 -8.23 31.57
N THR A 1116 -7.10 -7.88 30.35
CA THR A 1116 -7.05 -6.49 29.93
C THR A 1116 -8.03 -6.28 28.79
N GLY A 1117 -8.17 -7.30 27.94
CA GLY A 1117 -9.11 -7.28 26.84
C GLY A 1117 -9.52 -8.69 26.53
N ARG A 1118 -9.92 -8.92 25.28
CA ARG A 1118 -10.26 -10.26 24.81
C ARG A 1118 -9.74 -10.47 23.39
N LEU A 1119 -8.49 -10.08 23.15
CA LEU A 1119 -7.86 -10.20 21.84
C LEU A 1119 -8.64 -9.43 20.78
N LYS A 1120 -8.67 -8.10 20.96
CA LYS A 1120 -9.48 -7.23 20.13
C LYS A 1120 -8.85 -7.09 18.74
N PHE A 1121 -9.52 -7.63 17.73
CA PHE A 1121 -9.10 -7.50 16.35
C PHE A 1121 -10.09 -6.63 15.58
N SER A 1122 -9.66 -6.16 14.41
CA SER A 1122 -10.50 -5.38 13.52
C SER A 1122 -10.29 -5.83 12.09
N LEU A 1123 -11.33 -5.72 11.27
CA LEU A 1123 -11.31 -6.23 9.90
C LEU A 1123 -11.24 -5.08 8.91
N SER A 1124 -10.65 -5.37 7.74
CA SER A 1124 -10.58 -4.41 6.66
C SER A 1124 -10.35 -5.18 5.36
N TYR A 1125 -10.43 -4.46 4.25
CA TYR A 1125 -10.18 -5.06 2.95
C TYR A 1125 -8.77 -4.73 2.46
N LYS A 1126 -8.29 -5.54 1.52
CA LYS A 1126 -6.97 -5.36 0.94
C LYS A 1126 -7.10 -5.24 -0.57
N GLU A 1127 -6.30 -4.35 -1.14
CA GLU A 1127 -6.34 -4.09 -2.58
C GLU A 1127 -5.57 -5.20 -3.29
N GLN A 1128 -6.25 -5.97 -4.12
CA GLN A 1128 -5.64 -7.04 -4.90
C GLN A 1128 -6.29 -7.11 -6.27
N VAL A 1129 -5.51 -7.53 -7.26
CA VAL A 1129 -6.00 -7.56 -8.63
C VAL A 1129 -7.01 -8.66 -8.85
N GLY A 1130 -7.01 -9.70 -8.02
CA GLY A 1130 -7.95 -10.80 -8.18
C GLY A 1130 -9.25 -10.57 -7.43
N GLY A 1131 -9.15 -10.31 -6.14
CA GLY A 1131 -10.32 -10.07 -5.31
C GLY A 1131 -9.91 -9.41 -4.01
N ASN A 1132 -10.90 -8.87 -3.32
CA ASN A 1132 -10.67 -8.16 -2.07
C ASN A 1132 -10.33 -9.17 -0.99
N ARG A 1133 -9.05 -9.24 -0.62
CA ARG A 1133 -8.60 -10.11 0.45
C ARG A 1133 -8.97 -9.50 1.80
N GLU A 1134 -9.18 -10.36 2.79
CA GLU A 1134 -9.48 -9.89 4.13
C GLU A 1134 -8.18 -9.57 4.87
N LEU A 1135 -8.24 -8.57 5.76
CA LEU A 1135 -7.08 -8.15 6.52
C LEU A 1135 -7.49 -7.92 7.97
N TYR A 1136 -6.74 -8.49 8.90
CA TYR A 1136 -7.01 -8.39 10.33
C TYR A 1136 -5.91 -7.57 10.97
N ILE A 1137 -6.29 -6.55 11.73
CA ILE A 1137 -5.35 -5.64 12.39
C ILE A 1137 -5.66 -5.60 13.87
N GLY A 1138 -4.60 -5.55 14.69
CA GLY A 1138 -4.78 -5.54 16.13
C GLY A 1138 -3.75 -4.74 16.89
N ASP A 1139 -3.81 -4.79 18.21
CA ASP A 1139 -2.88 -4.07 19.07
C ASP A 1139 -1.53 -4.77 19.11
N LEU A 1140 -0.55 -4.09 19.68
CA LEU A 1140 0.80 -4.64 19.77
C LEU A 1140 0.86 -5.82 20.74
N ARG A 1141 0.05 -5.82 21.79
CA ARG A 1141 0.02 -6.94 22.73
C ARG A 1141 -0.44 -8.21 22.02
N THR A 1142 -1.60 -8.15 21.36
CA THR A 1142 -2.08 -9.25 20.55
C THR A 1142 -1.09 -9.63 19.47
N LYS A 1143 -0.44 -8.65 18.84
CA LYS A 1143 0.56 -8.94 17.82
C LYS A 1143 1.72 -9.74 18.39
N MET A 1144 2.16 -9.42 19.60
CA MET A 1144 3.26 -10.17 20.22
C MET A 1144 2.82 -11.57 20.60
N PHE A 1145 1.59 -11.72 21.10
CA PHE A 1145 1.10 -13.07 21.42
C PHE A 1145 1.05 -13.94 20.16
N THR A 1146 0.46 -13.41 19.09
CA THR A 1146 0.43 -14.14 17.84
C THR A 1146 1.83 -14.39 17.28
N ARG A 1147 2.77 -13.46 17.48
CA ARG A 1147 4.13 -13.70 17.02
C ARG A 1147 4.79 -14.82 17.81
N LEU A 1148 4.50 -14.90 19.10
CA LEU A 1148 5.03 -16.00 19.91
C LEU A 1148 4.49 -17.34 19.41
N ILE A 1149 3.18 -17.45 19.24
CA ILE A 1149 2.61 -18.68 18.69
C ILE A 1149 3.22 -18.96 17.31
N GLU A 1150 3.39 -17.91 16.52
CA GLU A 1150 3.83 -18.04 15.14
C GLU A 1150 5.24 -18.60 15.06
N ASP A 1151 6.18 -18.03 15.80
CA ASP A 1151 7.55 -18.53 15.70
C ASP A 1151 7.75 -19.83 16.48
N TYR A 1152 6.93 -20.12 17.49
CA TYR A 1152 6.98 -21.46 18.07
C TYR A 1152 6.58 -22.51 17.03
N PHE A 1153 5.44 -22.32 16.37
CA PHE A 1153 5.06 -23.27 15.33
C PHE A 1153 6.01 -23.22 14.14
N GLU A 1154 6.68 -22.09 13.91
CA GLU A 1154 7.68 -22.02 12.85
C GLU A 1154 8.89 -22.87 13.19
N ALA A 1155 9.33 -22.85 14.44
CA ALA A 1155 10.38 -23.76 14.88
C ALA A 1155 9.94 -25.21 14.73
N LEU A 1156 8.70 -25.50 15.13
CA LEU A 1156 8.17 -26.85 14.97
C LEU A 1156 8.19 -27.30 13.52
N SER A 1157 7.82 -26.41 12.60
CA SER A 1157 7.79 -26.76 11.19
C SER A 1157 9.19 -26.81 10.58
N SER A 1158 10.13 -26.02 11.09
CA SER A 1158 11.51 -26.12 10.61
C SER A 1158 12.16 -27.40 11.09
N GLN A 1159 11.71 -27.94 12.23
CA GLN A 1159 12.08 -29.31 12.58
C GLN A 1159 11.59 -30.29 11.51
N LEU A 1160 10.55 -29.93 10.78
CA LEU A 1160 10.10 -30.70 9.64
C LEU A 1160 10.73 -30.14 8.36
N SER A 1161 10.40 -30.74 7.22
CA SER A 1161 11.00 -30.36 5.95
C SER A 1161 10.02 -30.17 4.81
N GLY A 1162 8.81 -30.73 4.89
CA GLY A 1162 7.90 -30.68 3.75
C GLY A 1162 7.33 -29.32 3.45
N SER A 1163 7.20 -28.45 4.46
CA SER A 1163 6.58 -27.16 4.28
C SER A 1163 7.41 -26.28 3.34
N CYS A 1164 6.73 -25.31 2.72
CA CYS A 1164 7.41 -24.34 1.86
C CYS A 1164 6.62 -23.03 1.93
N LEU A 1165 7.03 -22.14 2.83
CA LEU A 1165 6.44 -20.82 2.94
C LEU A 1165 7.44 -19.70 2.71
N ASN A 1166 8.55 -19.71 3.46
CA ASN A 1166 9.49 -18.60 3.45
C ASN A 1166 10.95 -19.00 3.31
N ASN A 1167 11.28 -20.27 3.53
CA ASN A 1167 12.66 -20.73 3.38
C ASN A 1167 12.95 -20.93 1.90
N GLU A 1168 13.85 -20.10 1.35
CA GLU A 1168 14.15 -20.16 -0.06
C GLU A 1168 14.83 -21.45 -0.48
N LYS A 1169 15.51 -22.13 0.46
CA LYS A 1169 16.17 -23.38 0.12
C LYS A 1169 15.16 -24.45 -0.27
N GLU A 1170 14.14 -24.65 0.56
CA GLU A 1170 13.14 -25.66 0.25
C GLU A 1170 12.27 -25.27 -0.93
N PHE A 1171 12.04 -23.97 -1.12
CA PHE A 1171 11.30 -23.53 -2.30
C PHE A 1171 12.09 -23.81 -3.57
N GLU A 1172 13.39 -23.53 -3.55
CA GLU A 1172 14.24 -23.86 -4.70
C GLU A 1172 14.27 -25.36 -4.94
N ASN A 1173 14.35 -26.16 -3.87
CA ASN A 1173 14.27 -27.61 -4.02
C ASN A 1173 12.96 -28.03 -4.66
N ALA A 1174 11.86 -27.37 -4.29
CA ALA A 1174 10.57 -27.66 -4.92
C ALA A 1174 10.59 -27.31 -6.41
N ILE A 1175 11.19 -26.18 -6.78
CA ILE A 1175 11.30 -25.84 -8.19
C ILE A 1175 12.10 -26.89 -8.95
N LEU A 1176 13.22 -27.33 -8.38
CA LEU A 1176 14.03 -28.34 -9.05
C LEU A 1176 13.26 -29.65 -9.20
N SER A 1177 12.57 -30.07 -8.15
CA SER A 1177 11.81 -31.31 -8.24
C SER A 1177 10.67 -31.20 -9.26
N MET A 1178 10.00 -30.05 -9.30
CA MET A 1178 8.93 -29.84 -10.28
C MET A 1178 9.46 -29.87 -11.70
N LYS A 1179 10.58 -29.20 -11.95
CA LYS A 1179 11.19 -29.25 -13.27
C LYS A 1179 11.57 -30.68 -13.65
N LEU A 1180 12.21 -31.40 -12.74
CA LEU A 1180 12.62 -32.77 -13.01
C LEU A 1180 11.44 -33.69 -13.27
N ASN A 1181 10.32 -33.47 -12.57
CA ASN A 1181 9.17 -34.35 -12.76
C ASN A 1181 8.45 -34.02 -14.07
N VAL A 1182 8.29 -32.74 -14.39
CA VAL A 1182 7.64 -32.38 -15.64
C VAL A 1182 8.49 -32.80 -16.83
N SER A 1183 9.82 -32.79 -16.68
CA SER A 1183 10.70 -33.18 -17.78
C SER A 1183 10.53 -34.64 -18.18
N MET A 1184 10.07 -35.49 -17.27
CA MET A 1184 9.84 -36.91 -17.57
C MET A 1184 8.41 -37.20 -18.01
N ALA A 1185 7.62 -36.16 -18.29
CA ALA A 1185 6.25 -36.29 -18.79
C ALA A 1185 5.36 -37.07 -17.82
N HIS A 1186 5.46 -36.76 -16.52
CA HIS A 1186 4.62 -37.39 -15.52
C HIS A 1186 3.37 -36.55 -15.29
N VAL A 1187 2.60 -36.90 -14.26
CA VAL A 1187 1.39 -36.18 -13.90
C VAL A 1187 1.71 -35.23 -12.76
N SER A 1188 1.24 -33.99 -12.87
CA SER A 1188 1.45 -32.97 -11.84
C SER A 1188 0.09 -32.44 -11.41
N TYR A 1189 -0.34 -32.83 -10.22
CA TYR A 1189 -1.61 -32.40 -9.68
C TYR A 1189 -1.46 -31.00 -9.07
N SER A 1190 -2.38 -30.10 -9.41
CA SER A 1190 -2.44 -28.78 -8.81
C SER A 1190 -3.64 -28.71 -7.89
N MET A 1191 -3.55 -27.90 -6.84
CA MET A 1191 -4.62 -27.84 -5.86
C MET A 1191 -4.70 -26.45 -5.25
N ASP A 1192 -5.88 -25.86 -5.32
CA ASP A 1192 -6.20 -24.67 -4.56
C ASP A 1192 -7.36 -24.97 -3.64
N HIS A 1193 -7.32 -24.40 -2.44
CA HIS A 1193 -8.32 -24.66 -1.41
C HIS A 1193 -9.20 -23.44 -1.26
N SER A 1194 -10.50 -23.61 -1.47
CA SER A 1194 -11.45 -22.51 -1.37
C SER A 1194 -11.76 -22.21 0.07
N LYS A 1195 -11.91 -20.91 0.38
CA LYS A 1195 -12.30 -20.45 1.70
C LYS A 1195 -11.36 -20.99 2.79
N TRP A 1196 -10.06 -20.82 2.55
CA TRP A 1196 -9.06 -21.27 3.53
C TRP A 1196 -9.16 -20.49 4.82
N GLY A 1197 -9.63 -19.25 4.76
CA GLY A 1197 -9.74 -18.41 5.93
C GLY A 1197 -10.82 -18.88 6.89
N PRO A 1198 -12.08 -18.78 6.49
CA PRO A 1198 -13.17 -19.06 7.43
C PRO A 1198 -13.32 -20.54 7.76
N MET A 1199 -13.14 -21.44 6.81
CA MET A 1199 -13.38 -22.86 7.05
C MET A 1199 -12.41 -23.46 8.05
N MET A 1200 -11.26 -22.83 8.29
CA MET A 1200 -10.35 -23.29 9.30
C MET A 1200 -10.82 -22.85 10.69
N CYS A 1201 -10.11 -23.28 11.73
CA CYS A 1201 -10.57 -23.04 13.08
C CYS A 1201 -9.43 -23.14 14.07
N PRO A 1202 -9.37 -22.25 15.08
CA PRO A 1202 -8.35 -22.42 16.11
C PRO A 1202 -8.61 -23.62 17.00
N PHE A 1203 -9.88 -23.96 17.24
CA PHE A 1203 -10.20 -25.14 18.03
C PHE A 1203 -9.62 -26.40 17.40
N LEU A 1204 -9.62 -26.48 16.07
CA LEU A 1204 -9.00 -27.62 15.41
C LEU A 1204 -7.51 -27.66 15.72
N PHE A 1205 -6.84 -26.50 15.74
CA PHE A 1205 -5.44 -26.46 16.11
C PHE A 1205 -5.21 -26.92 17.54
N LEU A 1206 -6.05 -26.47 18.47
CA LEU A 1206 -5.95 -26.94 19.85
C LEU A 1206 -6.11 -28.45 19.94
N THR A 1207 -7.09 -29.01 19.21
CA THR A 1207 -7.32 -30.44 19.27
C THR A 1207 -6.23 -31.26 18.60
N VAL A 1208 -5.61 -30.76 17.53
CA VAL A 1208 -4.54 -31.51 16.89
C VAL A 1208 -3.24 -31.36 17.67
N LEU A 1209 -3.10 -30.27 18.43
CA LEU A 1209 -1.91 -30.10 19.27
C LEU A 1209 -1.99 -30.90 20.55
N GLN A 1210 -3.17 -30.95 21.18
CA GLN A 1210 -3.29 -31.60 22.49
C GLN A 1210 -3.03 -33.10 22.41
N ASN A 1211 -3.16 -33.68 21.21
CA ASN A 1211 -3.01 -35.12 21.03
C ASN A 1211 -1.67 -35.50 20.41
N LEU A 1212 -0.63 -34.75 20.72
CA LEU A 1212 0.72 -35.06 20.25
C LEU A 1212 1.62 -35.38 21.45
N ILE A 1213 2.89 -35.66 21.16
CA ILE A 1213 3.84 -36.00 22.21
C ILE A 1213 4.96 -34.97 22.22
N PHE A 1214 5.68 -34.85 21.11
CA PHE A 1214 6.76 -33.87 20.94
C PHE A 1214 7.83 -34.05 22.02
N LEU A 1215 8.50 -35.19 21.95
CA LEU A 1215 9.57 -35.50 22.88
C LEU A 1215 10.69 -34.47 22.77
N SER A 1216 11.39 -34.26 23.89
CA SER A 1216 12.49 -33.30 23.94
C SER A 1216 13.68 -33.79 23.13
N ILE A 1223 5.65 -32.35 27.46
CA ILE A 1223 6.52 -31.66 28.40
C ILE A 1223 5.75 -30.62 29.17
N LYS A 1224 6.47 -29.68 29.78
CA LYS A 1224 5.88 -28.61 30.57
C LYS A 1224 6.05 -27.28 29.83
N GLY A 1225 5.16 -26.34 30.14
CA GLY A 1225 5.14 -25.06 29.48
C GLY A 1225 4.23 -24.97 28.28
N ARG A 1226 3.82 -26.11 27.71
CA ARG A 1226 2.87 -26.08 26.60
C ARG A 1226 1.48 -25.69 27.04
N ASP A 1227 1.21 -25.66 28.35
CA ASP A 1227 -0.08 -25.13 28.82
C ASP A 1227 -0.21 -23.66 28.50
N TYR A 1228 0.89 -22.91 28.53
CA TYR A 1228 0.86 -21.51 28.14
C TYR A 1228 0.49 -21.36 26.66
N LEU A 1229 1.09 -22.18 25.81
CA LEU A 1229 0.70 -22.19 24.40
C LEU A 1229 -0.76 -22.57 24.23
N SER A 1230 -1.24 -23.54 25.02
CA SER A 1230 -2.64 -23.96 24.92
C SER A 1230 -3.59 -22.84 25.29
N THR A 1231 -3.32 -22.12 26.39
CA THR A 1231 -4.21 -21.02 26.76
C THR A 1231 -4.06 -19.83 25.82
N LEU A 1232 -2.87 -19.63 25.23
CA LEU A 1232 -2.75 -18.60 24.20
C LEU A 1232 -3.60 -18.94 22.99
N LEU A 1233 -3.58 -20.20 22.55
CA LEU A 1233 -4.39 -20.62 21.42
C LEU A 1233 -5.87 -20.59 21.77
N MET A 1234 -6.19 -20.79 23.05
CA MET A 1234 -7.56 -20.64 23.53
C MET A 1234 -8.00 -19.18 23.53
N TRP A 1235 -7.08 -18.24 23.74
CA TRP A 1235 -7.44 -16.83 23.67
C TRP A 1235 -7.98 -16.47 22.28
N HIS A 1236 -7.48 -17.12 21.23
CA HIS A 1236 -8.01 -16.92 19.90
C HIS A 1236 -9.38 -17.58 19.71
N MET A 1237 -9.71 -18.60 20.51
CA MET A 1237 -11.02 -19.21 20.41
C MET A 1237 -12.13 -18.21 20.67
N HIS A 1238 -11.94 -17.33 21.64
CA HIS A 1238 -12.89 -16.27 21.96
C HIS A 1238 -12.22 -14.95 21.59
N LYS A 1239 -12.33 -14.57 20.33
CA LYS A 1239 -11.79 -13.31 19.84
C LYS A 1239 -12.91 -12.45 19.27
N MET A 1240 -12.65 -11.16 19.16
CA MET A 1240 -13.66 -10.20 18.74
C MET A 1240 -13.21 -9.51 17.46
N VAL A 1241 -14.17 -9.24 16.58
CA VAL A 1241 -13.92 -8.47 15.37
C VAL A 1241 -14.84 -7.26 15.37
N GLU A 1242 -14.37 -6.19 14.74
CA GLU A 1242 -15.07 -4.91 14.75
C GLU A 1242 -15.74 -4.68 13.41
N ILE A 1243 -17.03 -4.36 13.43
CA ILE A 1243 -17.75 -3.99 12.22
C ILE A 1243 -17.49 -2.50 11.94
N PRO A 1244 -17.03 -2.14 10.76
CA PRO A 1244 -16.78 -0.72 10.47
C PRO A 1244 -18.06 0.10 10.53
N PHE A 1245 -17.89 1.36 10.94
CA PHE A 1245 -19.05 2.23 11.17
C PHE A 1245 -19.78 2.58 9.88
N ASN A 1246 -19.05 2.67 8.75
CA ASN A 1246 -19.71 2.93 7.49
C ASN A 1246 -20.72 1.83 7.15
N VAL A 1247 -20.38 0.58 7.44
CA VAL A 1247 -21.27 -0.54 7.12
C VAL A 1247 -22.55 -0.44 7.93
N VAL A 1248 -22.45 -0.21 9.23
CA VAL A 1248 -23.65 -0.18 10.07
C VAL A 1248 -24.47 1.07 9.77
N SER A 1249 -23.82 2.18 9.41
CA SER A 1249 -24.58 3.36 9.02
C SER A 1249 -25.34 3.13 7.72
N ALA A 1250 -24.70 2.48 6.73
CA ALA A 1250 -25.40 2.14 5.50
C ALA A 1250 -26.56 1.19 5.77
N MET A 1251 -26.36 0.22 6.66
CA MET A 1251 -27.43 -0.69 7.03
C MET A 1251 -28.59 0.02 7.71
N MET A 1252 -28.31 0.99 8.60
CA MET A 1252 -29.37 1.75 9.23
C MET A 1252 -30.13 2.58 8.21
N LYS A 1253 -29.41 3.21 7.29
CA LYS A 1253 -30.09 3.95 6.22
C LYS A 1253 -30.98 3.04 5.39
N SER A 1254 -30.48 1.86 5.03
CA SER A 1254 -31.29 0.91 4.28
C SER A 1254 -32.52 0.46 5.05
N PHE A 1255 -32.38 0.21 6.36
CA PHE A 1255 -33.53 -0.18 7.16
C PHE A 1255 -34.56 0.95 7.24
N ILE A 1256 -34.10 2.20 7.39
CA ILE A 1256 -35.03 3.32 7.43
C ILE A 1256 -35.74 3.47 6.10
N LYS A 1257 -35.02 3.31 4.99
CA LYS A 1257 -35.65 3.44 3.68
C LYS A 1257 -36.63 2.31 3.42
N ALA A 1258 -36.35 1.11 3.93
CA ALA A 1258 -37.27 -0.01 3.77
C ALA A 1258 -38.47 0.06 4.71
N GLN A 1259 -38.33 0.75 5.85
CA GLN A 1259 -39.43 0.89 6.78
C GLN A 1259 -40.36 2.04 6.41
N LEU A 1260 -39.80 3.15 5.90
CA LEU A 1260 -40.64 4.26 5.47
C LEU A 1260 -41.26 4.00 4.10
N GLY A 1261 -40.46 3.53 3.15
CA GLY A 1261 -40.94 3.25 1.81
C GLY A 1261 -41.05 1.77 1.50
N THR A 1266 -38.76 -2.86 -4.28
CA THR A 1266 -37.51 -3.61 -4.20
C THR A 1266 -37.47 -4.49 -2.95
N LYS A 1267 -37.82 -5.76 -3.11
CA LYS A 1267 -37.81 -6.74 -2.03
C LYS A 1267 -36.79 -7.82 -2.37
N GLN A 1268 -35.54 -7.58 -1.98
CA GLN A 1268 -34.43 -8.49 -2.24
C GLN A 1268 -33.60 -8.67 -0.97
N SER A 1269 -34.28 -8.95 0.14
CA SER A 1269 -33.63 -9.04 1.44
C SER A 1269 -32.69 -10.24 1.48
N ILE A 1270 -31.38 -9.97 1.48
CA ILE A 1270 -30.40 -11.03 1.64
C ILE A 1270 -30.24 -11.35 3.12
N THR A 1271 -29.55 -12.47 3.39
CA THR A 1271 -29.36 -12.92 4.77
C THR A 1271 -28.73 -11.86 5.66
N GLU A 1272 -27.75 -11.13 5.16
CA GLU A 1272 -27.09 -10.11 5.97
C GLU A 1272 -28.04 -8.97 6.32
N ASP A 1273 -28.88 -8.56 5.37
CA ASP A 1273 -29.84 -7.50 5.64
C ASP A 1273 -30.86 -7.93 6.69
N PHE A 1274 -31.38 -9.15 6.58
CA PHE A 1274 -32.32 -9.64 7.58
C PHE A 1274 -31.65 -9.77 8.94
N PHE A 1275 -30.39 -10.22 8.97
CA PHE A 1275 -29.65 -10.28 10.21
C PHE A 1275 -29.55 -8.91 10.86
N TYR A 1276 -29.12 -7.91 10.08
CA TYR A 1276 -29.00 -6.55 10.62
C TYR A 1276 -30.35 -6.02 11.09
N SER A 1277 -31.43 -6.34 10.36
CA SER A 1277 -32.75 -5.84 10.74
C SER A 1277 -33.22 -6.46 12.05
N ASN A 1278 -33.14 -7.78 12.17
CA ASN A 1278 -33.60 -8.42 13.40
C ASN A 1278 -32.69 -8.09 14.57
N PHE A 1279 -31.42 -7.74 14.30
CA PHE A 1279 -30.58 -7.21 15.36
C PHE A 1279 -31.01 -5.82 15.78
N GLN A 1280 -31.36 -4.97 14.81
CA GLN A 1280 -31.86 -3.63 15.11
C GLN A 1280 -33.16 -3.66 15.90
N ILE A 1281 -34.01 -4.66 15.66
CA ILE A 1281 -35.20 -4.83 16.49
C ILE A 1281 -34.83 -4.95 17.96
N GLY A 1282 -33.68 -5.56 18.25
CA GLY A 1282 -33.12 -5.55 19.59
C GLY A 1282 -32.14 -4.40 19.74
N VAL A 1283 -30.86 -4.71 19.89
CA VAL A 1283 -29.81 -3.72 19.95
C VAL A 1283 -28.91 -3.90 18.73
N VAL A 1284 -28.42 -2.79 18.19
CA VAL A 1284 -27.61 -2.82 16.97
C VAL A 1284 -26.28 -3.51 17.27
N PRO A 1285 -25.79 -4.36 16.38
CA PRO A 1285 -24.53 -5.06 16.63
C PRO A 1285 -23.34 -4.24 16.17
N SER A 1286 -22.25 -4.37 16.91
CA SER A 1286 -20.99 -3.75 16.54
C SER A 1286 -19.82 -4.72 16.53
N HIS A 1287 -19.77 -5.67 17.47
CA HIS A 1287 -18.68 -6.62 17.58
C HIS A 1287 -19.22 -8.03 17.37
N ILE A 1288 -18.43 -8.88 16.71
CA ILE A 1288 -18.83 -10.25 16.40
C ILE A 1288 -17.76 -11.18 16.94
N SER A 1289 -18.20 -12.28 17.55
CA SER A 1289 -17.31 -13.33 18.03
C SER A 1289 -17.87 -14.68 17.59
N SER A 1290 -17.01 -15.52 17.06
CA SER A 1290 -17.41 -16.84 16.59
C SER A 1290 -16.23 -17.79 16.74
N ILE A 1291 -16.36 -18.98 16.15
CA ILE A 1291 -15.38 -20.05 16.31
C ILE A 1291 -14.51 -20.20 15.07
N LEU A 1292 -15.13 -20.43 13.91
CA LEU A 1292 -14.38 -20.71 12.69
C LEU A 1292 -14.18 -19.41 11.90
N ASP A 1293 -13.28 -18.57 12.40
CA ASP A 1293 -12.91 -17.35 11.70
C ASP A 1293 -11.45 -17.36 11.25
N MET A 1294 -10.51 -17.51 12.19
CA MET A 1294 -9.07 -17.60 11.90
C MET A 1294 -8.63 -16.54 10.90
N GLY A 1295 -8.70 -15.29 11.35
CA GLY A 1295 -8.28 -14.15 10.56
C GLY A 1295 -7.00 -14.38 9.77
N GLN A 1296 -7.03 -14.09 8.47
CA GLN A 1296 -5.93 -14.45 7.59
C GLN A 1296 -4.66 -13.68 7.96
N GLY A 1297 -3.53 -14.38 7.93
CA GLY A 1297 -2.25 -13.80 8.28
C GLY A 1297 -1.94 -13.75 9.75
N ILE A 1298 -2.95 -13.84 10.62
CA ILE A 1298 -2.71 -13.79 12.06
C ILE A 1298 -2.09 -15.08 12.55
N LEU A 1299 -2.46 -16.21 11.94
CA LEU A 1299 -1.97 -17.51 12.37
C LEU A 1299 -1.39 -18.27 11.18
N HIS A 1300 -0.52 -17.60 10.42
CA HIS A 1300 -0.05 -18.16 9.15
C HIS A 1300 0.71 -19.47 9.33
N ASN A 1301 1.75 -19.46 10.18
CA ASN A 1301 2.58 -20.65 10.32
C ASN A 1301 1.83 -21.82 10.94
N THR A 1302 0.84 -21.57 11.80
CA THR A 1302 0.02 -22.67 12.29
C THR A 1302 -0.73 -23.35 11.15
N SER A 1303 -1.31 -22.55 10.25
CA SER A 1303 -1.98 -23.11 9.09
C SER A 1303 -1.00 -23.86 8.19
N ASP A 1304 0.20 -23.33 8.01
CA ASP A 1304 1.20 -24.04 7.21
C ASP A 1304 1.53 -25.39 7.83
N PHE A 1305 1.74 -25.41 9.14
CA PHE A 1305 2.04 -26.65 9.85
C PHE A 1305 0.92 -27.67 9.68
N TYR A 1306 -0.32 -27.23 9.91
CA TYR A 1306 -1.45 -28.15 9.82
C TYR A 1306 -1.63 -28.66 8.39
N ALA A 1307 -1.49 -27.78 7.40
CA ALA A 1307 -1.62 -28.20 6.01
C ALA A 1307 -0.52 -29.17 5.62
N LEU A 1308 0.70 -28.95 6.09
CA LEU A 1308 1.78 -29.88 5.82
C LEU A 1308 1.46 -31.25 6.40
N ILE A 1309 1.05 -31.30 7.66
CA ILE A 1309 0.72 -32.57 8.29
C ILE A 1309 -0.39 -33.28 7.52
N THR A 1310 -1.46 -32.57 7.21
CA THR A 1310 -2.60 -33.21 6.53
C THR A 1310 -2.23 -33.68 5.14
N GLU A 1311 -1.48 -32.87 4.37
CA GLU A 1311 -1.10 -33.28 3.03
C GLU A 1311 -0.21 -34.51 3.07
N ARG A 1312 0.76 -34.54 4.00
CA ARG A 1312 1.61 -35.71 4.13
C ARG A 1312 0.81 -36.94 4.52
N PHE A 1313 -0.13 -36.81 5.44
CA PHE A 1313 -0.93 -37.95 5.85
C PHE A 1313 -1.82 -38.46 4.72
N ILE A 1314 -2.42 -37.55 3.97
CA ILE A 1314 -3.31 -37.97 2.87
C ILE A 1314 -2.51 -38.63 1.77
N ASN A 1315 -1.33 -38.10 1.45
CA ASN A 1315 -0.49 -38.74 0.45
C ASN A 1315 -0.01 -40.11 0.94
N TYR A 1316 0.30 -40.25 2.23
CA TYR A 1316 0.64 -41.56 2.77
C TYR A 1316 -0.51 -42.53 2.65
N ALA A 1317 -1.73 -42.08 2.93
CA ALA A 1317 -2.90 -42.95 2.82
C ALA A 1317 -3.09 -43.42 1.38
N ILE A 1318 -2.96 -42.50 0.42
CA ILE A 1318 -3.14 -42.87 -0.97
C ILE A 1318 -2.04 -43.82 -1.42
N SER A 1319 -0.80 -43.58 -0.98
CA SER A 1319 0.28 -44.50 -1.31
C SER A 1319 0.08 -45.87 -0.68
N CYS A 1320 -0.58 -45.93 0.48
CA CYS A 1320 -0.91 -47.20 1.10
C CYS A 1320 -2.04 -47.93 0.38
N VAL A 1321 -2.99 -47.19 -0.19
CA VAL A 1321 -4.14 -47.82 -0.83
C VAL A 1321 -3.74 -48.46 -2.16
N CYS A 1322 -2.96 -47.74 -2.97
CA CYS A 1322 -2.69 -48.18 -4.34
C CYS A 1322 -1.22 -48.53 -4.57
N GLY A 1323 -0.41 -48.51 -3.52
CA GLY A 1323 1.00 -48.85 -3.66
C GLY A 1323 1.78 -47.93 -4.57
N GLY A 1324 1.60 -46.61 -4.39
CA GLY A 1324 2.30 -45.63 -5.16
C GLY A 1324 3.23 -44.77 -4.29
N THR A 1325 3.69 -43.67 -4.89
CA THR A 1325 4.52 -42.70 -4.20
C THR A 1325 4.12 -41.31 -4.68
N ILE A 1326 3.72 -40.46 -3.74
CA ILE A 1326 3.25 -39.11 -4.04
C ILE A 1326 4.03 -38.13 -3.19
N ASP A 1327 4.63 -37.13 -3.84
CA ASP A 1327 5.31 -36.04 -3.14
C ASP A 1327 4.41 -34.81 -3.15
N ALA A 1328 4.63 -33.92 -2.18
CA ALA A 1328 3.77 -32.74 -2.05
C ALA A 1328 4.60 -31.53 -1.68
N TYR A 1329 4.07 -30.35 -2.04
CA TYR A 1329 4.65 -29.08 -1.63
C TYR A 1329 3.51 -28.10 -1.41
N THR A 1330 3.49 -27.46 -0.25
CA THR A 1330 2.36 -26.66 0.18
C THR A 1330 2.81 -25.27 0.59
N SER A 1331 2.00 -24.25 0.26
CA SER A 1331 2.24 -22.88 0.68
C SER A 1331 1.06 -22.32 1.47
N SER A 1332 0.27 -23.19 2.09
CA SER A 1332 -0.87 -22.89 2.95
C SER A 1332 -2.10 -22.40 2.19
N ASP A 1333 -1.99 -22.14 0.91
CA ASP A 1333 -3.17 -21.86 0.12
C ASP A 1333 -3.20 -22.61 -1.20
N ASP A 1334 -2.04 -22.66 -1.86
CA ASP A 1334 -1.91 -23.35 -3.18
C ASP A 1334 -0.84 -24.42 -3.06
N GLN A 1335 -1.21 -25.68 -3.28
CA GLN A 1335 -0.27 -26.78 -3.18
C GLN A 1335 -0.15 -27.51 -4.49
N ILE A 1336 0.98 -28.17 -4.69
CA ILE A 1336 1.22 -29.02 -5.84
C ILE A 1336 1.60 -30.42 -5.34
N SER A 1337 1.23 -31.42 -6.14
CA SER A 1337 1.51 -32.81 -5.82
C SER A 1337 2.12 -33.47 -7.04
N LEU A 1338 3.15 -34.28 -6.82
CA LEU A 1338 3.88 -34.94 -7.89
C LEU A 1338 3.69 -36.45 -7.74
N PHE A 1339 3.19 -37.08 -8.80
CA PHE A 1339 2.92 -38.51 -8.81
C PHE A 1339 4.07 -39.23 -9.51
N ASP A 1340 4.37 -40.43 -9.05
CA ASP A 1340 5.48 -41.20 -9.58
C ASP A 1340 5.08 -41.84 -10.91
N GLN A 1341 5.94 -42.73 -11.44
CA GLN A 1341 5.62 -43.39 -12.70
C GLN A 1341 4.47 -44.39 -12.53
N THR A 1342 4.27 -44.90 -11.33
CA THR A 1342 3.22 -45.90 -11.11
C THR A 1342 1.84 -45.30 -11.38
N LEU A 1343 1.57 -44.11 -10.85
CA LEU A 1343 0.28 -43.48 -11.07
C LEU A 1343 0.10 -43.03 -12.52
N THR A 1344 1.18 -42.63 -13.21
CA THR A 1344 1.05 -42.30 -14.62
C THR A 1344 0.69 -43.54 -15.44
N GLU A 1345 1.35 -44.67 -15.16
CA GLU A 1345 0.98 -45.90 -15.84
C GLU A 1345 -0.44 -46.33 -15.50
N LEU A 1346 -0.87 -46.11 -14.27
CA LEU A 1346 -2.25 -46.43 -13.90
C LEU A 1346 -3.26 -45.58 -14.66
N LEU A 1347 -2.99 -44.27 -14.78
CA LEU A 1347 -3.87 -43.41 -15.57
C LEU A 1347 -3.86 -43.80 -17.03
N HIS A 1348 -2.70 -44.19 -17.57
CA HIS A 1348 -2.64 -44.65 -18.96
C HIS A 1348 -3.39 -45.95 -19.17
N ARG A 1349 -3.47 -46.79 -18.13
CA ARG A 1349 -4.11 -48.09 -18.23
C ARG A 1349 -5.58 -48.05 -17.80
N ASP A 1350 -5.85 -47.63 -16.57
CA ASP A 1350 -7.19 -47.66 -16.01
C ASP A 1350 -7.64 -46.25 -15.64
N PRO A 1351 -8.62 -45.68 -16.32
CA PRO A 1351 -9.11 -44.35 -15.94
C PRO A 1351 -10.12 -44.41 -14.80
N GLU A 1352 -10.84 -45.53 -14.68
CA GLU A 1352 -11.84 -45.66 -13.63
C GLU A 1352 -11.21 -45.69 -12.25
N GLU A 1353 -10.18 -46.51 -12.07
CA GLU A 1353 -9.49 -46.55 -10.78
C GLU A 1353 -8.84 -45.21 -10.45
N PHE A 1354 -8.32 -44.51 -11.45
CA PHE A 1354 -7.72 -43.20 -11.20
C PHE A 1354 -8.77 -42.18 -10.78
N ARG A 1355 -9.93 -42.18 -11.45
CA ARG A 1355 -11.01 -41.30 -11.05
C ARG A 1355 -11.50 -41.62 -9.64
N ALA A 1356 -11.59 -42.91 -9.30
CA ALA A 1356 -11.99 -43.30 -7.95
C ALA A 1356 -10.95 -42.85 -6.93
N LEU A 1357 -9.66 -42.96 -7.25
CA LEU A 1357 -8.62 -42.53 -6.34
C LEU A 1357 -8.66 -41.02 -6.12
N MET A 1358 -8.88 -40.26 -7.19
CA MET A 1358 -8.97 -38.80 -7.04
C MET A 1358 -10.23 -38.38 -6.29
N GLU A 1359 -11.35 -39.05 -6.52
CA GLU A 1359 -12.54 -38.78 -5.73
C GLU A 1359 -12.31 -39.13 -4.26
N PHE A 1360 -11.57 -40.19 -3.99
CA PHE A 1360 -11.25 -40.52 -2.60
C PHE A 1360 -10.31 -39.51 -1.98
N HIS A 1361 -9.38 -38.95 -2.77
CA HIS A 1361 -8.56 -37.86 -2.28
C HIS A 1361 -9.39 -36.65 -1.95
N TYR A 1362 -10.35 -36.31 -2.82
CA TYR A 1362 -11.27 -35.21 -2.53
C TYR A 1362 -12.06 -35.48 -1.26
N TYR A 1363 -12.50 -36.72 -1.07
CA TYR A 1363 -13.27 -37.08 0.11
C TYR A 1363 -12.43 -36.95 1.38
N MET A 1364 -11.19 -37.43 1.33
CA MET A 1364 -10.29 -37.31 2.48
C MET A 1364 -9.97 -35.86 2.79
N SER A 1365 -9.63 -35.07 1.78
CA SER A 1365 -9.32 -33.66 1.96
C SER A 1365 -10.54 -32.84 2.37
N ASP A 1366 -11.74 -33.33 2.12
CA ASP A 1366 -12.95 -32.65 2.54
C ASP A 1366 -13.43 -33.07 3.93
N GLN A 1367 -13.10 -34.29 4.35
CA GLN A 1367 -13.41 -34.71 5.71
C GLN A 1367 -12.71 -33.81 6.72
N LEU A 1368 -11.40 -33.66 6.58
CA LEU A 1368 -10.71 -32.59 7.28
C LEU A 1368 -11.01 -31.27 6.58
N ASN A 1369 -10.85 -30.16 7.30
CA ASN A 1369 -11.24 -28.86 6.77
C ASN A 1369 -10.21 -28.39 5.75
N LYS A 1370 -10.23 -29.06 4.59
CA LYS A 1370 -9.35 -28.72 3.48
C LYS A 1370 -10.14 -28.74 2.17
N PHE A 1371 -11.26 -28.04 2.15
CA PHE A 1371 -12.12 -27.98 0.98
C PHE A 1371 -11.32 -27.66 -0.28
N VAL A 1372 -11.59 -28.40 -1.36
CA VAL A 1372 -10.90 -28.19 -2.62
C VAL A 1372 -11.66 -27.17 -3.45
N SER A 1373 -10.95 -26.17 -3.96
CA SER A 1373 -11.57 -25.16 -4.79
C SER A 1373 -11.85 -25.72 -6.18
N PRO A 1374 -12.95 -25.31 -6.83
CA PRO A 1374 -13.25 -25.84 -8.16
C PRO A 1374 -12.22 -25.51 -9.22
N LYS A 1375 -11.35 -24.53 -8.97
CA LYS A 1375 -10.33 -24.16 -9.93
C LYS A 1375 -9.21 -25.20 -10.05
N SER A 1376 -9.21 -26.22 -9.19
CA SER A 1376 -8.15 -27.20 -9.18
C SER A 1376 -8.30 -28.11 -10.39
N VAL A 1377 -7.25 -28.21 -11.20
CA VAL A 1377 -7.23 -29.06 -12.37
C VAL A 1377 -5.99 -29.95 -12.31
N ILE A 1378 -6.12 -31.16 -12.83
CA ILE A 1378 -5.01 -32.11 -12.86
C ILE A 1378 -4.70 -32.46 -14.31
N GLY A 1379 -3.43 -32.58 -14.62
CA GLY A 1379 -3.01 -32.89 -15.97
C GLY A 1379 -1.53 -33.17 -16.02
N ARG A 1380 -1.02 -33.32 -17.25
CA ARG A 1380 0.38 -33.62 -17.46
C ARG A 1380 1.03 -32.66 -18.45
N PHE A 1381 0.55 -31.42 -18.50
CA PHE A 1381 1.09 -30.42 -19.41
C PHE A 1381 1.61 -29.18 -18.71
N VAL A 1382 0.94 -28.73 -17.65
CA VAL A 1382 1.35 -27.52 -16.93
C VAL A 1382 1.34 -27.81 -15.43
N ALA A 1383 2.14 -27.04 -14.70
CA ALA A 1383 2.20 -27.13 -13.25
C ALA A 1383 2.03 -25.74 -12.66
N GLU A 1384 0.96 -25.55 -11.89
CA GLU A 1384 0.60 -24.25 -11.36
C GLU A 1384 1.01 -24.18 -9.89
N PHE A 1385 2.00 -23.35 -9.58
CA PHE A 1385 2.44 -23.17 -8.20
C PHE A 1385 2.95 -21.75 -8.02
N LYS A 1386 2.40 -21.04 -7.03
CA LYS A 1386 2.82 -19.69 -6.68
C LYS A 1386 2.88 -18.77 -7.88
N SER A 1387 1.86 -18.83 -8.75
CA SER A 1387 1.75 -17.96 -9.91
C SER A 1387 2.97 -18.10 -10.83
N ARG A 1388 3.60 -19.27 -10.80
CA ARG A 1388 4.71 -19.59 -11.70
C ARG A 1388 4.39 -20.89 -12.41
N PHE A 1389 4.20 -20.81 -13.73
CA PHE A 1389 3.72 -21.93 -14.52
C PHE A 1389 4.88 -22.59 -15.24
N PHE A 1390 4.88 -23.92 -15.27
CA PHE A 1390 5.94 -24.69 -15.89
C PHE A 1390 5.33 -25.72 -16.83
N VAL A 1391 5.97 -25.89 -17.99
CA VAL A 1391 5.53 -26.86 -18.98
C VAL A 1391 6.72 -27.73 -19.37
N TRP A 1392 6.45 -28.78 -20.14
CA TRP A 1392 7.52 -29.62 -20.64
C TRP A 1392 8.40 -28.84 -21.60
N GLY A 1393 9.71 -28.86 -21.36
CA GLY A 1393 10.63 -28.10 -22.17
C GLY A 1393 11.12 -26.85 -21.46
N ASP A 1394 10.60 -25.70 -21.85
CA ASP A 1394 10.97 -24.41 -21.29
C ASP A 1394 9.97 -24.00 -20.21
N GLU A 1395 10.19 -22.80 -19.67
CA GLU A 1395 9.31 -22.21 -18.67
C GLU A 1395 8.62 -20.99 -19.24
N VAL A 1396 7.43 -20.69 -18.74
CA VAL A 1396 6.60 -19.61 -19.27
C VAL A 1396 7.25 -18.27 -19.01
N PRO A 1397 7.56 -17.48 -20.05
CA PRO A 1397 8.17 -16.17 -19.82
C PRO A 1397 7.27 -15.19 -19.10
N LEU A 1398 5.96 -15.17 -19.39
CA LEU A 1398 4.99 -14.39 -18.65
C LEU A 1398 5.30 -12.89 -18.74
N LEU A 1399 5.17 -12.39 -19.98
CA LEU A 1399 5.67 -11.06 -20.33
C LEU A 1399 4.78 -9.96 -19.77
N THR A 1400 3.51 -9.96 -20.16
CA THR A 1400 2.64 -8.81 -19.94
C THR A 1400 2.36 -8.54 -18.46
N LYS A 1401 2.43 -9.53 -17.59
CA LYS A 1401 2.28 -9.27 -16.16
C LYS A 1401 3.35 -8.29 -15.68
N PHE A 1402 4.61 -8.60 -15.93
CA PHE A 1402 5.70 -7.72 -15.55
C PHE A 1402 5.70 -6.42 -16.33
N VAL A 1403 5.28 -6.44 -17.59
CA VAL A 1403 5.18 -5.19 -18.34
C VAL A 1403 4.19 -4.23 -17.68
N ALA A 1404 2.97 -4.72 -17.43
CA ALA A 1404 1.95 -3.88 -16.79
C ALA A 1404 2.34 -3.50 -15.37
N ALA A 1405 3.11 -4.35 -14.70
CA ALA A 1405 3.62 -3.98 -13.37
C ALA A 1405 4.61 -2.82 -13.48
N ALA A 1406 5.45 -2.84 -14.52
CA ALA A 1406 6.42 -1.76 -14.69
C ALA A 1406 5.75 -0.46 -15.08
N LEU A 1407 4.66 -0.52 -15.85
CA LEU A 1407 3.96 0.71 -16.21
C LEU A 1407 3.34 1.40 -15.01
N HIS A 1408 3.08 0.66 -13.93
CA HIS A 1408 2.46 1.20 -12.72
C HIS A 1408 3.54 1.65 -11.75
N ASN A 1409 3.16 1.86 -10.49
CA ASN A 1409 4.05 2.15 -9.35
C ASN A 1409 5.03 3.27 -9.67
N ILE A 1410 4.48 4.46 -9.85
CA ILE A 1410 5.25 5.70 -9.87
C ILE A 1410 4.67 6.59 -8.77
N LYS A 1411 5.31 6.56 -7.60
CA LYS A 1411 4.78 7.21 -6.41
C LYS A 1411 5.39 8.59 -6.25
N CYS A 1412 5.13 9.23 -5.11
CA CYS A 1412 5.62 10.58 -4.82
C CYS A 1412 6.82 10.45 -3.90
N LYS A 1413 8.01 10.39 -4.49
CA LYS A 1413 9.25 10.36 -3.73
C LYS A 1413 10.28 11.27 -4.37
N GLU A 1414 11.50 11.28 -3.84
CA GLU A 1414 12.60 11.88 -4.56
C GLU A 1414 12.90 11.05 -5.80
N PRO A 1415 12.95 11.66 -6.98
CA PRO A 1415 13.02 10.86 -8.22
C PRO A 1415 14.22 9.94 -8.30
N HIS A 1416 15.26 10.13 -7.48
CA HIS A 1416 16.34 9.16 -7.45
C HIS A 1416 15.85 7.82 -6.92
N GLN A 1417 15.09 7.84 -5.82
CA GLN A 1417 14.52 6.60 -5.29
C GLN A 1417 13.45 6.04 -6.22
N LEU A 1418 12.70 6.93 -6.89
CA LEU A 1418 11.73 6.48 -7.88
C LEU A 1418 12.40 5.70 -9.00
N ALA A 1419 13.50 6.25 -9.54
CA ALA A 1419 14.26 5.55 -10.56
C ALA A 1419 14.89 4.28 -10.00
N GLU A 1420 15.29 4.26 -8.73
CA GLU A 1420 15.74 3.03 -8.11
C GLU A 1420 14.67 1.94 -8.18
N THR A 1421 13.45 2.27 -7.78
CA THR A 1421 12.36 1.29 -7.80
C THR A 1421 12.07 0.83 -9.22
N ILE A 1422 12.00 1.78 -10.16
CA ILE A 1422 11.70 1.42 -11.54
C ILE A 1422 12.79 0.52 -12.11
N ASP A 1423 14.05 0.83 -11.83
CA ASP A 1423 15.14 0.00 -12.31
C ASP A 1423 15.12 -1.39 -11.67
N THR A 1424 14.72 -1.48 -10.40
CA THR A 1424 14.60 -2.79 -9.77
C THR A 1424 13.53 -3.63 -10.46
N ILE A 1425 12.37 -3.04 -10.75
CA ILE A 1425 11.31 -3.77 -11.41
C ILE A 1425 11.74 -4.18 -12.81
N VAL A 1426 12.40 -3.29 -13.55
CA VAL A 1426 12.87 -3.64 -14.88
C VAL A 1426 13.95 -4.72 -14.81
N ASP A 1427 14.77 -4.70 -13.76
CA ASP A 1427 15.77 -5.76 -13.60
C ASP A 1427 15.12 -7.10 -13.34
N GLN A 1428 14.04 -7.14 -12.57
CA GLN A 1428 13.30 -8.39 -12.42
C GLN A 1428 12.72 -8.84 -13.76
N SER A 1429 12.13 -7.90 -14.50
CA SER A 1429 11.53 -8.24 -15.80
C SER A 1429 12.57 -8.83 -16.74
N VAL A 1430 13.77 -8.24 -16.78
CA VAL A 1430 14.80 -8.74 -17.68
C VAL A 1430 15.48 -9.98 -17.10
N ALA A 1431 15.39 -10.20 -15.79
CA ALA A 1431 15.72 -11.51 -15.25
C ALA A 1431 14.78 -12.56 -15.80
N ASN A 1432 13.63 -12.10 -16.29
CA ASN A 1432 12.66 -13.01 -16.88
C ASN A 1432 12.87 -13.04 -18.39
N GLY A 1433 11.78 -13.13 -19.13
CA GLY A 1433 11.83 -13.42 -20.55
C GLY A 1433 11.42 -12.24 -21.40
N VAL A 1434 10.96 -11.17 -20.77
CA VAL A 1434 10.53 -9.99 -21.51
C VAL A 1434 11.69 -9.45 -22.31
N PRO A 1435 11.57 -9.44 -23.64
CA PRO A 1435 12.64 -8.96 -24.51
C PRO A 1435 13.16 -7.59 -24.13
N VAL A 1436 14.47 -7.42 -24.20
CA VAL A 1436 15.14 -6.19 -23.83
C VAL A 1436 14.50 -4.92 -24.38
N HIS A 1437 14.17 -4.92 -25.67
CA HIS A 1437 13.57 -3.76 -26.33
C HIS A 1437 12.40 -3.15 -25.54
N LEU A 1438 11.82 -3.90 -24.61
CA LEU A 1438 10.81 -3.31 -23.75
C LEU A 1438 11.42 -2.64 -22.52
N CYS A 1439 12.57 -3.12 -22.06
CA CYS A 1439 13.30 -2.41 -21.02
C CYS A 1439 13.60 -0.98 -21.44
N ASN A 1440 14.23 -0.82 -22.61
CA ASN A 1440 14.55 0.52 -23.10
C ASN A 1440 13.30 1.35 -23.29
N LEU A 1441 12.22 0.74 -23.76
CA LEU A 1441 11.00 1.51 -23.99
C LEU A 1441 10.37 1.98 -22.69
N ILE A 1442 10.33 1.12 -21.66
CA ILE A 1442 9.79 1.52 -20.37
C ILE A 1442 10.65 2.62 -19.76
N GLN A 1443 11.97 2.50 -19.90
CA GLN A 1443 12.85 3.53 -19.34
C GLN A 1443 12.69 4.85 -20.08
N ILE A 1444 12.51 4.82 -21.40
CA ILE A 1444 12.21 6.04 -22.14
C ILE A 1444 10.89 6.64 -21.69
N ARG A 1445 9.88 5.79 -21.43
CA ARG A 1445 8.61 6.29 -20.92
C ARG A 1445 8.79 7.00 -19.59
N THR A 1446 9.56 6.40 -18.68
CA THR A 1446 9.78 7.02 -17.38
C THR A 1446 10.54 8.34 -17.52
N LEU A 1447 11.56 8.37 -18.37
CA LEU A 1447 12.27 9.61 -18.61
C LEU A 1447 11.38 10.67 -19.23
N SER A 1448 10.43 10.29 -20.06
CA SER A 1448 9.49 11.27 -20.60
C SER A 1448 8.54 11.78 -19.53
N LEU A 1449 8.10 10.89 -18.64
CA LEU A 1449 7.27 11.31 -17.52
C LEU A 1449 8.01 12.29 -16.63
N LEU A 1450 9.32 12.11 -16.50
CA LEU A 1450 10.12 13.07 -15.74
C LEU A 1450 10.36 14.36 -16.52
N GLN A 1451 10.51 14.27 -17.85
CA GLN A 1451 10.63 15.46 -18.68
C GLN A 1451 9.40 16.33 -18.60
N TYR A 1452 8.23 15.71 -18.55
CA TYR A 1452 7.02 16.47 -18.51
C TYR A 1452 6.84 17.21 -17.21
N ALA A 1453 7.57 16.81 -16.20
CA ALA A 1453 7.42 17.48 -14.92
C ALA A 1453 8.48 18.53 -14.65
N ARG A 1454 9.13 18.98 -15.72
CA ARG A 1454 10.18 20.00 -15.62
C ARG A 1454 11.21 19.64 -14.55
N TYR A 1455 11.69 18.40 -14.58
CA TYR A 1455 12.75 17.97 -13.69
C TYR A 1455 13.97 17.58 -14.52
N PRO A 1456 15.02 18.41 -14.45
CA PRO A 1456 16.30 18.25 -15.13
C PRO A 1456 16.73 16.81 -15.30
N ILE A 1457 16.95 16.43 -16.54
CA ILE A 1457 17.35 15.08 -16.83
C ILE A 1457 18.86 14.97 -16.62
N ASP A 1458 19.28 14.94 -15.36
CA ASP A 1458 20.67 14.65 -14.98
C ASP A 1458 21.00 13.18 -15.23
N PRO A 1459 22.28 12.83 -15.42
CA PRO A 1459 22.61 11.48 -15.88
C PRO A 1459 22.48 10.42 -14.79
N PHE A 1460 22.69 10.81 -13.54
CA PHE A 1460 22.63 9.86 -12.43
C PHE A 1460 21.20 9.56 -11.99
N LEU A 1461 20.21 10.03 -12.75
CA LEU A 1461 18.82 9.82 -12.36
C LEU A 1461 18.35 8.42 -12.74
N LEU A 1462 18.29 8.14 -14.04
CA LEU A 1462 17.81 6.85 -14.53
C LEU A 1462 18.88 6.20 -15.39
N ASN A 1463 18.83 4.87 -15.45
CA ASN A 1463 19.87 4.10 -16.12
C ASN A 1463 19.91 4.42 -17.61
N CYS A 1464 20.97 3.95 -18.25
CA CYS A 1464 21.14 4.14 -19.68
C CYS A 1464 20.04 3.42 -20.45
N GLU A 1465 19.92 3.77 -21.72
CA GLU A 1465 18.97 3.16 -22.63
C GLU A 1465 19.74 2.62 -23.84
N THR A 1466 19.01 1.97 -24.74
CA THR A 1466 19.61 1.16 -25.80
C THR A 1466 20.63 0.20 -25.20
N ASP A 1467 20.17 -0.53 -24.18
CA ASP A 1467 21.05 -1.37 -23.41
C ASP A 1467 21.45 -2.62 -24.20
N VAL A 1468 22.64 -3.11 -23.90
CA VAL A 1468 23.04 -4.43 -24.36
C VAL A 1468 22.34 -5.47 -23.50
N ARG A 1469 22.35 -6.72 -23.96
CA ARG A 1469 21.67 -7.79 -23.23
C ARG A 1469 22.39 -8.19 -21.95
N ASP A 1470 23.41 -7.44 -21.54
CA ASP A 1470 24.16 -7.75 -20.32
C ASP A 1470 23.51 -7.08 -19.10
N TRP A 1471 22.27 -7.49 -18.84
CA TRP A 1471 21.62 -7.18 -17.57
C TRP A 1471 21.91 -8.23 -16.51
N VAL A 1472 22.54 -9.34 -16.89
CA VAL A 1472 23.09 -10.29 -15.94
C VAL A 1472 24.35 -9.65 -15.36
N ASP A 1473 24.86 -10.24 -14.27
CA ASP A 1473 26.14 -9.90 -13.64
C ASP A 1473 26.48 -8.42 -13.73
N GLY A 1474 25.50 -7.57 -13.43
CA GLY A 1474 25.70 -6.13 -13.47
C GLY A 1474 24.80 -5.40 -12.51
N ASN A 1475 25.34 -4.43 -11.79
CA ASN A 1475 24.58 -3.64 -10.83
C ASN A 1475 24.15 -2.33 -11.48
N ARG A 1476 23.36 -1.55 -10.75
CA ARG A 1476 22.93 -0.25 -11.25
C ARG A 1476 24.13 0.66 -11.48
N SER A 1477 25.11 0.60 -10.57
CA SER A 1477 26.34 1.38 -10.77
C SER A 1477 27.03 1.01 -12.07
N TYR A 1478 26.95 -0.27 -12.47
CA TYR A 1478 27.52 -0.67 -13.75
C TYR A 1478 26.83 0.04 -14.91
N ARG A 1479 25.51 0.17 -14.85
CA ARG A 1479 24.80 0.81 -15.96
C ARG A 1479 25.02 2.32 -15.96
N ILE A 1480 25.15 2.92 -14.78
CA ILE A 1480 25.51 4.34 -14.72
C ILE A 1480 26.90 4.57 -15.31
N MET A 1481 27.86 3.72 -14.94
CA MET A 1481 29.18 3.79 -15.55
C MET A 1481 29.11 3.60 -17.06
N ARG A 1482 28.23 2.71 -17.52
CA ARG A 1482 28.09 2.47 -18.95
C ARG A 1482 27.57 3.71 -19.67
N GLN A 1483 26.55 4.37 -19.12
CA GLN A 1483 26.05 5.57 -19.78
C GLN A 1483 27.05 6.72 -19.71
N ILE A 1484 27.84 6.81 -18.63
CA ILE A 1484 28.85 7.87 -18.59
C ILE A 1484 29.94 7.60 -19.61
N GLU A 1485 30.35 6.33 -19.77
CA GLU A 1485 31.33 5.99 -20.78
C GLU A 1485 30.81 6.21 -22.19
N GLY A 1486 29.52 5.93 -22.43
CA GLY A 1486 28.93 6.29 -23.71
C GLY A 1486 28.75 7.79 -23.87
N LEU A 1487 28.80 8.54 -22.78
CA LEU A 1487 28.67 9.98 -22.81
C LEU A 1487 30.00 10.71 -22.88
N ILE A 1488 31.09 10.06 -22.49
CA ILE A 1488 32.44 10.62 -22.55
C ILE A 1488 33.22 9.83 -23.60
N PRO A 1489 33.70 10.48 -24.66
CA PRO A 1489 34.28 9.71 -25.77
C PRO A 1489 35.60 9.04 -25.43
N ASP A 1490 36.54 9.75 -24.81
CA ASP A 1490 37.90 9.25 -24.66
C ASP A 1490 38.48 9.34 -23.25
N ALA A 1491 38.03 10.29 -22.42
CA ALA A 1491 38.62 10.42 -21.10
C ALA A 1491 38.40 9.19 -20.24
N CYS A 1492 37.25 8.52 -20.42
CA CYS A 1492 36.98 7.30 -19.67
C CYS A 1492 37.98 6.20 -19.97
N SER A 1493 38.55 6.18 -21.18
CA SER A 1493 39.59 5.19 -21.48
C SER A 1493 40.84 5.42 -20.64
N LYS A 1494 41.27 6.68 -20.53
CA LYS A 1494 42.41 6.98 -19.67
C LYS A 1494 42.11 6.70 -18.21
N ILE A 1495 40.89 7.00 -17.78
CA ILE A 1495 40.49 6.68 -16.41
C ILE A 1495 40.54 5.19 -16.17
N ARG A 1496 40.07 4.39 -17.13
CA ARG A 1496 40.13 2.94 -17.00
C ARG A 1496 41.57 2.43 -16.97
N SER A 1497 42.46 3.00 -17.79
CA SER A 1497 43.85 2.59 -17.77
C SER A 1497 44.49 2.89 -16.42
N MET A 1498 44.31 4.11 -15.91
CA MET A 1498 44.89 4.46 -14.61
C MET A 1498 44.27 3.63 -13.48
N LEU A 1499 42.98 3.31 -13.57
CA LEU A 1499 42.34 2.48 -12.57
C LEU A 1499 42.79 1.03 -12.63
N ARG A 1500 43.09 0.50 -13.82
CA ARG A 1500 43.67 -0.84 -13.90
C ARG A 1500 45.06 -0.85 -13.29
N ARG A 1501 45.86 0.18 -13.58
CA ARG A 1501 47.18 0.27 -12.96
C ARG A 1501 47.09 0.45 -11.45
N LEU A 1502 46.03 1.09 -10.97
CA LEU A 1502 45.83 1.24 -9.54
C LEU A 1502 45.40 -0.08 -8.90
N TYR A 1503 44.47 -0.78 -9.52
CA TYR A 1503 44.01 -2.06 -8.99
C TYR A 1503 45.13 -3.09 -8.99
N ASN A 1504 46.03 -3.04 -9.97
CA ASN A 1504 47.23 -3.87 -9.92
C ASN A 1504 48.10 -3.49 -8.73
N ARG A 1505 48.03 -2.24 -8.29
CA ARG A 1505 48.74 -1.78 -7.10
C ARG A 1505 47.85 -1.76 -5.86
N LEU A 1506 46.55 -2.02 -6.01
CA LEU A 1506 45.64 -2.09 -4.88
C LEU A 1506 45.77 -3.40 -4.11
N LYS A 1507 46.77 -4.21 -4.43
CA LYS A 1507 47.01 -5.47 -3.75
C LYS A 1507 47.92 -5.24 -2.56
N THR A 1508 48.46 -6.31 -2.00
CA THR A 1508 49.34 -6.21 -0.84
C THR A 1508 50.59 -5.41 -1.17
N GLY A 1509 51.22 -4.86 -0.13
CA GLY A 1509 52.41 -4.05 -0.27
C GLY A 1509 52.15 -2.59 -0.57
N GLN A 1510 50.97 -2.25 -1.08
CA GLN A 1510 50.57 -0.88 -1.41
C GLN A 1510 49.17 -0.62 -0.89
N LEU A 1511 48.96 -0.94 0.39
CA LEU A 1511 47.63 -0.96 1.00
C LEU A 1511 46.95 0.40 0.90
N HIS A 1512 45.65 0.40 1.19
CA HIS A 1512 44.77 1.54 0.98
C HIS A 1512 45.04 2.71 1.92
N GLU A 1513 45.95 2.56 2.89
CA GLU A 1513 46.20 3.67 3.82
C GLU A 1513 46.74 4.89 3.10
N GLU A 1514 47.68 4.71 2.17
CA GLU A 1514 48.14 5.83 1.36
C GLU A 1514 47.02 6.39 0.50
N PHE A 1515 46.12 5.53 0.01
CA PHE A 1515 45.01 6.02 -0.81
C PHE A 1515 43.95 6.71 0.03
N THR A 1516 43.60 6.11 1.17
CA THR A 1516 42.60 6.74 2.05
C THR A 1516 43.11 8.05 2.64
N THR A 1517 44.42 8.18 2.81
CA THR A 1517 45.00 9.46 3.21
C THR A 1517 45.08 10.44 2.04
N ASN A 1518 45.06 9.95 0.80
CA ASN A 1518 44.99 10.79 -0.39
C ASN A 1518 43.56 10.90 -0.89
N TYR A 1519 42.59 10.77 0.01
CA TYR A 1519 41.18 10.92 -0.32
C TYR A 1519 40.89 12.36 -0.71
N LEU A 1520 41.11 13.28 0.22
CA LEU A 1520 41.04 14.72 -0.01
C LEU A 1520 39.70 15.11 -0.64
N SER A 1521 38.64 14.84 0.12
CA SER A 1521 37.28 15.19 -0.28
C SER A 1521 36.86 16.57 0.21
N SER A 1522 37.82 17.48 0.37
CA SER A 1522 37.55 18.78 1.01
C SER A 1522 37.41 19.90 -0.02
N GLU A 1523 38.42 20.11 -0.85
CA GLU A 1523 38.54 21.33 -1.63
C GLU A 1523 38.24 21.14 -3.11
N HIS A 1524 38.83 20.13 -3.76
CA HIS A 1524 38.75 20.03 -5.21
C HIS A 1524 39.13 18.61 -5.63
N LEU A 1525 39.32 18.43 -6.94
CA LEU A 1525 39.73 17.16 -7.53
C LEU A 1525 41.25 16.97 -7.50
N SER A 1526 41.96 17.73 -6.67
CA SER A 1526 43.42 17.62 -6.61
C SER A 1526 43.87 16.21 -6.26
N SER A 1527 43.04 15.43 -5.57
CA SER A 1527 43.42 14.06 -5.24
C SER A 1527 43.62 13.23 -6.50
N LEU A 1528 42.66 13.27 -7.43
CA LEU A 1528 42.84 12.57 -8.69
C LEU A 1528 43.99 13.16 -9.49
N LYS A 1529 44.18 14.47 -9.43
CA LYS A 1529 45.32 15.08 -10.11
C LYS A 1529 46.64 14.48 -9.63
N ASN A 1530 46.79 14.32 -8.32
CA ASN A 1530 48.00 13.73 -7.78
C ASN A 1530 48.08 12.23 -8.06
N LEU A 1531 46.93 11.55 -8.12
CA LEU A 1531 46.94 10.12 -8.36
C LEU A 1531 47.35 9.79 -9.80
N CYS A 1532 46.85 10.54 -10.78
CA CYS A 1532 47.22 10.27 -12.16
C CYS A 1532 48.66 10.65 -12.45
N GLU A 1533 49.18 11.68 -11.80
CA GLU A 1533 50.56 12.10 -11.96
C GLU A 1533 51.52 11.27 -11.11
N LEU A 1534 51.02 10.26 -10.42
CA LEU A 1534 51.84 9.43 -9.54
C LEU A 1534 52.47 8.26 -10.29
N LEU A 1535 51.74 7.66 -11.23
CA LEU A 1535 52.18 6.45 -11.92
C LEU A 1535 51.91 6.54 -13.41
N GLY A 1536 52.03 7.75 -13.98
CA GLY A 1536 51.95 7.88 -15.42
C GLY A 1536 51.15 9.05 -15.96
N VAL A 1537 50.14 8.74 -16.76
CA VAL A 1537 49.46 9.74 -17.59
C VAL A 1537 48.69 10.71 -16.70
N GLU A 1538 48.87 12.00 -16.96
CA GLU A 1538 48.07 13.02 -16.29
C GLU A 1538 46.73 13.18 -17.01
N PRO A 1539 45.70 13.62 -16.30
CA PRO A 1539 44.38 13.77 -16.92
C PRO A 1539 44.36 14.95 -17.89
N PRO A 1540 43.51 14.88 -18.91
CA PRO A 1540 43.46 15.98 -19.89
C PRO A 1540 42.76 17.22 -19.36
N SER A 1541 43.51 18.07 -18.66
CA SER A 1541 42.95 19.27 -18.07
C SER A 1541 42.37 20.20 -19.13
N GLU A 1542 41.67 21.23 -18.67
CA GLU A 1542 40.98 22.23 -19.49
C GLU A 1542 39.77 21.61 -20.18
N SER A 1543 39.60 20.29 -20.05
CA SER A 1543 38.44 19.58 -20.55
C SER A 1543 37.76 18.71 -19.51
N ASP A 1544 38.49 18.24 -18.50
CA ASP A 1544 37.88 17.42 -17.47
C ASP A 1544 36.95 18.24 -16.57
N LEU A 1545 37.43 19.38 -16.06
CA LEU A 1545 36.59 20.25 -15.26
C LEU A 1545 35.49 20.91 -16.08
N GLU A 1546 35.55 20.80 -17.40
CA GLU A 1546 34.51 21.32 -18.27
C GLU A 1546 33.24 20.46 -18.25
N TYR A 1547 33.28 19.32 -17.56
CA TYR A 1547 32.15 18.40 -17.49
C TYR A 1547 31.68 18.30 -16.04
N SER A 1548 30.44 18.72 -15.79
CA SER A 1548 29.87 18.66 -14.45
C SER A 1548 28.36 18.58 -14.55
N TRP A 1549 27.75 17.91 -13.58
CA TRP A 1549 26.31 17.68 -13.56
C TRP A 1549 25.67 18.39 -12.36
N LEU A 1550 24.37 18.62 -12.45
CA LEU A 1550 23.62 19.30 -11.40
C LEU A 1550 23.21 18.31 -10.32
N ASN A 1551 23.79 18.44 -9.13
CA ASN A 1551 23.31 17.73 -7.96
C ASN A 1551 22.48 18.71 -7.15
N LEU A 1552 21.16 18.70 -7.39
CA LEU A 1552 20.29 19.64 -6.71
C LEU A 1552 20.27 19.41 -5.20
N ALA A 1553 20.47 18.17 -4.77
CA ALA A 1553 20.54 17.83 -3.36
C ALA A 1553 21.99 17.85 -2.88
N ALA A 1554 22.67 18.97 -3.16
CA ALA A 1554 24.05 19.11 -2.73
C ALA A 1554 24.18 19.60 -1.31
N HIS A 1555 23.15 20.22 -0.75
CA HIS A 1555 23.15 20.70 0.61
C HIS A 1555 22.11 20.04 1.49
N HIS A 1556 20.92 19.77 0.96
CA HIS A 1556 19.84 19.14 1.69
C HIS A 1556 18.97 18.37 0.73
N PRO A 1557 18.27 17.33 1.18
CA PRO A 1557 17.36 16.60 0.29
C PRO A 1557 16.17 17.47 -0.08
N LEU A 1558 15.45 17.01 -1.12
CA LEU A 1558 14.32 17.75 -1.65
C LEU A 1558 13.13 17.60 -0.71
N ARG A 1559 12.62 18.73 -0.21
CA ARG A 1559 11.48 18.70 0.69
C ARG A 1559 10.18 18.58 -0.09
N MET A 1560 9.16 18.03 0.57
CA MET A 1560 7.85 17.88 -0.02
C MET A 1560 6.83 17.66 1.08
N VAL A 1561 5.66 18.27 0.92
CA VAL A 1561 4.60 18.18 1.90
C VAL A 1561 3.55 17.16 1.46
N ILE A 1579 25.45 15.14 5.75
CA ILE A 1579 24.60 14.06 6.25
C ILE A 1579 24.49 12.97 5.20
N PRO A 1580 25.34 11.96 5.30
CA PRO A 1580 25.30 10.86 4.32
C PRO A 1580 24.09 9.96 4.53
N THR A 1581 24.00 8.96 3.66
CA THR A 1581 22.91 7.98 3.71
C THR A 1581 23.14 6.91 4.78
N ILE A 1582 24.39 6.73 5.21
CA ILE A 1582 24.69 5.71 6.21
C ILE A 1582 23.88 5.94 7.48
N VAL A 1583 23.76 7.19 7.91
CA VAL A 1583 22.99 7.48 9.12
C VAL A 1583 21.52 7.17 8.89
N LYS A 1584 21.02 7.36 7.66
CA LYS A 1584 19.64 7.00 7.36
C LYS A 1584 19.44 5.50 7.44
N THR A 1585 20.43 4.73 6.97
CA THR A 1585 20.34 3.28 7.09
C THR A 1585 20.39 2.83 8.54
N ILE A 1586 21.22 3.49 9.36
CA ILE A 1586 21.27 3.13 10.78
C ILE A 1586 19.95 3.45 11.47
N GLN A 1587 19.35 4.58 11.14
CA GLN A 1587 18.07 4.94 11.76
C GLN A 1587 16.92 4.09 11.23
N ASN A 1588 17.02 3.54 10.02
CA ASN A 1588 16.04 2.59 9.54
C ASN A 1588 16.27 1.17 10.05
N LYS A 1589 17.48 0.87 10.54
CA LYS A 1589 17.74 -0.44 11.11
C LYS A 1589 16.89 -0.70 12.35
N LEU A 1590 16.58 0.34 13.11
CA LEU A 1590 15.74 0.20 14.30
C LEU A 1590 14.26 0.06 13.92
N SER A 1613 -2.93 7.15 -0.86
CA SER A 1613 -3.72 7.67 -1.97
C SER A 1613 -3.64 6.76 -3.18
N SER A 1614 -4.08 7.25 -4.33
CA SER A 1614 -4.07 6.49 -5.56
C SER A 1614 -2.67 6.50 -6.18
N ILE A 1615 -2.51 5.84 -7.32
CA ILE A 1615 -1.21 5.86 -7.99
C ILE A 1615 -1.07 7.10 -8.86
N ALA A 1616 -2.16 7.57 -9.46
CA ALA A 1616 -2.12 8.80 -10.24
C ALA A 1616 -1.98 10.03 -9.36
N SER A 1617 -2.55 10.00 -8.15
CA SER A 1617 -2.34 11.12 -7.22
C SER A 1617 -0.87 11.25 -6.85
N GLY A 1618 -0.12 10.14 -6.85
CA GLY A 1618 1.31 10.23 -6.65
C GLY A 1618 2.00 11.02 -7.74
N PHE A 1619 1.65 10.78 -9.00
CA PHE A 1619 2.23 11.54 -10.10
C PHE A 1619 1.78 13.00 -10.06
N VAL A 1620 0.53 13.23 -9.68
CA VAL A 1620 0.05 14.61 -9.52
C VAL A 1620 0.87 15.35 -8.47
N GLY A 1621 1.12 14.70 -7.33
CA GLY A 1621 1.96 15.32 -6.32
C GLY A 1621 3.39 15.52 -6.78
N LEU A 1622 3.94 14.55 -7.51
CA LEU A 1622 5.29 14.69 -8.05
C LEU A 1622 5.38 15.92 -8.95
N CYS A 1623 4.40 16.12 -9.81
CA CYS A 1623 4.39 17.30 -10.67
C CYS A 1623 4.11 18.58 -9.90
N ARG A 1624 3.38 18.51 -8.80
CA ARG A 1624 3.08 19.72 -8.05
C ARG A 1624 4.30 20.20 -7.26
N THR A 1625 4.93 19.30 -6.50
CA THR A 1625 6.06 19.72 -5.67
C THR A 1625 7.25 20.19 -6.49
N LEU A 1626 7.47 19.64 -7.67
CA LEU A 1626 8.58 20.06 -8.49
C LEU A 1626 8.36 21.42 -9.17
N GLY A 1627 7.27 22.10 -8.84
CA GLY A 1627 7.03 23.44 -9.36
C GLY A 1627 6.98 24.47 -8.26
N SER A 1628 6.56 24.06 -7.07
CA SER A 1628 6.49 24.94 -5.91
C SER A 1628 7.86 24.99 -5.23
N LYS A 1629 7.89 25.52 -4.01
CA LYS A 1629 9.14 25.58 -3.25
C LYS A 1629 9.62 24.17 -2.95
N CYS A 1630 10.66 23.73 -3.65
CA CYS A 1630 11.13 22.36 -3.57
C CYS A 1630 12.54 22.24 -3.03
N VAL A 1631 13.50 22.94 -3.63
CA VAL A 1631 14.90 22.82 -3.24
C VAL A 1631 15.27 24.03 -2.39
N ARG A 1632 16.25 23.84 -1.52
CA ARG A 1632 16.77 24.89 -0.65
C ARG A 1632 18.25 25.10 -0.93
N GLY A 1633 18.81 26.16 -0.36
CA GLY A 1633 20.18 26.53 -0.61
C GLY A 1633 21.03 26.49 0.64
N PRO A 1634 22.28 26.94 0.53
CA PRO A 1634 23.19 26.91 1.68
C PRO A 1634 22.87 27.98 2.70
N ASN A 1635 21.83 28.78 2.44
CA ASN A 1635 21.42 29.84 3.34
C ASN A 1635 20.12 29.52 4.06
N LYS A 1636 19.69 28.27 4.10
CA LYS A 1636 18.44 27.86 4.75
C LYS A 1636 17.24 28.59 4.13
N GLU A 1637 17.29 28.80 2.82
CA GLU A 1637 16.23 29.47 2.08
C GLU A 1637 15.78 28.58 0.93
N ASN A 1638 14.47 28.53 0.72
CA ASN A 1638 13.91 27.68 -0.32
C ASN A 1638 13.84 28.43 -1.65
N LEU A 1639 13.86 27.69 -2.75
CA LEU A 1639 13.82 28.27 -4.08
C LEU A 1639 13.28 27.22 -5.05
N TYR A 1640 13.19 27.61 -6.33
CA TYR A 1640 12.68 26.75 -7.37
C TYR A 1640 13.81 26.22 -8.24
N ILE A 1641 13.46 25.38 -9.20
CA ILE A 1641 14.45 24.93 -10.19
C ILE A 1641 14.70 26.02 -11.21
N LYS A 1642 13.63 26.64 -11.70
CA LYS A 1642 13.77 27.81 -12.56
C LYS A 1642 14.62 28.89 -11.90
N SER A 1643 14.68 28.91 -10.56
CA SER A 1643 15.64 29.80 -9.89
C SER A 1643 17.06 29.51 -10.32
N ILE A 1644 17.47 28.24 -10.32
CA ILE A 1644 18.82 27.90 -10.73
C ILE A 1644 19.00 28.16 -12.23
N GLN A 1645 17.99 27.80 -13.04
CA GLN A 1645 18.11 28.06 -14.47
C GLN A 1645 18.23 29.55 -14.78
N SER A 1646 17.60 30.41 -13.99
CA SER A 1646 17.78 31.85 -14.16
C SER A 1646 19.06 32.35 -13.52
N LEU A 1647 19.63 31.58 -12.59
CA LEU A 1647 20.92 31.91 -12.02
C LEU A 1647 22.08 31.60 -12.96
N ILE A 1648 21.97 30.58 -13.80
CA ILE A 1648 23.08 30.29 -14.70
C ILE A 1648 22.94 31.05 -16.00
N THR A 1649 21.93 30.70 -16.81
CA THR A 1649 21.59 31.39 -18.05
C THR A 1649 22.74 31.40 -19.06
N GLY A 1650 23.88 30.82 -18.71
CA GLY A 1650 25.07 30.99 -19.49
C GLY A 1650 26.32 31.09 -18.63
N THR A 1651 27.01 32.22 -18.73
CA THR A 1651 28.20 32.50 -17.93
C THR A 1651 29.27 31.43 -18.15
N GLN A 1652 29.77 31.36 -19.39
CA GLN A 1652 30.78 30.39 -19.79
C GLN A 1652 30.30 28.96 -19.60
N GLY A 1653 29.32 28.54 -20.40
CA GLY A 1653 28.85 27.17 -20.38
C GLY A 1653 27.36 27.03 -20.59
N ILE A 1654 26.98 26.23 -21.58
CA ILE A 1654 25.57 26.01 -21.90
C ILE A 1654 25.32 24.51 -21.80
N GLU A 1655 24.05 24.13 -21.68
CA GLU A 1655 23.62 22.76 -21.39
C GLU A 1655 24.43 21.71 -22.13
N LEU A 1656 24.45 21.77 -23.45
CA LEU A 1656 25.18 20.80 -24.28
C LEU A 1656 24.73 19.38 -23.95
N LEU A 1657 23.47 19.09 -24.23
CA LEU A 1657 22.87 17.81 -23.94
C LEU A 1657 23.24 16.80 -25.03
N THR A 1658 22.86 15.53 -24.84
CA THR A 1658 23.12 14.50 -25.83
C THR A 1658 22.06 13.41 -25.63
N ASN A 1659 21.10 13.34 -26.57
CA ASN A 1659 20.01 12.38 -26.50
C ASN A 1659 19.19 12.54 -25.23
N SER A 1660 18.54 13.70 -25.08
CA SER A 1660 17.47 13.95 -24.13
C SER A 1660 17.93 14.16 -22.68
N ILE A 1661 19.23 14.05 -22.41
CA ILE A 1661 19.72 14.29 -21.05
C ILE A 1661 20.44 15.63 -20.99
N GLY A 1662 19.83 16.61 -20.32
CA GLY A 1662 20.38 17.95 -20.23
C GLY A 1662 21.49 18.05 -19.20
N VAL A 1663 22.67 17.53 -19.55
CA VAL A 1663 23.74 17.30 -18.60
C VAL A 1663 25.04 17.90 -19.12
N GLN A 1664 26.13 17.68 -18.39
CA GLN A 1664 27.48 17.92 -18.90
C GLN A 1664 27.77 19.38 -19.26
N TYR A 1665 27.79 20.28 -18.28
CA TYR A 1665 28.11 21.66 -18.62
C TYR A 1665 28.72 22.46 -17.47
N TRP A 1666 29.92 23.01 -17.71
CA TRP A 1666 30.62 23.94 -16.83
C TRP A 1666 31.92 24.35 -17.51
N ARG A 1667 32.52 25.47 -17.11
CA ARG A 1667 33.82 25.88 -17.65
C ARG A 1667 34.89 25.92 -16.58
N VAL A 1668 34.74 26.76 -15.55
CA VAL A 1668 35.74 26.93 -14.49
C VAL A 1668 35.01 27.33 -13.22
N PRO A 1669 34.58 26.38 -12.39
CA PRO A 1669 33.90 26.74 -11.14
C PRO A 1669 34.80 27.46 -10.15
N LEU A 1670 35.95 26.85 -9.83
CA LEU A 1670 36.86 27.30 -8.77
C LEU A 1670 36.13 27.81 -7.54
N SER A 1678 32.09 30.89 -7.02
CA SER A 1678 31.75 31.04 -5.61
C SER A 1678 30.28 31.40 -5.44
N VAL A 1679 29.60 31.65 -6.56
CA VAL A 1679 28.19 32.03 -6.52
C VAL A 1679 27.25 30.83 -6.68
N VAL A 1680 27.63 29.83 -7.48
CA VAL A 1680 26.81 28.66 -7.72
C VAL A 1680 27.68 27.44 -7.44
N SER A 1681 27.36 26.71 -6.37
CA SER A 1681 28.09 25.51 -5.99
C SER A 1681 27.25 24.26 -6.17
N TYR A 1682 26.15 24.35 -6.92
CA TYR A 1682 25.26 23.21 -7.12
C TYR A 1682 25.84 22.16 -8.06
N PHE A 1683 26.91 22.48 -8.78
CA PHE A 1683 27.48 21.57 -9.76
C PHE A 1683 28.43 20.58 -9.09
N ARG A 1684 28.67 19.48 -9.78
CA ARG A 1684 29.59 18.46 -9.30
C ARG A 1684 30.31 17.83 -10.48
N PRO A 1685 31.64 17.72 -10.43
CA PRO A 1685 32.38 17.21 -11.59
C PRO A 1685 32.02 15.76 -11.89
N LEU A 1686 32.09 15.43 -13.19
CA LEU A 1686 31.79 14.07 -13.61
C LEU A 1686 32.90 13.09 -13.27
N LEU A 1687 34.16 13.54 -13.30
CA LEU A 1687 35.27 12.62 -13.16
C LEU A 1687 35.36 12.00 -11.77
N TRP A 1688 35.12 12.78 -10.72
CA TRP A 1688 35.16 12.24 -9.36
C TRP A 1688 34.08 11.19 -9.14
N ASP A 1689 32.85 11.50 -9.56
CA ASP A 1689 31.76 10.55 -9.43
C ASP A 1689 32.02 9.29 -10.23
N TYR A 1690 32.47 9.44 -11.48
CA TYR A 1690 32.81 8.27 -12.29
C TYR A 1690 33.92 7.45 -11.64
N MET A 1691 34.91 8.12 -11.04
CA MET A 1691 36.00 7.42 -10.37
C MET A 1691 35.50 6.57 -9.23
N CYS A 1692 34.72 7.17 -8.32
CA CYS A 1692 34.28 6.42 -7.15
C CYS A 1692 33.31 5.31 -7.54
N ILE A 1693 32.42 5.59 -8.51
CA ILE A 1693 31.49 4.54 -8.94
C ILE A 1693 32.23 3.40 -9.62
N SER A 1694 33.25 3.71 -10.42
CA SER A 1694 34.03 2.65 -11.05
C SER A 1694 34.80 1.83 -10.02
N LEU A 1695 35.36 2.49 -9.00
CA LEU A 1695 36.00 1.75 -7.93
C LEU A 1695 35.04 0.82 -7.23
N SER A 1696 33.83 1.30 -6.92
CA SER A 1696 32.85 0.45 -6.26
C SER A 1696 32.45 -0.73 -7.14
N THR A 1697 32.20 -0.47 -8.43
CA THR A 1697 31.83 -1.54 -9.35
C THR A 1697 32.94 -2.56 -9.52
N ALA A 1698 34.21 -2.11 -9.49
CA ALA A 1698 35.32 -3.04 -9.67
C ALA A 1698 35.53 -3.89 -8.42
N ILE A 1699 35.56 -3.26 -7.24
CA ILE A 1699 35.77 -4.03 -6.02
C ILE A 1699 34.56 -4.90 -5.72
N GLU A 1700 33.40 -4.53 -6.26
CA GLU A 1700 32.19 -5.30 -5.99
C GLU A 1700 32.21 -6.63 -6.73
N LEU A 1701 32.41 -6.60 -8.05
CA LEU A 1701 32.30 -7.80 -8.85
C LEU A 1701 33.25 -7.72 -10.03
N GLY A 1702 34.18 -8.67 -10.11
CA GLY A 1702 35.06 -8.82 -11.25
C GLY A 1702 36.01 -7.67 -11.53
N ALA A 1703 37.00 -7.93 -12.38
CA ALA A 1703 37.89 -6.90 -12.91
C ALA A 1703 37.68 -6.68 -14.40
N TRP A 1704 36.80 -7.46 -15.03
CA TRP A 1704 36.47 -7.32 -16.44
C TRP A 1704 35.73 -6.03 -16.74
N VAL A 1705 35.26 -5.32 -15.72
CA VAL A 1705 34.52 -4.08 -15.94
C VAL A 1705 35.42 -2.98 -16.46
N LEU A 1706 36.74 -3.12 -16.32
CA LEU A 1706 37.69 -2.15 -16.86
C LEU A 1706 38.18 -2.54 -18.25
N GLY A 1707 37.40 -3.29 -19.00
CA GLY A 1707 37.78 -3.73 -20.33
C GLY A 1707 37.50 -2.68 -21.39
N ASP A 1708 37.25 -3.15 -22.61
CA ASP A 1708 36.94 -2.31 -23.74
C ASP A 1708 35.63 -2.75 -24.38
N PRO A 1709 34.85 -1.80 -24.95
CA PRO A 1709 33.59 -2.13 -25.62
C PRO A 1709 33.79 -2.88 -26.92
N GLY A 1741 26.66 -6.16 8.15
CA GLY A 1741 25.85 -5.06 8.62
C GLY A 1741 26.48 -4.28 9.75
N LEU A 1742 26.70 -4.95 10.89
CA LEU A 1742 27.28 -4.29 12.04
C LEU A 1742 28.77 -4.02 11.89
N ASN A 1743 29.49 -4.84 11.12
CA ASN A 1743 30.91 -4.62 10.92
C ASN A 1743 31.17 -3.30 10.22
N HIS A 1744 30.32 -2.94 9.25
CA HIS A 1744 30.43 -1.62 8.63
C HIS A 1744 30.20 -0.50 9.64
N ILE A 1745 29.31 -0.69 10.60
CA ILE A 1745 29.10 0.31 11.64
C ILE A 1745 30.35 0.45 12.51
N ILE A 1746 30.96 -0.68 12.88
CA ILE A 1746 32.17 -0.63 13.68
C ILE A 1746 33.30 0.05 12.91
N HIS A 1747 33.40 -0.22 11.60
CA HIS A 1747 34.46 0.39 10.81
C HIS A 1747 34.23 1.89 10.61
N SER A 1748 32.97 2.31 10.43
CA SER A 1748 32.68 3.74 10.36
C SER A 1748 32.94 4.43 11.69
N LEU A 1749 32.68 3.74 12.80
CA LEU A 1749 33.06 4.25 14.11
C LEU A 1749 34.57 4.36 14.27
N ARG A 1750 35.32 3.43 13.67
CA ARG A 1750 36.78 3.48 13.73
C ARG A 1750 37.30 4.67 12.92
N ARG A 1751 36.81 4.84 11.69
CA ARG A 1751 37.31 5.91 10.83
C ARG A 1751 36.82 7.27 11.31
N LEU A 1752 35.51 7.47 11.33
CA LEU A 1752 34.93 8.75 11.73
C LEU A 1752 35.09 8.95 13.23
N TYR A 1753 35.93 9.91 13.60
CA TYR A 1753 36.18 10.21 15.00
C TYR A 1753 35.03 11.00 15.63
N PRO A 1754 34.58 12.12 15.05
CA PRO A 1754 33.50 12.88 15.70
C PRO A 1754 32.15 12.19 15.68
N SER A 1755 31.93 11.23 14.78
CA SER A 1755 30.66 10.53 14.72
C SER A 1755 30.51 9.51 15.85
N VAL A 1756 31.59 9.24 16.60
CA VAL A 1756 31.49 8.30 17.71
C VAL A 1756 30.64 8.87 18.83
N PHE A 1757 30.89 10.13 19.21
CA PHE A 1757 30.13 10.81 20.25
C PHE A 1757 28.91 11.53 19.68
N GLU A 1758 28.52 11.22 18.45
CA GLU A 1758 27.38 11.87 17.83
C GLU A 1758 26.31 10.85 17.44
N LYS A 1759 26.74 9.73 16.88
CA LYS A 1759 25.84 8.67 16.43
C LYS A 1759 26.42 7.32 16.80
N HIS A 1760 26.02 6.80 17.97
CA HIS A 1760 26.47 5.49 18.41
C HIS A 1760 25.27 4.61 18.78
N ILE A 1761 24.26 5.22 19.40
CA ILE A 1761 23.04 4.52 19.84
C ILE A 1761 23.37 3.29 20.66
N ILE A 1779 37.92 -5.16 6.64
CA ILE A 1779 38.82 -6.30 6.55
C ILE A 1779 39.92 -6.03 5.54
N LYS A 1780 39.57 -6.08 4.25
CA LYS A 1780 40.51 -5.84 3.17
C LYS A 1780 40.15 -4.60 2.36
N PHE A 1781 38.87 -4.42 2.02
CA PHE A 1781 38.46 -3.28 1.21
C PHE A 1781 37.18 -2.64 1.71
N LEU A 1782 36.73 -2.97 2.93
CA LEU A 1782 35.52 -2.36 3.45
C LEU A 1782 35.71 -0.88 3.77
N ASP A 1783 36.90 -0.50 4.23
CA ASP A 1783 37.16 0.90 4.54
C ASP A 1783 36.96 1.79 3.33
N LEU A 1784 37.41 1.34 2.16
CA LEU A 1784 37.24 2.13 0.94
C LEU A 1784 35.77 2.27 0.57
N CYS A 1785 35.02 1.16 0.58
CA CYS A 1785 33.64 1.21 0.12
C CYS A 1785 32.77 2.04 1.06
N VAL A 1786 33.02 1.94 2.37
CA VAL A 1786 32.27 2.80 3.30
C VAL A 1786 32.77 4.24 3.21
N ALA A 1787 34.03 4.44 2.82
CA ALA A 1787 34.55 5.80 2.67
C ALA A 1787 33.96 6.49 1.45
N LEU A 1788 33.62 5.73 0.41
CA LEU A 1788 33.10 6.29 -0.84
C LEU A 1788 31.60 6.55 -0.79
N ASP A 1789 31.01 6.58 0.40
CA ASP A 1789 29.58 6.82 0.55
C ASP A 1789 29.24 8.08 1.33
N VAL A 1790 30.22 8.72 1.97
CA VAL A 1790 29.93 9.92 2.76
C VAL A 1790 29.74 11.12 1.85
N ASN A 1791 30.33 11.10 0.65
CA ASN A 1791 30.28 12.25 -0.23
C ASN A 1791 29.05 12.24 -1.13
N CYS A 1792 28.80 11.13 -1.83
CA CYS A 1792 27.62 10.98 -2.66
C CYS A 1792 26.65 10.02 -1.98
N GLU A 1793 25.38 10.12 -2.37
CA GLU A 1793 24.31 9.39 -1.68
C GLU A 1793 23.51 8.47 -2.58
N ALA A 1794 23.62 8.61 -3.90
CA ALA A 1794 22.75 7.88 -4.83
C ALA A 1794 23.44 6.75 -5.57
N LEU A 1795 24.71 6.47 -5.28
CA LEU A 1795 25.44 5.46 -6.06
C LEU A 1795 25.33 4.07 -5.46
N SER A 1796 24.11 3.70 -5.06
CA SER A 1796 23.70 2.33 -4.73
C SER A 1796 24.80 1.50 -4.08
N LEU A 1797 25.31 1.98 -2.94
CA LEU A 1797 26.31 1.25 -2.18
C LEU A 1797 25.72 0.51 -0.99
N VAL A 1798 25.05 1.22 -0.08
CA VAL A 1798 24.53 0.60 1.12
C VAL A 1798 23.36 -0.31 0.80
N SER A 1799 22.67 -0.04 -0.31
CA SER A 1799 21.45 -0.79 -0.62
C SER A 1799 21.77 -2.18 -1.13
N HIS A 1800 22.93 -2.37 -1.75
CA HIS A 1800 23.27 -3.66 -2.35
C HIS A 1800 24.21 -4.50 -1.49
N ILE A 1801 24.77 -3.94 -0.43
CA ILE A 1801 25.67 -4.70 0.44
C ILE A 1801 24.90 -5.53 1.46
N VAL A 1802 23.96 -4.90 2.16
CA VAL A 1802 23.14 -5.62 3.14
C VAL A 1802 21.79 -5.99 2.53
N HIS A 1809 18.44 -18.90 -12.88
CA HIS A 1809 18.02 -17.66 -12.25
C HIS A 1809 17.65 -16.61 -13.29
N TYR A 1810 18.47 -16.52 -14.33
CA TYR A 1810 18.25 -15.56 -15.41
C TYR A 1810 18.09 -16.31 -16.73
N ILE A 1811 17.14 -15.86 -17.56
CA ILE A 1811 16.85 -16.46 -18.84
C ILE A 1811 17.12 -15.42 -19.92
N VAL A 1812 18.15 -15.64 -20.73
CA VAL A 1812 18.54 -14.74 -21.80
C VAL A 1812 18.45 -15.49 -23.11
N LEU A 1813 18.02 -14.79 -24.16
CA LEU A 1813 17.96 -15.39 -25.49
C LEU A 1813 19.37 -15.55 -26.06
N SER A 1814 19.53 -16.55 -26.93
CA SER A 1814 20.83 -16.84 -27.51
C SER A 1814 21.30 -15.70 -28.41
N SER A 1815 20.40 -15.16 -29.24
CA SER A 1815 20.77 -14.07 -30.13
C SER A 1815 21.14 -12.80 -29.36
N GLU A 1816 20.41 -12.48 -28.29
CA GLU A 1816 20.75 -11.30 -27.50
C GLU A 1816 22.07 -11.50 -26.77
N LEU A 1817 22.37 -12.73 -26.36
CA LEU A 1817 23.67 -13.02 -25.76
C LEU A 1817 24.79 -12.89 -26.79
N ARG A 1818 24.54 -13.30 -28.03
CA ARG A 1818 25.53 -13.12 -29.08
C ARG A 1818 25.69 -11.66 -29.48
N PHE A 1819 24.67 -10.84 -29.24
CA PHE A 1819 24.77 -9.40 -29.45
C PHE A 1819 25.57 -8.71 -28.34
N SER A 1820 25.81 -9.38 -27.22
CA SER A 1820 26.54 -8.78 -26.12
C SER A 1820 27.98 -8.47 -26.53
N HIS A 1821 28.62 -7.61 -25.75
CA HIS A 1821 30.00 -7.21 -26.00
C HIS A 1821 30.98 -8.00 -25.14
#